data_4QSK
#
_entry.id   4QSK
#
_cell.length_a   227.004
_cell.length_b   146.857
_cell.length_c   96.055
_cell.angle_alpha   90.00
_cell.angle_beta   103.54
_cell.angle_gamma   90.00
#
_symmetry.space_group_name_H-M   'C 1 2 1'
#
loop_
_entity.id
_entity.type
_entity.pdbx_description
1 polymer 'Pyruvate carboxylase'
2 non-polymer "(2R,3R,3aS,5R,7aR,9R,10R,10aS,12R,14aR)-2,9-bis(6-amino-9H-purin-9-yl)octahydro-2H,7H-difuro[3,2-d:3',2'-j][1,3,7,9,2,8 ]tetraoxadiphosphacyclododecine-3,5,10,12-tetrol 5,12-dioxide"
3 non-polymer 'CITRATE ANION'
4 non-polymer 'MANGANESE (II) ION'
#
_entity_poly.entity_id   1
_entity_poly.type   'polypeptide(L)'
_entity_poly.pdbx_seq_one_letter_code
;MMNRIKKVLVANRGEIAIRVMRACTELKIKTVAIYSQEDTGSFHRYKSDEAYLVGAGKKPIDAYLDIENIIEIAKESGAD
AIHPGYGFLSENIEFARRCEQEGIIFVGPKSKHLDMFGDKIKAKEQALLADIPVIPGSNGPVAGIKEVEEFGEKNGYPLM
IKASLGGGGRGMRVVESKEHVKESFERASSEAKAAFGNDEVYVEKCVMNPKHIEVQILGDTHGNIVHLFERDCSIQRRHQ
KVVEVAPCNAITSELRNRICDAAVKLMKNVDYINAGTVEFLVEGDDFYFIEVNPRVQVEHTITEMITGIDIVQSQLFIAD
GYALHDQLVAIPKQEDIHIHGSAIQSRITTEDPLNNFMPDTGRVDTYRSTGGFGVRLDAGNGFQGTVVTPFYDSLLVKLC
TWGMTFEQATRKMRRNLIEFRIRGVKTNIPFLLNVVRHPDFASGNYNTSFIDTTPELFKFPHIRDRGTKTLRYIGNVTVN
GFPGIKHRDKPVYAEPRLPKIPYGSQISPGTKQILDAKGPEGVVDWVKKQEEVLLTDTTLRDAHQSLLATRVRSKDIFQI
ADAMAHLLPNMFSFEMWGGATFDVAYRFLNEDPWVRLETLRKQIPNVMFQMLLRGANAVGYKNYPDNVIREFVKQSAQSG
VDVFRVFDSLNWIKGMEVSIDAVREAGKIVEAAICYTGDIDDDTRTKYTIDYYKDMAKELVAQGTHILGIKDMAGLLKPQ
AAYRLIGELKDTVDVPIHLHTHDTSGNGIYTYAAAVSAGVDIVDVASSAMSGATSQPSMTGLYYGLVNGNRQTNLDAQNS
QIINHYWEDVRHYYKDFDNALNSPQTEVYIHEMPGGQYTNLQQQAIAVGLGDRWDEVKEMYTVVNQMFGDIVKVTPSSKV
VGDLALFMVQNELSEEDVYEKGDTIDFPDSVIEFFMGEIGQPYGGFPEKLQKLVLKGRTPLTDRPGALMEPVNFVEVKAE
LKEKMGYEPTEKDVISYILYPKVFLDYQEMINKYGDVTVLDTPTFYKGMRLGETIEVELEKGKILLIKLNSIGEPIADGT
RVIYFELNGQPREINIQDMNVQSTVIARRKIDTTNPEHVGATMTGSVIQVVVKKGDSVKKGDPLLITEAMKMETTIQAPF
DGEVSSIYVSDGDTIESGDLLIEVNRI
;
_entity_poly.pdbx_strand_id   A,B
#
# COMPACT_ATOMS: atom_id res chain seq x y z
N MET A 1 39.96 4.14 5.44
CA MET A 1 39.75 5.49 4.83
C MET A 1 39.72 6.68 5.80
N MET A 2 39.38 6.44 7.05
CA MET A 2 39.21 7.52 8.02
C MET A 2 40.25 7.33 9.12
N ASN A 3 40.78 8.42 9.69
CA ASN A 3 41.78 8.32 10.76
C ASN A 3 41.22 7.95 12.11
N ARG A 4 40.45 8.84 12.70
CA ARG A 4 39.92 8.61 14.03
C ARG A 4 38.43 8.21 13.97
N ILE A 5 37.68 8.74 13.00
CA ILE A 5 36.23 8.56 12.98
C ILE A 5 35.78 7.23 12.38
N LYS A 6 35.44 6.28 13.24
CA LYS A 6 34.93 4.97 12.77
C LYS A 6 33.39 4.89 12.84
N LYS A 7 32.79 5.72 13.70
CA LYS A 7 31.35 5.74 13.92
C LYS A 7 30.87 7.16 14.24
N VAL A 8 29.80 7.60 13.54
CA VAL A 8 29.17 8.89 13.75
C VAL A 8 27.73 8.72 14.20
N LEU A 9 27.35 9.48 15.23
CA LEU A 9 25.98 9.51 15.73
C LEU A 9 25.40 10.79 15.21
N VAL A 10 24.26 10.69 14.51
CA VAL A 10 23.70 11.85 13.83
C VAL A 10 22.62 12.41 14.73
N ALA A 11 22.91 13.53 15.39
CA ALA A 11 22.01 14.08 16.44
C ALA A 11 21.07 15.07 15.83
N ASN A 12 20.16 14.51 15.03
CA ASN A 12 19.13 15.23 14.34
C ASN A 12 18.15 14.19 13.81
N ARG A 13 17.25 14.66 12.95
CA ARG A 13 16.13 13.87 12.41
C ARG A 13 15.95 14.38 11.01
N GLY A 14 15.03 13.75 10.28
CA GLY A 14 14.57 14.26 9.02
C GLY A 14 15.63 14.29 7.95
N GLU A 15 15.42 15.21 7.02
CA GLU A 15 16.25 15.30 5.84
C GLU A 15 17.77 15.34 6.12
N ILE A 16 18.19 16.29 6.95
CA ILE A 16 19.61 16.45 7.20
C ILE A 16 20.24 15.25 7.88
N ALA A 17 19.46 14.55 8.70
CA ALA A 17 19.94 13.34 9.32
C ALA A 17 20.27 12.30 8.24
N ILE A 18 19.48 12.27 7.18
CA ILE A 18 19.63 11.23 6.17
C ILE A 18 20.83 11.56 5.29
N ARG A 19 20.96 12.84 5.01
CA ARG A 19 22.09 13.37 4.26
C ARG A 19 23.41 12.98 4.88
N VAL A 20 23.50 13.19 6.19
CA VAL A 20 24.73 12.90 6.91
C VAL A 20 24.99 11.42 6.88
N MET A 21 23.93 10.65 7.11
CA MET A 21 24.07 9.20 7.10
C MET A 21 24.62 8.71 5.75
N ARG A 22 24.08 9.27 4.68
CA ARG A 22 24.50 8.92 3.34
C ARG A 22 25.96 9.31 3.07
N ALA A 23 26.38 10.45 3.59
CA ALA A 23 27.80 10.81 3.48
C ALA A 23 28.69 9.85 4.33
N CYS A 24 28.22 9.41 5.48
CA CYS A 24 28.97 8.52 6.30
C CYS A 24 29.18 7.18 5.65
N THR A 25 28.10 6.64 5.09
CA THR A 25 28.20 5.31 4.49
C THR A 25 29.12 5.36 3.26
N GLU A 26 29.18 6.51 2.60
CA GLU A 26 30.03 6.64 1.45
C GLU A 26 31.48 6.56 1.87
N LEU A 27 31.80 7.20 3.00
CA LEU A 27 33.13 7.10 3.59
C LEU A 27 33.30 5.86 4.48
N LYS A 28 32.49 4.82 4.35
CA LYS A 28 32.72 3.60 5.15
C LYS A 28 32.60 3.79 6.70
N ILE A 29 31.92 4.86 7.13
CA ILE A 29 31.70 5.16 8.56
C ILE A 29 30.37 4.63 9.07
N LYS A 30 30.39 3.99 10.22
CA LYS A 30 29.17 3.47 10.83
C LYS A 30 28.28 4.62 11.35
N THR A 31 26.97 4.45 11.24
CA THR A 31 26.04 5.50 11.61
C THR A 31 25.12 5.09 12.75
N VAL A 32 24.86 6.05 13.62
CA VAL A 32 23.93 5.87 14.72
C VAL A 32 22.90 6.97 14.70
N ALA A 33 21.62 6.60 14.55
CA ALA A 33 20.51 7.57 14.57
C ALA A 33 19.90 7.71 15.93
N ILE A 34 19.35 8.88 16.22
CA ILE A 34 18.46 9.06 17.38
C ILE A 34 17.07 9.49 16.95
N TYR A 35 16.05 9.02 17.66
CA TYR A 35 14.68 9.43 17.38
C TYR A 35 13.92 9.77 18.64
N SER A 36 13.05 10.76 18.58
CA SER A 36 12.14 11.01 19.70
C SER A 36 11.06 9.94 19.66
N GLN A 37 10.29 9.85 20.74
CA GLN A 37 9.16 8.93 20.80
C GLN A 37 8.23 9.20 19.62
N GLU A 38 7.86 10.47 19.51
CA GLU A 38 7.04 10.95 18.40
C GLU A 38 7.60 10.53 17.04
N ASP A 39 8.90 10.42 16.92
CA ASP A 39 9.54 10.07 15.63
C ASP A 39 9.87 8.61 15.52
N THR A 40 9.23 7.78 16.33
CA THR A 40 9.49 6.37 16.30
C THR A 40 9.38 5.84 14.88
N GLY A 41 8.53 6.46 14.05
CA GLY A 41 8.34 6.05 12.66
C GLY A 41 8.97 6.90 11.58
N SER A 42 9.79 7.89 11.92
CA SER A 42 10.49 8.70 10.93
C SER A 42 11.48 7.86 10.13
N PHE A 43 11.61 8.10 8.83
CA PHE A 43 12.30 7.12 8.02
C PHE A 43 13.79 7.25 8.12
N HIS A 44 14.25 8.35 8.67
CA HIS A 44 15.67 8.52 9.00
C HIS A 44 16.18 7.48 10.00
N ARG A 45 15.35 7.12 10.95
CA ARG A 45 15.64 5.94 11.80
C ARG A 45 16.00 4.59 11.02
N TYR A 46 15.46 4.42 9.81
CA TYR A 46 15.70 3.19 9.00
C TYR A 46 16.90 3.34 8.06
N LYS A 47 17.57 4.50 8.12
CA LYS A 47 18.72 4.76 7.26
C LYS A 47 20.05 4.59 7.98
N SER A 48 20.04 4.28 9.26
CA SER A 48 21.29 4.17 10.04
C SER A 48 21.54 2.74 10.37
N ASP A 49 22.77 2.43 10.73
CA ASP A 49 23.13 1.07 11.10
C ASP A 49 22.60 0.73 12.48
N GLU A 50 22.43 1.75 13.32
CA GLU A 50 21.90 1.63 14.69
C GLU A 50 20.90 2.78 14.98
N ALA A 51 19.90 2.55 15.81
CA ALA A 51 19.05 3.66 16.26
C ALA A 51 18.64 3.48 17.70
N TYR A 52 18.46 4.60 18.40
CA TYR A 52 18.19 4.58 19.81
C TYR A 52 17.26 5.70 20.11
N LEU A 53 16.36 5.45 21.06
CA LEU A 53 15.39 6.43 21.47
C LEU A 53 16.09 7.41 22.34
N VAL A 54 15.69 8.66 22.21
CA VAL A 54 16.24 9.79 22.96
C VAL A 54 15.12 10.64 23.56
N GLY A 55 15.38 11.27 24.70
CA GLY A 55 14.48 12.24 25.30
C GLY A 55 13.28 11.62 25.99
N ALA A 56 13.34 10.32 26.25
CA ALA A 56 12.20 9.60 26.84
C ALA A 56 11.49 10.46 27.88
N GLY A 57 10.25 10.80 27.59
CA GLY A 57 9.43 11.57 28.52
C GLY A 57 9.40 13.05 28.22
N LYS A 58 10.37 13.57 27.50
CA LYS A 58 10.34 14.98 27.21
C LYS A 58 9.33 15.29 26.11
N LYS A 59 9.04 16.57 25.94
CA LYS A 59 8.21 17.06 24.86
C LYS A 59 8.83 16.74 23.49
N PRO A 60 8.04 16.87 22.43
CA PRO A 60 8.58 16.55 21.14
C PRO A 60 9.92 17.21 20.78
N ILE A 61 10.02 18.54 20.89
CA ILE A 61 11.25 19.26 20.49
C ILE A 61 12.35 19.09 21.55
N ASP A 62 11.99 19.23 22.83
CA ASP A 62 12.97 19.07 23.91
C ASP A 62 13.70 17.74 23.82
N ALA A 63 13.04 16.71 23.35
CA ALA A 63 13.68 15.41 23.29
C ALA A 63 14.93 15.36 22.42
N TYR A 64 14.98 16.18 21.36
CA TYR A 64 16.14 16.26 20.45
C TYR A 64 17.14 17.29 20.95
N LEU A 65 16.76 18.02 22.01
CA LEU A 65 17.69 18.88 22.73
C LEU A 65 18.28 18.26 24.00
N ASP A 66 18.04 16.98 24.30
CA ASP A 66 18.53 16.38 25.55
C ASP A 66 20.02 16.02 25.43
N ILE A 67 20.85 17.05 25.54
CA ILE A 67 22.30 16.92 25.54
C ILE A 67 22.86 15.71 26.28
N GLU A 68 22.51 15.55 27.56
CA GLU A 68 23.14 14.50 28.34
C GLU A 68 22.70 13.13 27.90
N ASN A 69 21.41 12.96 27.56
CA ASN A 69 20.96 11.68 26.95
C ASN A 69 21.70 11.41 25.64
N ILE A 70 21.88 12.45 24.82
CA ILE A 70 22.60 12.26 23.58
C ILE A 70 24.04 11.80 23.86
N ILE A 71 24.73 12.47 24.78
CA ILE A 71 26.06 12.01 25.23
C ILE A 71 26.04 10.57 25.79
N GLU A 72 25.03 10.21 26.58
CA GLU A 72 24.99 8.83 27.06
C GLU A 72 25.01 7.89 25.86
N ILE A 73 24.18 8.18 24.87
CA ILE A 73 23.97 7.24 23.77
C ILE A 73 25.21 7.18 22.88
N ALA A 74 25.80 8.35 22.67
CA ALA A 74 27.03 8.49 21.94
C ALA A 74 28.06 7.54 22.50
N LYS A 75 28.26 7.65 23.82
CA LYS A 75 29.21 6.82 24.57
C LYS A 75 28.84 5.35 24.61
N GLU A 76 27.65 5.03 25.11
CA GLU A 76 27.14 3.66 25.03
C GLU A 76 27.49 2.96 23.69
N SER A 77 27.19 3.61 22.56
CA SER A 77 27.33 3.00 21.25
C SER A 77 28.72 3.03 20.62
N GLY A 78 29.65 3.81 21.17
CA GLY A 78 31.03 3.82 20.66
C GLY A 78 31.26 4.86 19.57
N ALA A 79 30.51 5.93 19.67
CA ALA A 79 30.54 6.94 18.64
C ALA A 79 31.73 7.84 18.84
N ASP A 80 32.64 7.82 17.88
CA ASP A 80 33.81 8.69 17.89
C ASP A 80 33.43 10.14 17.72
N ALA A 81 32.31 10.38 17.05
CA ALA A 81 31.94 11.76 16.66
C ALA A 81 30.43 11.97 16.51
N ILE A 82 30.00 13.20 16.69
CA ILE A 82 28.63 13.58 16.55
C ILE A 82 28.45 14.68 15.48
N HIS A 83 27.60 14.43 14.50
CA HIS A 83 27.16 15.48 13.59
C HIS A 83 25.79 16.08 14.01
N PRO A 84 25.79 17.35 14.44
CA PRO A 84 24.58 17.92 15.01
C PRO A 84 23.56 18.40 13.97
N GLY A 85 24.00 18.45 12.71
CA GLY A 85 23.13 18.78 11.59
C GLY A 85 22.93 20.26 11.47
N TYR A 86 21.73 20.67 11.13
CA TYR A 86 21.33 22.07 11.27
C TYR A 86 20.17 22.11 12.25
N GLY A 87 19.80 23.34 12.65
CA GLY A 87 18.87 23.57 13.73
C GLY A 87 19.22 22.84 15.02
N PHE A 88 18.17 22.54 15.80
CA PHE A 88 18.28 21.85 17.09
C PHE A 88 19.50 22.30 17.93
N LEU A 89 20.49 21.43 18.09
CA LEU A 89 21.63 21.72 18.92
C LEU A 89 22.86 22.15 18.11
N SER A 90 22.73 22.29 16.80
CA SER A 90 23.87 22.57 15.93
C SER A 90 24.67 23.85 16.25
N GLU A 91 24.00 24.82 16.87
CA GLU A 91 24.57 26.14 17.21
C GLU A 91 24.60 26.35 18.73
N ASN A 92 24.58 25.27 19.50
CA ASN A 92 24.45 25.36 20.94
C ASN A 92 25.79 25.16 21.65
N ILE A 93 26.29 26.24 22.25
CA ILE A 93 27.55 26.23 23.01
C ILE A 93 27.72 25.03 23.98
N GLU A 94 26.74 24.84 24.88
CA GLU A 94 26.86 23.80 25.93
C GLU A 94 27.11 22.45 25.26
N PHE A 95 26.39 22.16 24.18
CA PHE A 95 26.52 20.91 23.45
C PHE A 95 27.88 20.69 22.79
N ALA A 96 28.40 21.68 22.10
CA ALA A 96 29.77 21.53 21.58
C ALA A 96 30.70 21.37 22.80
N ARG A 97 30.75 22.38 23.67
CA ARG A 97 31.59 22.32 24.87
C ARG A 97 31.57 20.92 25.42
N ARG A 98 30.37 20.43 25.55
CA ARG A 98 30.12 19.22 26.27
C ARG A 98 30.70 18.00 25.53
N CYS A 99 30.74 18.03 24.20
CA CYS A 99 31.38 16.95 23.40
C CYS A 99 32.89 16.92 23.52
N GLU A 100 33.44 18.12 23.39
CA GLU A 100 34.86 18.35 23.43
C GLU A 100 35.34 17.75 24.74
N GLN A 101 34.61 18.07 25.82
CA GLN A 101 34.96 17.62 27.14
C GLN A 101 34.94 16.13 27.25
N GLU A 102 34.15 15.47 26.42
CA GLU A 102 33.99 14.04 26.57
C GLU A 102 34.89 13.29 25.62
N GLY A 103 35.67 14.03 24.83
CA GLY A 103 36.54 13.44 23.84
C GLY A 103 35.71 12.81 22.75
N ILE A 104 34.66 13.52 22.35
CA ILE A 104 33.81 13.11 21.26
C ILE A 104 33.85 14.21 20.20
N ILE A 105 34.37 13.89 19.03
CA ILE A 105 34.59 14.91 17.98
C ILE A 105 33.27 15.54 17.54
N PHE A 106 33.19 16.86 17.61
CA PHE A 106 31.98 17.58 17.25
C PHE A 106 32.19 17.97 15.80
N VAL A 107 31.37 17.48 14.86
CA VAL A 107 31.58 17.73 13.43
C VAL A 107 31.04 19.12 13.08
N GLY A 108 31.88 20.12 13.35
CA GLY A 108 31.48 21.51 13.25
C GLY A 108 32.67 22.34 13.65
N PRO A 109 32.43 23.62 13.94
CA PRO A 109 33.55 24.41 14.43
C PRO A 109 33.74 24.21 15.94
N LYS A 110 34.74 24.86 16.52
CA LYS A 110 34.96 24.79 17.94
C LYS A 110 33.88 25.56 18.67
N SER A 111 33.68 25.24 19.96
CA SER A 111 32.71 25.94 20.82
C SER A 111 32.86 27.46 20.81
N LYS A 112 34.10 27.94 20.81
CA LYS A 112 34.30 29.40 20.84
C LYS A 112 33.73 30.08 19.58
N HIS A 113 33.61 29.34 18.49
CA HIS A 113 33.06 29.90 17.26
C HIS A 113 31.56 30.06 17.34
N LEU A 114 30.91 29.13 18.04
CA LEU A 114 29.48 29.23 18.27
C LEU A 114 29.19 30.34 19.25
N ASP A 115 30.17 30.64 20.10
CA ASP A 115 30.05 31.69 21.09
C ASP A 115 30.12 33.06 20.42
N MET A 116 31.17 33.28 19.63
CA MET A 116 31.36 34.59 19.01
C MET A 116 30.30 34.87 17.98
N PHE A 117 29.63 33.81 17.50
CA PHE A 117 28.56 33.92 16.51
C PHE A 117 27.18 33.53 17.00
N GLY A 118 27.06 33.08 18.24
CA GLY A 118 25.73 32.84 18.81
C GLY A 118 24.98 34.13 19.07
N ASP A 119 25.73 35.18 19.36
CA ASP A 119 25.19 36.50 19.64
C ASP A 119 25.06 37.24 18.33
N LYS A 120 23.95 37.94 18.14
CA LYS A 120 23.75 38.75 16.93
C LYS A 120 24.68 39.99 16.96
N ILE A 121 25.08 40.44 18.14
CA ILE A 121 25.97 41.60 18.22
C ILE A 121 27.44 41.16 18.13
N LYS A 122 27.87 40.18 18.93
CA LYS A 122 29.31 39.91 18.99
C LYS A 122 29.85 39.30 17.68
N ALA A 123 28.92 39.05 16.76
CA ALA A 123 29.22 38.82 15.34
C ALA A 123 29.59 40.14 14.65
N LYS A 124 28.66 41.12 14.68
CA LYS A 124 28.95 42.49 14.18
C LYS A 124 30.34 42.88 14.64
N GLU A 125 30.61 42.71 15.92
CA GLU A 125 31.93 42.91 16.50
C GLU A 125 33.01 42.27 15.63
N GLN A 126 33.03 40.94 15.58
CA GLN A 126 34.06 40.20 14.85
C GLN A 126 34.24 40.62 13.40
N ALA A 127 33.16 41.13 12.80
CA ALA A 127 33.18 41.61 11.42
C ALA A 127 33.90 42.94 11.30
N LEU A 128 33.89 43.69 12.41
CA LEU A 128 34.63 44.94 12.49
C LEU A 128 36.11 44.61 12.65
N LEU A 129 36.43 43.73 13.59
CA LEU A 129 37.82 43.30 13.75
C LEU A 129 38.37 42.72 12.43
N ALA A 130 37.48 42.24 11.56
CA ALA A 130 37.92 41.68 10.29
C ALA A 130 38.13 42.76 9.25
N ASP A 131 37.54 43.94 9.46
CA ASP A 131 37.73 45.06 8.52
C ASP A 131 36.85 44.82 7.29
N ILE A 132 35.58 44.47 7.52
CA ILE A 132 34.61 44.31 6.42
C ILE A 132 33.29 45.03 6.71
N PRO A 133 32.56 45.44 5.64
CA PRO A 133 31.44 46.39 5.78
C PRO A 133 30.32 45.84 6.65
N VAL A 134 29.52 46.73 7.21
CA VAL A 134 28.44 46.37 8.12
C VAL A 134 27.35 47.42 7.97
N ILE A 135 26.16 47.16 8.49
CA ILE A 135 25.15 48.19 8.43
C ILE A 135 25.30 49.13 9.63
N PRO A 136 25.05 50.44 9.42
CA PRO A 136 24.65 51.38 10.45
C PRO A 136 23.20 51.91 10.26
N CYS A 206 18.28 51.03 7.96
CA CYS A 206 17.40 50.08 7.26
C CYS A 206 17.56 50.14 5.73
N VAL A 207 17.87 48.99 5.10
CA VAL A 207 18.38 48.99 3.70
C VAL A 207 17.30 48.75 2.63
N MET A 208 17.43 49.45 1.51
CA MET A 208 16.37 49.53 0.48
C MET A 208 16.44 48.48 -0.63
N ASN A 209 15.45 47.57 -0.63
CA ASN A 209 15.25 46.55 -1.67
C ASN A 209 16.51 45.70 -1.92
N PRO A 210 17.00 45.09 -0.83
CA PRO A 210 18.24 44.35 -0.91
C PRO A 210 18.10 42.92 -1.48
N LYS A 211 19.16 42.42 -2.07
CA LYS A 211 19.33 40.99 -2.26
C LYS A 211 19.91 40.35 -0.98
N HIS A 212 19.54 39.11 -0.70
CA HIS A 212 20.06 38.40 0.47
C HIS A 212 20.93 37.28 -0.06
N ILE A 213 22.20 37.33 0.28
CA ILE A 213 23.22 36.58 -0.45
C ILE A 213 24.22 35.97 0.51
N GLU A 214 24.40 34.64 0.46
CA GLU A 214 25.28 33.96 1.44
C GLU A 214 26.46 33.34 0.74
N VAL A 215 27.55 33.18 1.47
CA VAL A 215 28.76 32.62 0.92
C VAL A 215 29.11 31.39 1.71
N GLN A 216 29.41 30.31 0.97
CA GLN A 216 29.75 29.03 1.58
C GLN A 216 31.21 29.02 1.86
N ILE A 217 31.55 28.74 3.12
CA ILE A 217 32.94 28.59 3.58
C ILE A 217 33.23 27.19 4.09
N LEU A 218 34.39 26.67 3.70
CA LEU A 218 34.99 25.47 4.33
C LEU A 218 36.39 25.83 4.82
N GLY A 219 36.80 25.24 5.94
CA GLY A 219 38.10 25.53 6.54
C GLY A 219 38.53 24.35 7.40
N ASP A 220 39.77 23.84 7.21
CA ASP A 220 40.27 22.70 8.01
C ASP A 220 41.01 23.16 9.27
N THR A 221 41.40 22.17 10.10
CA THR A 221 42.29 22.40 11.27
C THR A 221 43.70 22.96 10.94
N HIS A 222 44.14 22.86 9.69
CA HIS A 222 45.50 23.20 9.29
C HIS A 222 45.62 24.57 8.63
N GLY A 223 44.78 25.53 9.06
CA GLY A 223 44.78 26.87 8.47
C GLY A 223 44.59 27.03 6.95
N ASN A 224 43.90 26.09 6.29
CA ASN A 224 43.39 26.36 4.93
C ASN A 224 41.95 26.80 5.01
N ILE A 225 41.55 27.76 4.18
CA ILE A 225 40.17 28.24 4.20
C ILE A 225 39.71 28.69 2.83
N VAL A 226 38.77 27.92 2.29
CA VAL A 226 38.16 28.13 0.99
C VAL A 226 36.72 28.69 1.09
N HIS A 227 36.26 29.32 0.02
CA HIS A 227 34.86 29.64 -0.15
C HIS A 227 34.34 28.85 -1.33
N LEU A 228 33.05 28.50 -1.32
CA LEU A 228 32.44 27.83 -2.50
C LEU A 228 31.40 28.70 -3.18
N PHE A 229 31.71 29.99 -3.32
CA PHE A 229 30.86 30.94 -4.00
C PHE A 229 29.56 31.14 -3.23
N GLU A 230 28.57 31.71 -3.89
CA GLU A 230 27.48 32.28 -3.19
C GLU A 230 26.18 31.55 -3.53
N ARG A 231 25.13 31.95 -2.79
CA ARG A 231 23.76 31.53 -3.02
C ARG A 231 22.91 32.76 -2.79
N ASP A 232 21.89 32.91 -3.61
CA ASP A 232 20.94 34.00 -3.53
C ASP A 232 19.71 33.44 -2.84
N CYS A 233 19.53 33.82 -1.59
CA CYS A 233 18.39 33.42 -0.78
C CYS A 233 17.34 34.53 -0.63
N SER A 234 17.05 35.26 -1.70
CA SER A 234 16.25 36.51 -1.61
C SER A 234 14.74 36.24 -1.64
N ILE A 235 14.33 35.16 -2.28
CA ILE A 235 12.93 34.81 -2.31
C ILE A 235 12.48 34.31 -0.93
N GLN A 236 11.78 35.19 -0.21
CA GLN A 236 11.31 34.85 1.14
C GLN A 236 9.85 35.21 1.32
N ARG A 237 9.21 34.47 2.23
CA ARG A 237 7.83 34.74 2.61
C ARG A 237 7.80 35.01 4.11
N ARG A 238 7.31 36.19 4.48
CA ARG A 238 7.28 36.63 5.87
C ARG A 238 8.63 36.35 6.54
N HIS A 239 9.69 36.69 5.80
CA HIS A 239 11.07 36.48 6.22
C HIS A 239 11.38 35.01 6.60
N GLN A 240 11.02 34.08 5.71
CA GLN A 240 11.42 32.65 5.76
C GLN A 240 11.69 32.17 4.34
N LYS A 241 12.82 31.51 4.13
CA LYS A 241 13.31 31.20 2.78
C LYS A 241 12.42 30.18 2.06
N VAL A 242 12.34 30.27 0.74
CA VAL A 242 11.39 29.44 0.00
C VAL A 242 11.96 28.82 -1.27
N VAL A 243 12.58 29.65 -2.10
CA VAL A 243 13.41 29.19 -3.20
C VAL A 243 14.80 29.81 -3.09
N GLU A 244 15.81 28.96 -3.32
CA GLU A 244 17.18 29.38 -3.25
C GLU A 244 17.80 29.09 -4.58
N VAL A 245 18.63 29.99 -5.06
CA VAL A 245 19.28 29.86 -6.38
C VAL A 245 20.77 30.07 -6.19
N ALA A 246 21.58 29.25 -6.84
CA ALA A 246 23.01 29.46 -6.85
C ALA A 246 23.49 29.32 -8.28
N PRO A 247 24.40 30.21 -8.75
CA PRO A 247 24.95 31.36 -8.04
C PRO A 247 23.93 32.46 -8.20
N CYS A 248 24.15 33.61 -7.57
CA CYS A 248 23.33 34.80 -7.82
C CYS A 248 23.51 35.35 -9.22
N ASN A 249 22.65 34.94 -10.14
CA ASN A 249 22.85 35.23 -11.57
C ASN A 249 22.90 36.72 -11.88
N ALA A 250 22.20 37.54 -11.09
CA ALA A 250 22.08 38.98 -11.39
C ALA A 250 23.04 39.88 -10.59
N ILE A 251 24.31 39.49 -10.51
CA ILE A 251 25.38 40.38 -10.07
C ILE A 251 26.65 40.13 -10.91
N THR A 252 27.61 41.06 -10.82
CA THR A 252 28.81 41.02 -11.66
C THR A 252 29.87 40.12 -11.02
N SER A 253 30.81 39.65 -11.83
CA SER A 253 31.94 38.84 -11.34
C SER A 253 32.74 39.59 -10.24
N GLU A 254 32.87 40.91 -10.36
CA GLU A 254 33.69 41.71 -9.45
C GLU A 254 33.02 41.78 -8.07
N LEU A 255 31.71 42.07 -8.07
CA LEU A 255 30.94 42.16 -6.82
C LEU A 255 30.97 40.81 -6.09
N ARG A 256 30.90 39.74 -6.90
CA ARG A 256 30.86 38.40 -6.38
C ARG A 256 32.13 38.11 -5.60
N ASN A 257 33.27 38.62 -6.09
CA ASN A 257 34.54 38.36 -5.44
C ASN A 257 34.74 39.23 -4.20
N ARG A 258 34.31 40.48 -4.30
CA ARG A 258 34.43 41.35 -3.13
C ARG A 258 33.70 40.71 -1.98
N ILE A 259 32.51 40.21 -2.26
CA ILE A 259 31.71 39.58 -1.23
C ILE A 259 32.34 38.31 -0.75
N CYS A 260 32.78 37.49 -1.68
CA CYS A 260 33.30 36.17 -1.34
C CYS A 260 34.59 36.30 -0.52
N ASP A 261 35.48 37.18 -0.99
CA ASP A 261 36.74 37.43 -0.30
C ASP A 261 36.47 38.04 1.05
N ALA A 262 35.48 38.90 1.11
CA ALA A 262 35.10 39.45 2.39
C ALA A 262 34.82 38.32 3.40
N ALA A 263 34.08 37.29 3.00
CA ALA A 263 33.71 36.24 3.95
C ALA A 263 34.89 35.37 4.31
N VAL A 264 35.76 35.09 3.33
CA VAL A 264 37.01 34.35 3.65
C VAL A 264 37.77 35.13 4.71
N LYS A 265 37.97 36.42 4.45
CA LYS A 265 38.70 37.29 5.38
C LYS A 265 38.22 37.12 6.81
N LEU A 266 36.91 37.22 7.01
CA LEU A 266 36.33 37.07 8.34
C LEU A 266 36.60 35.70 8.91
N MET A 267 36.43 34.68 8.08
CA MET A 267 36.48 33.33 8.62
C MET A 267 37.92 32.92 8.92
N LYS A 268 38.89 33.36 8.10
CA LYS A 268 40.33 33.21 8.42
C LYS A 268 40.69 34.00 9.68
N ASN A 269 40.25 35.25 9.73
CA ASN A 269 40.51 36.09 10.88
C ASN A 269 40.25 35.41 12.22
N VAL A 270 39.24 34.52 12.29
CA VAL A 270 38.97 33.78 13.55
C VAL A 270 39.38 32.30 13.50
N ASP A 271 40.10 31.90 12.45
CA ASP A 271 40.47 30.50 12.24
C ASP A 271 39.22 29.62 12.32
N TYR A 272 38.21 29.93 11.49
CA TYR A 272 36.96 29.15 11.42
C TYR A 272 37.22 27.75 10.91
N ILE A 273 36.55 26.77 11.52
CA ILE A 273 36.76 25.33 11.31
C ILE A 273 35.48 24.62 10.83
N ASN A 274 35.63 23.80 9.78
CA ASN A 274 34.56 22.99 9.19
C ASN A 274 33.67 23.83 8.30
N ALA A 275 32.42 23.42 8.07
CA ALA A 275 31.55 24.17 7.18
C ALA A 275 30.89 25.32 7.93
N GLY A 276 30.79 26.47 7.29
CA GLY A 276 30.04 27.62 7.84
C GLY A 276 29.61 28.56 6.73
N THR A 277 28.65 29.44 7.03
CA THR A 277 28.09 30.32 6.02
C THR A 277 28.11 31.75 6.54
N VAL A 278 28.47 32.69 5.67
CA VAL A 278 28.46 34.10 6.00
C VAL A 278 27.45 34.78 5.12
N GLU A 279 26.48 35.44 5.77
CA GLU A 279 25.39 36.12 5.10
C GLU A 279 25.67 37.63 4.89
N PHE A 280 25.18 38.16 3.77
CA PHE A 280 25.31 39.56 3.43
C PHE A 280 24.02 40.07 2.85
N LEU A 281 23.73 41.34 3.08
CA LEU A 281 22.70 42.05 2.33
C LEU A 281 23.40 42.86 1.24
N VAL A 282 22.78 43.01 0.09
CA VAL A 282 23.36 43.77 -1.00
C VAL A 282 22.39 44.81 -1.56
N GLU A 283 22.85 46.05 -1.68
CA GLU A 283 22.09 47.10 -2.38
C GLU A 283 22.95 47.54 -3.54
N GLY A 284 22.37 47.57 -4.72
CA GLY A 284 23.12 47.91 -5.94
C GLY A 284 24.53 47.31 -6.01
N ASP A 285 25.50 48.06 -5.48
CA ASP A 285 26.93 47.72 -5.61
C ASP A 285 27.70 47.69 -4.30
N ASP A 286 27.01 47.98 -3.20
CA ASP A 286 27.58 47.80 -1.87
C ASP A 286 27.00 46.52 -1.27
N PHE A 287 27.69 46.02 -0.25
CA PHE A 287 27.16 44.94 0.54
C PHE A 287 27.50 45.11 2.01
N TYR A 288 26.73 44.45 2.85
CA TYR A 288 26.85 44.64 4.27
C TYR A 288 26.71 43.29 4.95
N PHE A 289 27.74 42.86 5.66
CA PHE A 289 27.63 41.71 6.55
C PHE A 289 26.39 41.80 7.49
N ILE A 290 25.73 40.66 7.71
CA ILE A 290 24.64 40.53 8.70
C ILE A 290 24.72 39.32 9.62
N GLU A 291 25.40 38.23 9.26
CA GLU A 291 25.28 37.01 10.07
C GLU A 291 26.25 35.93 9.68
N VAL A 292 26.64 35.13 10.67
CA VAL A 292 27.34 33.89 10.41
C VAL A 292 26.54 32.74 10.99
N ASN A 293 26.27 31.72 10.18
CA ASN A 293 25.71 30.44 10.68
C ASN A 293 26.84 29.42 10.76
N PRO A 294 27.20 29.00 11.96
CA PRO A 294 28.29 28.06 12.13
C PRO A 294 27.84 26.59 12.02
N ARG A 295 27.30 26.23 10.86
CA ARG A 295 26.70 24.91 10.61
C ARG A 295 26.44 24.75 9.15
N VAL A 296 26.10 23.52 8.76
CA VAL A 296 25.57 23.28 7.42
C VAL A 296 24.26 24.02 7.29
N GLN A 297 23.89 24.29 6.07
CA GLN A 297 22.58 24.83 5.80
C GLN A 297 21.73 23.96 4.89
N VAL A 298 20.42 24.20 4.99
CA VAL A 298 19.45 23.51 4.14
C VAL A 298 19.86 23.62 2.68
N GLU A 299 20.30 24.81 2.24
CA GLU A 299 20.59 25.07 0.81
C GLU A 299 22.00 24.71 0.35
N HIS A 300 22.81 24.11 1.22
CA HIS A 300 24.09 23.64 0.76
C HIS A 300 24.01 22.79 -0.50
N THR A 301 22.88 22.13 -0.69
CA THR A 301 22.67 21.30 -1.88
C THR A 301 23.02 22.03 -3.16
N ILE A 302 22.59 23.29 -3.27
CA ILE A 302 22.67 23.99 -4.55
C ILE A 302 24.08 24.39 -4.87
N THR A 303 24.86 24.54 -3.82
CA THR A 303 26.27 24.79 -3.93
C THR A 303 27.05 23.53 -4.36
N GLU A 304 26.71 22.39 -3.81
CA GLU A 304 27.38 21.17 -4.24
C GLU A 304 27.15 20.99 -5.74
N MET A 305 25.99 21.42 -6.21
CA MET A 305 25.64 21.19 -7.58
C MET A 305 26.42 22.04 -8.57
N ILE A 306 26.75 23.26 -8.21
CA ILE A 306 27.45 24.13 -9.16
C ILE A 306 28.96 24.05 -9.04
N THR A 307 29.46 23.63 -7.85
CA THR A 307 30.89 23.46 -7.61
C THR A 307 31.44 22.04 -7.69
N GLY A 308 30.62 21.02 -7.47
CA GLY A 308 31.10 19.61 -7.56
C GLY A 308 31.66 19.04 -6.26
N ILE A 309 31.61 19.86 -5.21
CA ILE A 309 32.22 19.50 -3.96
C ILE A 309 31.18 19.02 -2.95
N ASP A 310 31.30 17.76 -2.55
CA ASP A 310 30.45 17.23 -1.49
C ASP A 310 30.77 17.90 -0.17
N ILE A 311 29.92 18.84 0.20
CA ILE A 311 30.07 19.60 1.43
C ILE A 311 29.97 18.72 2.69
N VAL A 312 29.08 17.75 2.71
CA VAL A 312 28.91 16.97 3.95
C VAL A 312 30.02 15.96 4.16
N GLN A 313 30.50 15.31 3.10
CA GLN A 313 31.74 14.53 3.21
C GLN A 313 32.87 15.43 3.67
N SER A 314 33.00 16.60 3.05
CA SER A 314 34.07 17.53 3.45
C SER A 314 34.04 17.78 4.97
N GLN A 315 32.87 18.10 5.50
CA GLN A 315 32.71 18.26 6.93
C GLN A 315 33.33 17.11 7.70
N LEU A 316 33.12 15.91 7.21
CA LEU A 316 33.51 14.77 7.98
C LEU A 316 35.01 14.66 7.90
N PHE A 317 35.52 14.75 6.68
CA PHE A 317 36.95 14.72 6.47
C PHE A 317 37.67 15.70 7.36
N ILE A 318 37.17 16.92 7.39
CA ILE A 318 37.79 17.96 8.19
C ILE A 318 37.91 17.59 9.68
N ALA A 319 36.80 17.13 10.23
CA ALA A 319 36.71 16.83 11.63
C ALA A 319 37.50 15.61 12.01
N ASP A 320 37.76 14.72 11.05
CA ASP A 320 38.64 13.58 11.30
C ASP A 320 40.07 14.02 11.49
N GLY A 321 40.44 15.09 10.77
CA GLY A 321 41.72 15.73 10.93
C GLY A 321 42.39 16.15 9.64
N TYR A 322 41.84 15.77 8.50
CA TYR A 322 42.46 16.09 7.23
C TYR A 322 42.42 17.55 6.84
N ALA A 323 43.09 17.79 5.72
CA ALA A 323 43.29 19.10 5.15
C ALA A 323 42.63 19.17 3.78
N LEU A 324 42.15 20.35 3.43
CA LEU A 324 41.22 20.47 2.37
C LEU A 324 41.72 19.77 1.12
N HIS A 325 43.01 19.91 0.84
CA HIS A 325 43.53 19.48 -0.44
C HIS A 325 44.15 18.10 -0.40
N ASP A 326 44.23 17.48 0.78
CA ASP A 326 44.67 16.07 0.86
C ASP A 326 43.93 15.30 -0.25
N GLN A 327 44.63 14.47 -1.00
CA GLN A 327 44.12 14.02 -2.29
C GLN A 327 42.80 13.28 -2.11
N LEU A 328 42.62 12.68 -0.94
CA LEU A 328 41.36 11.96 -0.60
C LEU A 328 40.15 12.87 -0.47
N VAL A 329 40.36 14.01 0.16
CA VAL A 329 39.34 15.01 0.38
C VAL A 329 39.05 15.78 -0.88
N ALA A 330 40.06 15.85 -1.74
CA ALA A 330 39.98 16.39 -3.09
C ALA A 330 39.50 17.79 -3.30
N ILE A 331 39.56 18.65 -2.29
CA ILE A 331 39.10 20.03 -2.53
C ILE A 331 40.17 20.77 -3.30
N PRO A 332 39.81 21.27 -4.48
CA PRO A 332 40.77 22.10 -5.23
C PRO A 332 41.24 23.34 -4.47
N LYS A 333 42.31 23.95 -4.98
CA LYS A 333 42.76 25.27 -4.51
C LYS A 333 41.74 26.33 -4.92
N GLN A 334 41.63 27.39 -4.14
CA GLN A 334 40.63 28.45 -4.44
C GLN A 334 40.58 28.86 -5.91
N GLU A 335 41.73 28.91 -6.57
CA GLU A 335 41.83 29.27 -7.98
C GLU A 335 41.13 28.26 -8.88
N ASP A 336 41.09 27.00 -8.44
CA ASP A 336 40.58 25.88 -9.25
C ASP A 336 39.14 25.50 -8.93
N ILE A 337 38.58 26.12 -7.89
CA ILE A 337 37.16 26.03 -7.62
C ILE A 337 36.41 26.95 -8.55
N HIS A 338 35.50 26.40 -9.35
CA HIS A 338 34.69 27.19 -10.28
C HIS A 338 33.20 26.88 -10.15
N ILE A 339 32.41 27.81 -10.68
CA ILE A 339 30.99 27.66 -10.92
C ILE A 339 30.72 26.88 -12.20
N HIS A 340 29.90 25.83 -12.11
CA HIS A 340 29.42 25.09 -13.29
C HIS A 340 27.92 25.20 -13.21
N GLY A 341 27.33 25.74 -14.26
CA GLY A 341 25.89 25.96 -14.39
C GLY A 341 25.23 26.79 -13.31
N SER A 342 23.92 26.61 -13.18
CA SER A 342 23.12 27.19 -12.13
C SER A 342 22.14 26.14 -11.52
N ALA A 343 21.83 26.26 -10.22
CA ALA A 343 20.91 25.36 -9.51
C ALA A 343 19.82 26.06 -8.65
N ILE A 344 18.64 25.49 -8.58
CA ILE A 344 17.50 26.03 -7.83
C ILE A 344 17.02 25.00 -6.83
N GLN A 345 16.67 25.44 -5.62
CA GLN A 345 16.10 24.53 -4.61
C GLN A 345 14.73 24.93 -4.22
N SER A 346 13.83 23.95 -4.24
CA SER A 346 12.51 24.13 -3.75
C SER A 346 12.27 23.13 -2.63
N ARG A 347 11.76 23.63 -1.53
CA ARG A 347 11.44 22.80 -0.37
C ARG A 347 9.98 22.44 -0.36
N ILE A 348 9.68 21.15 -0.48
CA ILE A 348 8.30 20.69 -0.52
C ILE A 348 7.87 20.29 0.88
N THR A 349 6.81 20.97 1.35
CA THR A 349 6.36 20.89 2.74
C THR A 349 4.87 20.69 2.73
N THR A 350 4.30 20.26 3.86
CA THR A 350 2.84 20.14 4.01
C THR A 350 2.15 21.47 4.35
N GLU A 351 2.83 22.60 4.29
CA GLU A 351 2.19 23.91 4.40
C GLU A 351 1.13 24.11 3.31
N ASP A 352 -0.12 24.24 3.75
CA ASP A 352 -1.27 24.42 2.84
C ASP A 352 -1.43 25.88 2.47
N PRO A 353 -1.16 26.23 1.20
CA PRO A 353 -1.36 27.64 0.85
C PRO A 353 -2.83 28.10 0.91
N LEU A 354 -3.80 27.18 0.74
CA LEU A 354 -5.24 27.49 0.85
C LEU A 354 -5.75 27.60 2.29
N ASN A 355 -4.84 27.61 3.25
CA ASN A 355 -5.18 27.65 4.67
C ASN A 355 -4.05 28.37 5.41
N ASN A 356 -3.55 29.44 4.80
CA ASN A 356 -2.61 30.33 5.47
C ASN A 356 -1.27 29.65 5.76
N PHE A 357 -0.89 28.69 4.94
CA PHE A 357 0.37 27.94 5.10
C PHE A 357 0.48 27.16 6.42
N MET A 358 -0.66 26.76 6.97
CA MET A 358 -0.68 25.89 8.14
C MET A 358 -0.28 24.48 7.71
N PRO A 359 0.68 23.84 8.43
CA PRO A 359 1.16 22.50 8.03
C PRO A 359 0.10 21.45 8.13
N ASP A 360 -0.18 20.74 7.05
CA ASP A 360 -1.15 19.66 7.11
C ASP A 360 -0.54 18.50 7.83
N THR A 361 -1.37 17.58 8.34
CA THR A 361 -0.87 16.35 8.93
C THR A 361 -1.62 15.16 8.38
N GLY A 362 -1.11 13.97 8.69
CA GLY A 362 -1.72 12.71 8.32
C GLY A 362 -0.77 11.75 7.62
N ARG A 363 -1.30 10.57 7.29
CA ARG A 363 -0.64 9.60 6.45
C ARG A 363 -0.58 10.05 5.01
N VAL A 364 0.60 9.89 4.43
CA VAL A 364 0.86 10.14 3.03
C VAL A 364 0.61 8.83 2.30
N ASP A 365 -0.53 8.72 1.61
CA ASP A 365 -0.97 7.45 1.02
C ASP A 365 -0.25 7.17 -0.28
N THR A 366 0.01 8.27 -1.00
CA THR A 366 0.77 8.27 -2.23
C THR A 366 1.88 9.28 -2.07
N TYR A 367 3.08 8.85 -2.45
CA TYR A 367 4.23 9.71 -2.53
C TYR A 367 5.01 9.16 -3.67
N ARG A 368 5.03 9.93 -4.76
CA ARG A 368 5.83 9.58 -5.92
C ARG A 368 6.64 10.77 -6.38
N SER A 369 7.94 10.71 -6.17
CA SER A 369 8.84 11.76 -6.59
C SER A 369 9.12 11.55 -8.06
N THR A 370 10.25 12.06 -8.52
CA THR A 370 10.51 12.35 -9.90
C THR A 370 12.01 12.06 -10.17
N GLY A 371 12.46 12.18 -11.40
CA GLY A 371 13.86 11.86 -11.78
C GLY A 371 14.31 12.50 -13.08
N GLY A 372 15.25 11.86 -13.76
CA GLY A 372 15.80 12.43 -14.97
C GLY A 372 17.00 13.33 -14.73
N PHE A 373 17.58 13.80 -15.83
CA PHE A 373 18.83 14.55 -15.84
C PHE A 373 18.66 15.88 -15.13
N GLY A 374 19.65 16.28 -14.32
CA GLY A 374 19.60 17.59 -13.63
C GLY A 374 18.67 17.72 -12.41
N VAL A 375 18.31 16.60 -11.83
CA VAL A 375 17.35 16.56 -10.77
C VAL A 375 17.95 15.96 -9.54
N ARG A 376 17.73 16.59 -8.38
CA ARG A 376 18.20 16.04 -7.12
C ARG A 376 17.10 16.11 -6.07
N LEU A 377 17.04 15.05 -5.27
CA LEU A 377 16.03 14.85 -4.22
C LEU A 377 16.68 14.51 -2.91
N ASP A 378 16.31 15.23 -1.86
CA ASP A 378 16.87 14.95 -0.54
C ASP A 378 15.66 14.88 0.41
N ALA A 379 15.33 13.66 0.78
CA ALA A 379 14.09 13.32 1.42
C ALA A 379 14.13 13.53 2.90
N GLY A 380 13.07 14.16 3.39
CA GLY A 380 12.85 14.38 4.81
C GLY A 380 11.91 13.34 5.34
N ASN A 381 10.72 13.74 5.78
CA ASN A 381 9.74 12.72 6.16
C ASN A 381 8.64 12.62 5.11
N GLY A 382 9.06 12.58 3.84
CA GLY A 382 8.21 12.24 2.74
C GLY A 382 8.61 10.92 2.10
N PHE A 383 8.10 9.83 2.64
CA PHE A 383 8.14 8.54 1.97
C PHE A 383 6.74 7.91 2.04
N GLN A 384 6.33 7.15 1.03
CA GLN A 384 4.95 6.57 0.95
C GLN A 384 4.51 5.74 2.19
N GLY A 385 3.51 6.24 2.90
CA GLY A 385 3.01 5.61 4.12
C GLY A 385 3.46 6.30 5.39
N THR A 386 4.22 7.37 5.24
CA THR A 386 4.68 8.08 6.40
C THR A 386 3.47 8.77 7.04
N VAL A 387 3.58 9.02 8.32
CA VAL A 387 2.64 9.85 8.98
C VAL A 387 3.33 11.13 9.35
N VAL A 388 2.96 12.24 8.73
CA VAL A 388 3.58 13.47 9.15
C VAL A 388 2.78 13.97 10.35
N THR A 389 3.52 14.50 11.32
CA THR A 389 2.99 14.90 12.59
C THR A 389 3.12 16.40 12.66
N PRO A 390 2.47 17.03 13.65
CA PRO A 390 2.52 18.50 13.77
C PRO A 390 3.67 19.03 14.63
N PHE A 391 4.56 18.15 15.09
CA PHE A 391 5.63 18.53 16.04
C PHE A 391 6.88 19.18 15.46
N TYR A 392 7.29 18.70 14.31
CA TYR A 392 8.54 19.11 13.71
C TYR A 392 8.22 19.95 12.50
N ASP A 393 9.22 20.31 11.71
CA ASP A 393 8.94 21.05 10.50
C ASP A 393 8.15 20.13 9.58
N SER A 394 7.61 20.70 8.51
CA SER A 394 6.71 20.00 7.61
C SER A 394 7.41 19.32 6.44
N LEU A 395 8.71 19.53 6.32
CA LEU A 395 9.43 19.23 5.10
C LEU A 395 9.31 17.77 4.65
N LEU A 396 8.83 17.59 3.43
CA LEU A 396 8.69 16.26 2.84
C LEU A 396 9.92 15.89 2.03
N VAL A 397 10.31 16.81 1.13
CA VAL A 397 11.50 16.64 0.31
C VAL A 397 12.05 17.97 -0.28
N LYS A 398 13.36 17.98 -0.46
CA LYS A 398 14.04 19.06 -1.10
C LYS A 398 14.21 18.63 -2.52
N LEU A 399 13.62 19.41 -3.40
CA LEU A 399 13.72 19.21 -4.82
C LEU A 399 14.72 20.25 -5.32
N CYS A 400 15.80 19.78 -5.91
CA CYS A 400 16.77 20.69 -6.55
C CYS A 400 16.95 20.35 -8.04
N THR A 401 17.03 21.37 -8.90
CA THR A 401 17.24 21.16 -10.33
C THR A 401 18.40 22.01 -10.81
N TRP A 402 19.00 21.57 -11.92
CA TRP A 402 20.21 22.20 -12.45
C TRP A 402 20.22 22.33 -13.98
N GLY A 403 20.84 23.40 -14.46
CA GLY A 403 21.09 23.56 -15.86
C GLY A 403 22.45 24.15 -16.13
N MET A 404 22.79 24.30 -17.40
CA MET A 404 23.99 25.05 -17.80
C MET A 404 23.68 26.51 -17.62
N THR A 405 22.40 26.84 -17.65
CA THR A 405 21.92 28.17 -17.33
C THR A 405 20.76 28.12 -16.37
N PHE A 406 20.58 29.20 -15.62
CA PHE A 406 19.36 29.45 -14.85
C PHE A 406 18.10 29.09 -15.61
N GLU A 407 18.02 29.53 -16.86
CA GLU A 407 16.83 29.34 -17.70
C GLU A 407 16.57 27.83 -17.80
N GLN A 408 17.58 27.05 -18.12
CA GLN A 408 17.40 25.61 -18.21
C GLN A 408 16.91 24.96 -16.89
N ALA A 409 17.50 25.41 -15.78
CA ALA A 409 17.17 24.87 -14.48
C ALA A 409 15.75 25.19 -14.13
N THR A 410 15.26 26.34 -14.60
CA THR A 410 13.92 26.79 -14.28
C THR A 410 12.90 25.86 -14.94
N ARG A 411 13.18 25.41 -16.16
CA ARG A 411 12.26 24.53 -16.89
C ARG A 411 12.15 23.17 -16.21
N LYS A 412 13.24 22.71 -15.61
CA LYS A 412 13.26 21.40 -15.00
C LYS A 412 12.56 21.44 -13.68
N MET A 413 12.75 22.53 -12.93
CA MET A 413 11.97 22.75 -11.69
C MET A 413 10.49 22.76 -11.98
N ARG A 414 10.10 23.39 -13.09
CA ARG A 414 8.70 23.50 -13.50
C ARG A 414 8.16 22.08 -13.70
N ARG A 415 8.82 21.32 -14.57
CA ARG A 415 8.42 19.95 -14.84
C ARG A 415 8.33 19.11 -13.58
N ASN A 416 9.34 19.21 -12.73
CA ASN A 416 9.43 18.32 -11.59
C ASN A 416 8.33 18.67 -10.59
N LEU A 417 8.06 19.94 -10.36
CA LEU A 417 6.99 20.25 -9.42
C LEU A 417 5.66 19.67 -9.88
N ILE A 418 5.36 19.79 -11.18
CA ILE A 418 4.11 19.29 -11.76
C ILE A 418 4.05 17.76 -11.76
N GLU A 419 5.16 17.11 -12.04
CA GLU A 419 5.19 15.64 -12.20
C GLU A 419 5.03 14.91 -10.87
N PHE A 420 5.36 15.61 -9.75
CA PHE A 420 5.20 15.07 -8.39
C PHE A 420 3.75 14.67 -8.16
N ARG A 421 3.58 13.59 -7.42
CA ARG A 421 2.27 13.17 -6.95
C ARG A 421 2.38 12.89 -5.44
N ILE A 422 1.65 13.71 -4.68
CA ILE A 422 1.53 13.50 -3.27
C ILE A 422 0.09 13.56 -2.78
N ARG A 423 -0.39 12.47 -2.20
CA ARG A 423 -1.78 12.40 -1.72
C ARG A 423 -1.92 11.80 -0.36
N GLY A 424 -2.80 12.41 0.43
CA GLY A 424 -2.92 12.16 1.84
C GLY A 424 -2.91 13.50 2.55
N VAL A 425 -2.03 14.38 2.10
CA VAL A 425 -1.80 15.61 2.81
C VAL A 425 -1.64 16.64 1.74
N LYS A 426 -2.01 17.85 2.07
CA LYS A 426 -1.83 18.97 1.20
C LYS A 426 -0.34 19.28 1.19
N THR A 427 0.12 19.94 0.13
CA THR A 427 1.48 20.40 0.01
C THR A 427 1.52 21.87 -0.41
N ASN A 428 2.73 22.43 -0.45
CA ASN A 428 2.94 23.82 -0.87
C ASN A 428 3.31 23.96 -2.34
N ILE A 429 3.12 22.88 -3.11
CA ILE A 429 3.48 22.87 -4.50
C ILE A 429 2.74 23.93 -5.35
N PRO A 430 1.42 24.05 -5.21
CA PRO A 430 0.79 25.12 -6.02
C PRO A 430 1.51 26.49 -5.91
N PHE A 431 1.99 26.81 -4.72
CA PHE A 431 2.75 28.04 -4.44
C PHE A 431 4.16 28.10 -5.07
N LEU A 432 4.93 27.02 -4.95
CA LEU A 432 6.27 27.01 -5.54
C LEU A 432 6.14 27.19 -7.05
N LEU A 433 5.15 26.55 -7.66
CA LEU A 433 4.95 26.70 -9.10
C LEU A 433 4.73 28.16 -9.45
N ASN A 434 3.87 28.84 -8.69
CA ASN A 434 3.57 30.22 -9.01
C ASN A 434 4.84 31.06 -9.00
N VAL A 435 5.66 30.84 -7.98
CA VAL A 435 6.94 31.51 -7.85
C VAL A 435 7.74 31.24 -9.12
N VAL A 436 7.99 29.97 -9.38
CA VAL A 436 8.88 29.55 -10.47
C VAL A 436 8.41 29.95 -11.87
N ARG A 437 7.10 30.07 -12.04
CA ARG A 437 6.52 30.52 -13.30
C ARG A 437 6.47 32.04 -13.46
N HIS A 438 6.46 32.76 -12.34
CA HIS A 438 6.44 34.20 -12.41
C HIS A 438 7.62 34.75 -13.26
N PRO A 439 7.32 35.66 -14.21
CA PRO A 439 8.37 36.19 -15.08
C PRO A 439 9.43 37.02 -14.36
N ASP A 440 9.11 37.52 -13.19
CA ASP A 440 10.13 38.15 -12.33
C ASP A 440 11.09 37.13 -11.71
N PHE A 441 10.63 35.89 -11.49
CA PHE A 441 11.55 34.81 -11.12
C PHE A 441 12.50 34.46 -12.28
N ALA A 442 11.96 34.28 -13.48
CA ALA A 442 12.74 33.97 -14.69
C ALA A 442 13.73 35.09 -15.05
N SER A 443 13.31 36.34 -14.90
CA SER A 443 14.17 37.51 -15.17
C SER A 443 15.49 37.44 -14.42
N GLY A 444 15.48 36.87 -13.21
CA GLY A 444 16.66 36.82 -12.35
C GLY A 444 16.71 37.98 -11.38
N ASN A 445 15.83 38.97 -11.60
CA ASN A 445 15.83 40.22 -10.82
C ASN A 445 14.68 40.29 -9.86
N TYR A 446 14.95 39.83 -8.65
CA TYR A 446 13.97 39.85 -7.58
C TYR A 446 14.73 40.25 -6.32
N ASN A 447 14.02 40.70 -5.30
CA ASN A 447 14.66 41.06 -4.03
C ASN A 447 13.80 40.64 -2.84
N THR A 448 14.29 40.93 -1.63
CA THR A 448 13.74 40.35 -0.41
C THR A 448 12.25 40.60 -0.24
N SER A 449 11.72 41.64 -0.90
CA SER A 449 10.28 41.96 -0.81
C SER A 449 9.52 41.55 -2.07
N PHE A 450 10.06 40.58 -2.80
CA PHE A 450 9.39 40.02 -3.98
C PHE A 450 8.03 39.40 -3.67
N ILE A 451 7.98 38.52 -2.70
CA ILE A 451 6.75 37.79 -2.40
C ILE A 451 5.69 38.66 -1.73
N ASP A 452 6.06 39.40 -0.69
CA ASP A 452 5.08 40.18 0.07
C ASP A 452 4.53 41.36 -0.73
N THR A 453 4.92 41.48 -2.00
CA THR A 453 4.40 42.50 -2.90
C THR A 453 4.10 41.99 -4.34
N THR A 454 3.94 40.68 -4.52
CA THR A 454 3.48 40.11 -5.78
C THR A 454 2.27 39.27 -5.42
N PRO A 455 1.10 39.90 -5.24
CA PRO A 455 -0.06 39.14 -4.78
C PRO A 455 -0.64 38.10 -5.77
N GLU A 456 -0.21 38.12 -7.04
CA GLU A 456 -0.50 37.04 -8.03
C GLU A 456 -0.01 35.67 -7.54
N LEU A 457 1.01 35.69 -6.67
CA LEU A 457 1.53 34.47 -6.07
C LEU A 457 0.55 33.72 -5.15
N PHE A 458 -0.44 34.41 -4.59
CA PHE A 458 -1.42 33.78 -3.69
C PHE A 458 -2.81 33.48 -4.28
N LYS A 459 -3.01 33.73 -5.58
CA LYS A 459 -4.23 33.29 -6.29
C LYS A 459 -3.91 31.90 -6.82
N PHE A 460 -4.64 30.88 -6.39
CA PHE A 460 -4.36 29.51 -6.85
C PHE A 460 -5.41 29.02 -7.81
N PRO A 461 -5.03 28.11 -8.73
CA PRO A 461 -6.04 27.64 -9.67
C PRO A 461 -7.13 26.83 -8.98
N HIS A 462 -8.24 26.58 -9.69
CA HIS A 462 -9.21 25.60 -9.26
C HIS A 462 -8.54 24.22 -9.31
N ILE A 463 -8.41 23.61 -8.13
CA ILE A 463 -7.86 22.27 -7.91
C ILE A 463 -8.33 21.24 -8.95
N ARG A 464 -7.41 20.35 -9.37
CA ARG A 464 -7.77 19.09 -10.04
C ARG A 464 -7.83 17.90 -9.03
N ASP A 465 -9.08 17.54 -8.72
CA ASP A 465 -9.43 16.41 -7.86
C ASP A 465 -10.56 15.63 -8.56
N ARG A 466 -10.47 15.49 -9.87
CA ARG A 466 -11.46 14.78 -10.61
C ARG A 466 -11.40 13.30 -10.20
N GLY A 467 -10.19 12.76 -10.07
CA GLY A 467 -10.01 11.38 -9.56
C GLY A 467 -10.67 11.11 -8.22
N THR A 468 -10.40 11.98 -7.27
CA THR A 468 -10.95 11.85 -5.93
C THR A 468 -12.47 11.84 -6.01
N LYS A 469 -13.04 12.78 -6.73
CA LYS A 469 -14.47 12.79 -6.94
C LYS A 469 -15.00 11.50 -7.56
N THR A 470 -14.40 11.04 -8.63
CA THR A 470 -14.82 9.81 -9.25
C THR A 470 -14.81 8.70 -8.22
N LEU A 471 -13.77 8.65 -7.40
CA LEU A 471 -13.68 7.64 -6.37
C LEU A 471 -14.74 7.77 -5.30
N ARG A 472 -15.09 8.99 -4.97
CA ARG A 472 -16.16 9.23 -4.02
C ARG A 472 -17.49 8.74 -4.51
N TYR A 473 -17.74 8.85 -5.82
CA TYR A 473 -19.00 8.37 -6.43
C TYR A 473 -19.02 6.84 -6.37
N ILE A 474 -17.98 6.23 -6.92
CA ILE A 474 -17.89 4.79 -7.03
C ILE A 474 -17.99 4.10 -5.69
N GLY A 475 -17.29 4.65 -4.70
CA GLY A 475 -17.27 4.11 -3.36
C GLY A 475 -18.65 4.22 -2.72
N ASN A 476 -19.32 5.32 -3.02
CA ASN A 476 -20.66 5.50 -2.49
C ASN A 476 -21.68 4.56 -3.09
N VAL A 477 -21.63 4.26 -4.39
CA VAL A 477 -22.65 3.36 -4.93
C VAL A 477 -22.29 1.91 -4.55
N THR A 478 -20.99 1.66 -4.41
CA THR A 478 -20.52 0.32 -4.11
C THR A 478 -20.95 -0.10 -2.72
N VAL A 479 -20.99 0.84 -1.78
CA VAL A 479 -21.33 0.54 -0.38
C VAL A 479 -22.81 0.70 -0.08
N ASN A 480 -23.42 1.71 -0.64
CA ASN A 480 -24.83 2.01 -0.35
C ASN A 480 -25.81 1.69 -1.46
N GLY A 481 -25.34 1.25 -2.61
CA GLY A 481 -26.24 1.02 -3.74
C GLY A 481 -26.74 2.28 -4.43
N PHE A 482 -27.32 2.10 -5.61
CA PHE A 482 -27.87 3.20 -6.37
C PHE A 482 -29.32 3.33 -5.98
N PRO A 483 -29.81 4.58 -5.91
CA PRO A 483 -31.14 4.74 -5.31
C PRO A 483 -32.23 4.23 -6.22
N GLY A 484 -33.19 3.53 -5.63
CA GLY A 484 -34.37 3.08 -6.36
C GLY A 484 -34.22 1.76 -7.11
N ILE A 485 -33.03 1.15 -7.02
CA ILE A 485 -32.84 -0.23 -7.46
C ILE A 485 -32.27 -1.13 -6.37
N LYS A 486 -32.61 -2.41 -6.47
CA LYS A 486 -32.14 -3.40 -5.54
C LYS A 486 -30.64 -3.40 -5.62
N HIS A 487 -29.99 -3.37 -4.47
CA HIS A 487 -28.54 -3.34 -4.42
C HIS A 487 -27.97 -4.79 -4.58
N ARG A 488 -27.22 -5.04 -5.66
CA ARG A 488 -26.71 -6.40 -5.98
C ARG A 488 -25.32 -6.40 -6.59
N ASP A 489 -24.53 -7.45 -6.38
CA ASP A 489 -23.19 -7.52 -7.02
C ASP A 489 -23.23 -7.07 -8.51
N LYS A 490 -22.22 -6.32 -8.93
CA LYS A 490 -22.08 -5.90 -10.33
C LYS A 490 -21.80 -7.08 -11.22
N PRO A 491 -22.58 -7.27 -12.27
CA PRO A 491 -22.33 -8.48 -13.07
C PRO A 491 -21.03 -8.40 -13.87
N VAL A 492 -20.65 -9.53 -14.47
CA VAL A 492 -19.53 -9.58 -15.37
C VAL A 492 -20.06 -9.49 -16.80
N TYR A 493 -19.84 -8.37 -17.47
CA TYR A 493 -20.51 -8.08 -18.70
C TYR A 493 -19.61 -8.33 -19.91
N ALA A 494 -20.21 -8.86 -20.97
CA ALA A 494 -19.59 -8.77 -22.29
C ALA A 494 -19.15 -7.31 -22.62
N GLU A 495 -17.97 -7.15 -23.25
CA GLU A 495 -17.68 -5.87 -23.94
C GLU A 495 -18.54 -5.80 -25.25
N PRO A 496 -19.33 -4.73 -25.43
CA PRO A 496 -20.22 -4.63 -26.60
C PRO A 496 -19.53 -4.51 -27.98
N ARG A 497 -20.19 -5.11 -28.96
CA ARG A 497 -19.71 -5.21 -30.31
C ARG A 497 -19.84 -3.86 -31.00
N LEU A 498 -18.70 -3.25 -31.31
CA LEU A 498 -18.67 -1.97 -31.96
C LEU A 498 -18.44 -2.24 -33.38
N PRO A 499 -19.21 -1.62 -34.26
CA PRO A 499 -18.91 -1.83 -35.67
C PRO A 499 -17.52 -1.35 -36.02
N LYS A 500 -16.85 -2.17 -36.85
CA LYS A 500 -15.54 -1.87 -37.35
C LYS A 500 -15.71 -0.87 -38.51
N ILE A 501 -15.23 0.36 -38.31
CA ILE A 501 -15.24 1.35 -39.40
C ILE A 501 -13.79 1.51 -39.87
N PRO A 502 -13.54 1.41 -41.21
CA PRO A 502 -12.20 1.79 -41.71
C PRO A 502 -11.67 3.08 -41.02
N TYR A 503 -10.39 3.19 -40.66
CA TYR A 503 -9.93 4.45 -40.03
C TYR A 503 -9.97 5.63 -41.02
N GLY A 504 -10.49 6.78 -40.58
CA GLY A 504 -10.64 7.98 -41.43
C GLY A 504 -11.46 7.71 -42.68
N SER A 505 -12.60 7.01 -42.53
CA SER A 505 -13.51 6.73 -43.65
C SER A 505 -14.38 7.97 -43.93
N GLN A 506 -15.39 7.85 -44.78
CA GLN A 506 -16.03 9.04 -45.36
C GLN A 506 -17.55 9.10 -45.30
N ILE A 507 -18.05 9.86 -44.33
CA ILE A 507 -19.48 9.96 -44.05
C ILE A 507 -20.27 10.52 -45.26
N SER A 508 -21.28 9.79 -45.69
CA SER A 508 -22.07 10.25 -46.79
C SER A 508 -22.85 11.47 -46.40
N PRO A 509 -23.02 12.42 -47.34
CA PRO A 509 -24.01 13.41 -47.03
C PRO A 509 -25.39 12.75 -46.98
N GLY A 510 -26.24 13.36 -46.21
CA GLY A 510 -27.60 12.97 -46.20
C GLY A 510 -28.49 14.18 -45.95
N THR A 511 -29.65 13.84 -45.43
CA THR A 511 -30.76 14.75 -45.29
C THR A 511 -30.40 16.06 -44.59
N LYS A 512 -29.37 16.05 -43.76
CA LYS A 512 -28.89 17.26 -43.07
C LYS A 512 -28.28 18.27 -44.04
N GLN A 513 -27.58 17.78 -45.05
CA GLN A 513 -27.02 18.66 -46.09
C GLN A 513 -28.13 19.33 -46.90
N ILE A 514 -29.16 18.59 -47.23
CA ILE A 514 -30.24 19.17 -47.97
C ILE A 514 -30.77 20.33 -47.16
N LEU A 515 -30.99 20.16 -45.87
CA LEU A 515 -31.52 21.25 -45.07
C LEU A 515 -30.60 22.47 -45.07
N ASP A 516 -29.31 22.23 -44.98
CA ASP A 516 -28.36 23.34 -44.87
C ASP A 516 -28.35 24.16 -46.14
N ALA A 517 -28.37 23.48 -47.28
CA ALA A 517 -28.39 24.15 -48.57
C ALA A 517 -29.75 24.78 -48.90
N LYS A 518 -30.80 23.97 -48.94
CA LYS A 518 -32.09 24.40 -49.51
C LYS A 518 -33.21 24.60 -48.48
N GLY A 519 -32.87 24.53 -47.19
CA GLY A 519 -33.87 24.72 -46.11
C GLY A 519 -35.03 23.73 -46.08
N PRO A 520 -36.04 24.02 -45.25
CA PRO A 520 -37.28 23.23 -45.08
C PRO A 520 -38.01 22.84 -46.35
N GLU A 521 -38.07 23.75 -47.34
CA GLU A 521 -38.84 23.48 -48.56
C GLU A 521 -38.08 22.48 -49.41
N GLY A 522 -36.75 22.62 -49.41
CA GLY A 522 -35.87 21.70 -50.10
C GLY A 522 -36.05 20.26 -49.62
N VAL A 523 -36.00 20.07 -48.31
CA VAL A 523 -36.22 18.76 -47.72
C VAL A 523 -37.62 18.24 -48.09
N VAL A 524 -38.64 19.10 -47.98
CA VAL A 524 -40.01 18.69 -48.31
C VAL A 524 -40.09 18.23 -49.75
N ASP A 525 -39.52 19.01 -50.67
CA ASP A 525 -39.56 18.68 -52.11
C ASP A 525 -38.88 17.36 -52.37
N TRP A 526 -37.72 17.20 -51.77
CA TRP A 526 -36.98 15.95 -51.80
C TRP A 526 -37.85 14.75 -51.41
N VAL A 527 -38.53 14.90 -50.28
CA VAL A 527 -39.37 13.85 -49.75
C VAL A 527 -40.42 13.45 -50.77
N LYS A 528 -41.00 14.44 -51.43
CA LYS A 528 -42.03 14.17 -52.44
C LYS A 528 -41.48 13.37 -53.60
N LYS A 529 -40.19 13.50 -53.87
CA LYS A 529 -39.59 12.83 -55.01
C LYS A 529 -39.39 11.34 -54.75
N GLN A 530 -39.19 10.94 -53.50
CA GLN A 530 -38.83 9.55 -53.13
C GLN A 530 -39.93 8.50 -53.28
N GLU A 531 -39.72 7.45 -54.07
CA GLU A 531 -40.75 6.42 -54.15
C GLU A 531 -40.69 5.53 -52.91
N GLU A 532 -39.49 5.18 -52.45
CA GLU A 532 -39.35 4.36 -51.23
C GLU A 532 -39.95 5.08 -50.05
N VAL A 533 -40.34 4.30 -49.04
CA VAL A 533 -40.74 4.89 -47.77
C VAL A 533 -39.50 5.16 -46.97
N LEU A 534 -39.51 6.31 -46.31
CA LEU A 534 -38.41 6.81 -45.53
C LEU A 534 -38.57 6.45 -44.04
N LEU A 535 -37.45 6.43 -43.34
CA LEU A 535 -37.38 5.96 -41.98
C LEU A 535 -36.80 7.02 -41.07
N THR A 536 -37.56 7.39 -40.04
CA THR A 536 -36.99 8.00 -38.88
C THR A 536 -36.69 6.88 -37.84
N ASP A 537 -35.45 6.87 -37.32
CA ASP A 537 -34.99 5.96 -36.26
C ASP A 537 -35.17 6.56 -34.85
N THR A 538 -35.97 5.89 -34.01
CA THR A 538 -36.30 6.33 -32.62
C THR A 538 -35.49 5.66 -31.51
N THR A 539 -34.45 4.91 -31.89
CA THR A 539 -33.65 4.14 -30.98
C THR A 539 -33.06 5.02 -29.87
N LEU A 540 -32.54 6.18 -30.21
CA LEU A 540 -31.94 7.09 -29.22
C LEU A 540 -32.91 7.93 -28.39
N ARG A 541 -34.24 7.74 -28.52
CA ARG A 541 -35.27 8.51 -27.74
C ARG A 541 -36.52 7.70 -27.39
N ASP A 542 -37.57 7.72 -28.22
CA ASP A 542 -38.82 7.02 -27.86
C ASP A 542 -38.58 5.52 -27.58
N ALA A 543 -37.61 4.92 -28.24
CA ALA A 543 -37.44 3.48 -28.05
C ALA A 543 -37.11 3.14 -26.59
N HIS A 544 -36.20 3.90 -25.99
CA HIS A 544 -35.75 3.58 -24.67
C HIS A 544 -36.58 4.29 -23.66
N GLN A 545 -37.17 5.41 -24.06
CA GLN A 545 -38.24 5.97 -23.22
C GLN A 545 -39.28 4.89 -22.93
N SER A 546 -39.63 4.10 -23.95
CA SER A 546 -40.69 3.11 -23.79
C SER A 546 -40.17 1.89 -23.00
N LEU A 547 -39.12 1.23 -23.49
CA LEU A 547 -38.61 -0.03 -22.90
C LEU A 547 -37.75 0.08 -21.62
N LEU A 548 -37.02 1.19 -21.43
CA LEU A 548 -35.99 1.29 -20.35
C LEU A 548 -36.12 2.55 -19.47
N ALA A 549 -37.33 3.10 -19.39
CA ALA A 549 -37.56 4.22 -18.53
C ALA A 549 -36.69 5.39 -18.90
N THR A 550 -36.45 5.55 -20.18
CA THR A 550 -35.59 6.62 -20.66
C THR A 550 -34.22 6.66 -19.97
N ARG A 551 -33.72 5.55 -19.41
CA ARG A 551 -32.47 5.62 -18.66
C ARG A 551 -31.17 5.50 -19.49
N VAL A 552 -31.28 5.36 -20.80
CA VAL A 552 -30.06 5.19 -21.59
C VAL A 552 -29.24 6.45 -21.53
N ARG A 553 -27.98 6.25 -21.16
CA ARG A 553 -27.02 7.30 -20.84
C ARG A 553 -26.21 7.78 -22.04
N SER A 554 -25.86 9.05 -22.05
CA SER A 554 -25.06 9.63 -23.13
C SER A 554 -23.78 8.83 -23.44
N LYS A 555 -23.09 8.31 -22.45
CA LYS A 555 -21.89 7.56 -22.78
C LYS A 555 -22.16 6.47 -23.81
N ASP A 556 -23.22 5.69 -23.55
CA ASP A 556 -23.61 4.54 -24.41
C ASP A 556 -24.11 5.04 -25.77
N ILE A 557 -24.67 6.23 -25.80
CA ILE A 557 -25.13 6.82 -27.05
C ILE A 557 -23.99 7.37 -27.91
N PHE A 558 -23.05 8.11 -27.31
CA PHE A 558 -21.91 8.63 -28.08
C PHE A 558 -21.13 7.49 -28.72
N GLN A 559 -20.99 6.39 -28.00
CA GLN A 559 -20.12 5.29 -28.41
C GLN A 559 -20.53 4.65 -29.70
N ILE A 560 -21.77 4.85 -30.14
CA ILE A 560 -22.28 4.22 -31.37
C ILE A 560 -22.59 5.24 -32.46
N ALA A 561 -22.54 6.50 -32.09
CA ALA A 561 -22.97 7.59 -32.97
C ALA A 561 -22.12 7.71 -34.22
N ASP A 562 -20.81 7.67 -34.05
CA ASP A 562 -19.94 7.65 -35.20
C ASP A 562 -20.45 6.60 -36.18
N ALA A 563 -20.49 5.34 -35.76
CA ALA A 563 -20.95 4.23 -36.61
C ALA A 563 -22.32 4.54 -37.22
N MET A 564 -23.22 5.06 -36.39
CA MET A 564 -24.50 5.41 -36.89
C MET A 564 -24.35 6.25 -38.12
N ALA A 565 -23.55 7.30 -38.04
CA ALA A 565 -23.40 8.26 -39.17
C ALA A 565 -22.94 7.58 -40.46
N HIS A 566 -21.84 6.82 -40.38
CA HIS A 566 -21.33 6.01 -41.48
C HIS A 566 -22.29 4.92 -41.99
N LEU A 567 -22.89 4.15 -41.08
CA LEU A 567 -23.68 3.00 -41.51
C LEU A 567 -25.14 3.26 -41.81
N LEU A 568 -25.73 4.36 -41.36
CA LEU A 568 -27.20 4.63 -41.58
C LEU A 568 -27.52 5.97 -42.27
N PRO A 569 -26.77 6.32 -43.31
CA PRO A 569 -26.85 7.68 -43.85
C PRO A 569 -28.15 8.02 -44.53
N ASN A 570 -29.00 7.01 -44.77
CA ASN A 570 -30.23 7.19 -45.58
C ASN A 570 -31.46 7.48 -44.75
N MET A 571 -31.29 7.57 -43.44
CA MET A 571 -32.41 7.82 -42.59
C MET A 571 -32.87 9.20 -42.88
N PHE A 572 -34.16 9.38 -42.83
CA PHE A 572 -34.72 10.70 -42.88
C PHE A 572 -34.27 11.50 -41.67
N SER A 573 -34.32 10.90 -40.48
CA SER A 573 -33.94 11.62 -39.24
C SER A 573 -33.70 10.66 -38.13
N PHE A 574 -32.97 11.15 -37.11
CA PHE A 574 -32.77 10.44 -35.85
C PHE A 574 -33.54 11.15 -34.74
N GLU A 575 -34.62 10.54 -34.24
CA GLU A 575 -35.29 11.12 -33.08
C GLU A 575 -34.39 10.92 -31.88
N MET A 576 -33.80 12.01 -31.42
CA MET A 576 -32.72 11.89 -30.44
C MET A 576 -32.77 12.87 -29.28
N TRP A 577 -33.89 13.56 -29.09
CA TRP A 577 -34.03 14.51 -27.98
C TRP A 577 -35.50 14.76 -27.73
N GLY A 578 -35.79 15.48 -26.67
CA GLY A 578 -37.17 15.78 -26.35
C GLY A 578 -37.78 14.63 -25.64
N GLY A 579 -39.10 14.60 -25.60
CA GLY A 579 -39.78 13.69 -24.70
C GLY A 579 -39.23 13.80 -23.27
N ALA A 580 -39.17 12.67 -22.60
CA ALA A 580 -38.77 12.61 -21.22
C ALA A 580 -37.27 12.64 -21.04
N THR A 581 -36.51 12.79 -22.13
CA THR A 581 -35.04 12.74 -22.01
C THR A 581 -34.48 13.98 -21.36
N PHE A 582 -35.13 15.12 -21.56
CA PHE A 582 -34.58 16.35 -21.02
C PHE A 582 -34.53 16.28 -19.52
N ASP A 583 -35.67 16.09 -18.86
CA ASP A 583 -35.62 16.04 -17.40
C ASP A 583 -34.94 14.77 -16.84
N VAL A 584 -35.14 13.63 -17.48
CA VAL A 584 -34.50 12.37 -17.01
C VAL A 584 -32.94 12.42 -17.01
N ALA A 585 -32.38 13.03 -18.04
CA ALA A 585 -30.94 13.28 -18.05
C ALA A 585 -30.50 14.00 -16.80
N TYR A 586 -31.21 15.05 -16.40
CA TYR A 586 -30.75 15.86 -15.27
C TYR A 586 -31.06 15.12 -14.02
N ARG A 587 -32.33 14.72 -13.89
CA ARG A 587 -32.83 14.26 -12.64
C ARG A 587 -32.25 12.92 -12.23
N PHE A 588 -32.20 11.95 -13.15
CA PHE A 588 -31.78 10.57 -12.82
C PHE A 588 -30.41 10.18 -13.35
N LEU A 589 -29.91 10.82 -14.41
CA LEU A 589 -28.60 10.42 -14.98
C LEU A 589 -27.42 11.35 -14.63
N ASN A 590 -27.71 12.44 -13.94
CA ASN A 590 -26.69 13.41 -13.53
C ASN A 590 -25.86 13.95 -14.72
N GLU A 591 -26.55 14.13 -15.83
CA GLU A 591 -25.89 14.61 -17.04
C GLU A 591 -26.74 15.64 -17.77
N ASP A 592 -26.08 16.34 -18.68
CA ASP A 592 -26.63 17.50 -19.35
C ASP A 592 -27.18 17.10 -20.70
N PRO A 593 -28.50 17.25 -20.89
CA PRO A 593 -29.10 16.97 -22.20
C PRO A 593 -28.53 17.80 -23.33
N TRP A 594 -28.19 19.06 -23.06
CA TRP A 594 -27.60 19.93 -24.09
C TRP A 594 -26.24 19.34 -24.59
N VAL A 595 -25.46 18.81 -23.67
CA VAL A 595 -24.19 18.21 -24.04
C VAL A 595 -24.38 16.99 -24.97
N ARG A 596 -25.47 16.27 -24.72
CA ARG A 596 -25.79 15.12 -25.51
C ARG A 596 -26.13 15.58 -26.88
N LEU A 597 -26.94 16.63 -26.95
CA LEU A 597 -27.40 17.10 -28.24
C LEU A 597 -26.21 17.66 -29.02
N GLU A 598 -25.34 18.38 -28.34
CA GLU A 598 -24.22 19.03 -29.03
C GLU A 598 -23.06 18.10 -29.41
N THR A 599 -22.69 17.19 -28.52
CA THR A 599 -21.73 16.19 -28.84
C THR A 599 -22.21 15.38 -30.04
N LEU A 600 -23.47 14.98 -30.02
CA LEU A 600 -24.00 14.18 -31.14
C LEU A 600 -24.00 14.93 -32.47
N ARG A 601 -24.35 16.20 -32.42
CA ARG A 601 -24.43 17.00 -33.64
C ARG A 601 -23.14 16.87 -34.44
N LYS A 602 -22.00 16.97 -33.76
CA LYS A 602 -20.74 16.82 -34.46
C LYS A 602 -20.60 15.37 -34.91
N GLN A 603 -20.93 14.43 -34.04
CA GLN A 603 -20.74 13.04 -34.39
C GLN A 603 -21.56 12.56 -35.57
N ILE A 604 -22.73 13.13 -35.77
CA ILE A 604 -23.59 12.75 -36.91
C ILE A 604 -23.96 13.97 -37.71
N PRO A 605 -23.09 14.38 -38.64
CA PRO A 605 -23.31 15.67 -39.30
C PRO A 605 -24.10 15.54 -40.59
N ASN A 606 -24.48 14.32 -40.94
CA ASN A 606 -25.07 14.03 -42.23
C ASN A 606 -26.57 13.81 -42.20
N VAL A 607 -27.15 13.51 -41.02
CA VAL A 607 -28.60 13.19 -40.90
C VAL A 607 -29.33 14.13 -39.96
N MET A 608 -30.54 14.50 -40.28
CA MET A 608 -31.24 15.55 -39.49
C MET A 608 -31.62 15.02 -38.10
N PHE A 609 -31.56 15.87 -37.09
CA PHE A 609 -31.96 15.47 -35.74
C PHE A 609 -33.38 15.88 -35.51
N GLN A 610 -34.17 14.96 -34.98
CA GLN A 610 -35.55 15.26 -34.66
C GLN A 610 -35.69 15.24 -33.14
N MET A 611 -36.64 16.04 -32.63
CA MET A 611 -37.03 16.02 -31.22
C MET A 611 -38.53 15.93 -31.09
N LEU A 612 -39.00 15.50 -29.92
CA LEU A 612 -40.45 15.53 -29.60
C LEU A 612 -40.68 16.66 -28.61
N LEU A 613 -41.59 17.58 -28.99
CA LEU A 613 -41.95 18.77 -28.22
C LEU A 613 -43.44 18.75 -27.89
N ARG A 614 -43.76 18.85 -26.61
CA ARG A 614 -45.14 19.14 -26.19
C ARG A 614 -45.31 20.59 -26.53
N GLY A 615 -46.32 20.94 -27.32
CA GLY A 615 -46.43 22.33 -27.76
C GLY A 615 -46.44 23.33 -26.61
N ALA A 616 -47.49 23.32 -25.82
CA ALA A 616 -47.63 24.24 -24.70
C ALA A 616 -46.47 24.27 -23.72
N ASN A 617 -46.00 23.09 -23.29
CA ASN A 617 -45.05 22.99 -22.17
C ASN A 617 -43.65 22.49 -22.54
N ALA A 618 -43.31 22.56 -23.83
CA ALA A 618 -42.01 22.13 -24.33
C ALA A 618 -41.63 20.68 -23.95
N VAL A 619 -40.70 20.54 -23.01
CA VAL A 619 -40.27 19.27 -22.49
C VAL A 619 -40.50 19.29 -21.00
N GLY A 620 -41.02 20.43 -20.53
CA GLY A 620 -41.18 20.71 -19.12
C GLY A 620 -42.40 20.07 -18.48
N TYR A 621 -42.65 20.52 -17.24
CA TYR A 621 -43.60 19.89 -16.29
C TYR A 621 -44.79 20.75 -15.91
N LYS A 622 -44.96 21.89 -16.57
CA LYS A 622 -45.87 22.96 -16.15
C LYS A 622 -46.63 23.49 -17.36
N ASN A 623 -47.12 24.71 -17.20
CA ASN A 623 -47.14 25.68 -18.28
C ASN A 623 -46.11 26.78 -18.07
N TYR A 624 -45.70 27.37 -19.18
CA TYR A 624 -44.66 28.35 -19.16
C TYR A 624 -45.04 29.46 -20.10
N PRO A 625 -44.64 30.69 -19.76
CA PRO A 625 -44.86 31.83 -20.64
C PRO A 625 -44.19 31.73 -22.02
N ASP A 626 -44.83 32.37 -22.98
CA ASP A 626 -44.42 32.28 -24.38
C ASP A 626 -42.94 32.47 -24.63
N ASN A 627 -42.32 33.42 -23.94
CA ASN A 627 -40.91 33.74 -24.24
C ASN A 627 -39.97 32.63 -23.81
N VAL A 628 -40.43 31.82 -22.85
CA VAL A 628 -39.69 30.65 -22.38
C VAL A 628 -39.73 29.60 -23.46
N ILE A 629 -40.94 29.30 -23.94
CA ILE A 629 -41.08 28.37 -25.05
C ILE A 629 -40.23 28.79 -26.27
N ARG A 630 -40.24 30.08 -26.61
CA ARG A 630 -39.53 30.53 -27.80
C ARG A 630 -38.04 30.48 -27.58
N GLU A 631 -37.62 30.69 -26.32
CA GLU A 631 -36.19 30.65 -26.03
C GLU A 631 -35.69 29.20 -26.08
N PHE A 632 -36.46 28.31 -25.45
CA PHE A 632 -36.14 26.91 -25.52
C PHE A 632 -36.00 26.44 -26.95
N VAL A 633 -37.01 26.72 -27.77
CA VAL A 633 -36.96 26.34 -29.18
C VAL A 633 -35.81 26.98 -29.92
N LYS A 634 -35.56 28.25 -29.64
CA LYS A 634 -34.48 28.94 -30.33
C LYS A 634 -33.15 28.24 -30.10
N GLN A 635 -32.90 27.85 -28.85
CA GLN A 635 -31.64 27.21 -28.46
C GLN A 635 -31.53 25.80 -28.98
N SER A 636 -32.62 25.06 -28.83
CA SER A 636 -32.74 23.73 -29.40
C SER A 636 -32.31 23.78 -30.85
N ALA A 637 -32.88 24.73 -31.58
CA ALA A 637 -32.54 24.90 -32.99
C ALA A 637 -31.06 25.23 -33.25
N GLN A 638 -30.48 26.19 -32.52
CA GLN A 638 -29.05 26.53 -32.65
C GLN A 638 -28.22 25.31 -32.35
N SER A 639 -28.55 24.63 -31.26
CA SER A 639 -27.71 23.56 -30.76
C SER A 639 -27.69 22.34 -31.68
N GLY A 640 -28.64 22.25 -32.63
CA GLY A 640 -28.59 21.27 -33.72
C GLY A 640 -29.84 20.46 -34.09
N VAL A 641 -30.96 20.75 -33.44
CA VAL A 641 -32.21 20.06 -33.71
C VAL A 641 -32.83 20.61 -34.98
N ASP A 642 -33.20 19.72 -35.90
CA ASP A 642 -33.67 20.11 -37.22
C ASP A 642 -35.16 19.94 -37.48
N VAL A 643 -35.77 19.01 -36.77
CA VAL A 643 -37.13 18.69 -37.04
C VAL A 643 -37.80 18.64 -35.71
N PHE A 644 -38.90 19.36 -35.54
CA PHE A 644 -39.63 19.45 -34.29
C PHE A 644 -41.02 18.81 -34.46
N ARG A 645 -41.24 17.68 -33.83
CA ARG A 645 -42.53 17.06 -33.87
C ARG A 645 -43.30 17.74 -32.73
N VAL A 646 -44.36 18.46 -33.06
CA VAL A 646 -45.05 19.28 -32.08
C VAL A 646 -46.49 18.80 -31.91
N PHE A 647 -46.89 18.50 -30.67
CA PHE A 647 -48.20 17.93 -30.43
C PHE A 647 -48.89 18.56 -29.24
N ASP A 648 -50.21 18.39 -29.18
CA ASP A 648 -50.96 18.77 -27.99
C ASP A 648 -51.71 17.56 -27.45
N SER A 649 -51.69 17.38 -26.14
CA SER A 649 -52.20 16.17 -25.53
C SER A 649 -53.71 16.04 -25.65
N LEU A 650 -54.38 17.14 -26.01
CA LEU A 650 -55.83 17.14 -26.30
C LEU A 650 -56.14 17.50 -27.75
N ASN A 651 -55.10 17.60 -28.57
CA ASN A 651 -55.22 17.97 -29.97
C ASN A 651 -55.81 19.37 -30.15
N TRP A 652 -55.58 20.21 -29.16
CA TRP A 652 -56.06 21.57 -29.22
C TRP A 652 -55.02 22.40 -29.96
N ILE A 653 -55.32 22.81 -31.19
CA ILE A 653 -54.34 23.53 -32.04
C ILE A 653 -53.77 24.84 -31.45
N LYS A 654 -54.58 25.58 -30.70
CA LYS A 654 -54.10 26.79 -29.98
C LYS A 654 -52.87 26.50 -29.11
N GLY A 655 -52.85 25.34 -28.47
CA GLY A 655 -51.76 24.95 -27.60
C GLY A 655 -50.41 24.76 -28.27
N MET A 656 -50.37 24.62 -29.59
CA MET A 656 -49.10 24.51 -30.32
C MET A 656 -48.65 25.80 -31.02
N GLU A 657 -49.49 26.84 -31.00
CA GLU A 657 -49.29 27.96 -31.95
C GLU A 657 -47.97 28.69 -31.73
N VAL A 658 -47.59 28.92 -30.45
CA VAL A 658 -46.28 29.54 -30.11
C VAL A 658 -45.06 28.74 -30.65
N SER A 659 -45.06 27.45 -30.31
CA SER A 659 -44.02 26.50 -30.70
C SER A 659 -43.88 26.47 -32.21
N ILE A 660 -44.97 26.15 -32.90
CA ILE A 660 -44.92 26.13 -34.35
C ILE A 660 -44.27 27.39 -34.93
N ASP A 661 -44.80 28.54 -34.53
CA ASP A 661 -44.26 29.82 -34.99
C ASP A 661 -42.75 29.95 -34.73
N ALA A 662 -42.33 29.56 -33.52
CA ALA A 662 -40.90 29.59 -33.12
C ALA A 662 -39.98 28.70 -33.98
N VAL A 663 -40.51 27.57 -34.40
CA VAL A 663 -39.76 26.65 -35.20
C VAL A 663 -39.58 27.29 -36.55
N ARG A 664 -40.67 27.78 -37.18
CA ARG A 664 -40.58 28.51 -38.47
C ARG A 664 -39.50 29.57 -38.39
N GLU A 665 -39.59 30.38 -37.34
CA GLU A 665 -38.68 31.50 -37.23
C GLU A 665 -37.23 31.08 -37.08
N ALA A 666 -36.95 29.84 -36.64
CA ALA A 666 -35.57 29.35 -36.52
C ALA A 666 -35.00 28.75 -37.81
N GLY A 667 -35.83 28.63 -38.84
CA GLY A 667 -35.41 28.12 -40.13
C GLY A 667 -35.54 26.62 -40.23
N LYS A 668 -36.31 26.01 -39.34
CA LYS A 668 -36.29 24.56 -39.19
C LYS A 668 -37.58 23.95 -39.65
N ILE A 669 -37.68 22.63 -39.52
CA ILE A 669 -38.83 21.93 -39.99
C ILE A 669 -39.85 21.82 -38.87
N VAL A 670 -41.11 22.01 -39.21
CA VAL A 670 -42.22 21.91 -38.33
C VAL A 670 -42.93 20.63 -38.73
N GLU A 671 -43.14 19.76 -37.74
CA GLU A 671 -43.98 18.63 -37.92
C GLU A 671 -45.07 18.66 -36.86
N ALA A 672 -46.07 19.49 -37.15
CA ALA A 672 -47.26 19.53 -36.35
C ALA A 672 -47.89 18.16 -36.41
N ALA A 673 -48.34 17.63 -35.26
CA ALA A 673 -48.88 16.28 -35.23
C ALA A 673 -50.26 16.18 -34.65
N ILE A 674 -51.00 15.24 -35.23
CA ILE A 674 -52.31 14.87 -34.75
C ILE A 674 -52.23 13.56 -33.97
N CYS A 675 -52.75 13.55 -32.75
CA CYS A 675 -52.69 12.38 -31.90
C CYS A 675 -53.84 11.43 -32.26
N TYR A 676 -53.56 10.17 -32.61
CA TYR A 676 -54.64 9.26 -32.96
C TYR A 676 -55.25 8.67 -31.70
N THR A 677 -56.57 8.64 -31.65
CA THR A 677 -57.32 7.95 -30.60
C THR A 677 -58.65 7.46 -31.20
N GLY A 678 -59.37 6.68 -30.41
CA GLY A 678 -60.55 5.99 -30.89
C GLY A 678 -60.29 4.94 -31.96
N ASP A 679 -61.17 4.93 -32.96
CA ASP A 679 -61.26 3.84 -33.89
C ASP A 679 -62.23 4.20 -35.02
N ILE A 680 -61.69 4.86 -36.04
CA ILE A 680 -62.45 5.28 -37.21
C ILE A 680 -63.15 4.16 -38.03
N ASP A 681 -62.77 2.90 -37.87
CA ASP A 681 -63.53 1.80 -38.48
C ASP A 681 -64.84 1.51 -37.71
N ASP A 682 -65.14 2.24 -36.62
CA ASP A 682 -66.32 1.98 -35.79
C ASP A 682 -67.27 3.19 -35.75
N ASP A 683 -68.41 3.12 -36.47
CA ASP A 683 -69.32 4.30 -36.60
C ASP A 683 -70.19 4.65 -35.36
N THR A 684 -70.49 3.66 -34.50
CA THR A 684 -70.91 3.90 -33.10
C THR A 684 -70.22 5.14 -32.49
N ARG A 685 -68.92 5.25 -32.77
CA ARG A 685 -68.06 6.26 -32.18
C ARG A 685 -68.05 7.41 -33.16
N THR A 686 -68.60 8.54 -32.74
CA THR A 686 -68.90 9.63 -33.68
C THR A 686 -68.04 10.85 -33.46
N LYS A 687 -67.26 10.87 -32.38
CA LYS A 687 -66.41 12.01 -32.03
C LYS A 687 -65.06 12.07 -32.78
N TYR A 688 -64.27 11.00 -32.71
CA TYR A 688 -62.97 10.98 -33.37
C TYR A 688 -63.03 10.08 -34.62
N THR A 689 -63.47 10.72 -35.70
CA THR A 689 -63.80 10.11 -37.00
C THR A 689 -62.84 10.59 -38.06
N ILE A 690 -62.96 10.06 -39.26
CA ILE A 690 -62.03 10.43 -40.29
C ILE A 690 -62.21 11.90 -40.67
N ASP A 691 -63.43 12.40 -40.56
CA ASP A 691 -63.66 13.81 -40.90
C ASP A 691 -62.95 14.68 -39.89
N TYR A 692 -63.04 14.29 -38.63
CA TYR A 692 -62.22 14.90 -37.56
C TYR A 692 -60.73 15.04 -37.94
N TYR A 693 -60.11 13.96 -38.38
CA TYR A 693 -58.67 13.97 -38.67
C TYR A 693 -58.38 14.82 -39.91
N LYS A 694 -59.30 14.75 -40.88
CA LYS A 694 -59.21 15.58 -42.09
C LYS A 694 -59.33 17.10 -41.83
N ASP A 695 -60.32 17.53 -41.02
CA ASP A 695 -60.49 18.95 -40.67
C ASP A 695 -59.21 19.49 -40.08
N MET A 696 -58.65 18.70 -39.18
CA MET A 696 -57.52 19.13 -38.37
C MET A 696 -56.25 19.07 -39.16
N ALA A 697 -56.15 18.06 -40.01
CA ALA A 697 -55.07 18.07 -40.98
C ALA A 697 -55.02 19.39 -41.75
N LYS A 698 -56.17 19.93 -42.17
CA LYS A 698 -56.19 21.19 -42.96
C LYS A 698 -55.81 22.40 -42.14
N GLU A 699 -56.46 22.57 -40.97
CA GLU A 699 -56.13 23.68 -40.05
C GLU A 699 -54.62 23.70 -39.81
N LEU A 700 -54.02 22.54 -39.62
CA LEU A 700 -52.58 22.46 -39.34
C LEU A 700 -51.72 22.86 -40.53
N VAL A 701 -52.18 22.57 -41.74
CA VAL A 701 -51.50 23.06 -42.94
C VAL A 701 -51.66 24.56 -43.03
N ALA A 702 -52.89 25.03 -42.75
CA ALA A 702 -53.18 26.45 -42.63
C ALA A 702 -52.29 27.09 -41.59
N GLN A 703 -52.15 26.46 -40.43
CA GLN A 703 -51.28 27.01 -39.38
C GLN A 703 -49.80 27.01 -39.81
N GLY A 704 -49.48 26.21 -40.83
CA GLY A 704 -48.20 26.29 -41.50
C GLY A 704 -47.20 25.27 -41.04
N THR A 705 -47.53 23.98 -41.20
CA THR A 705 -46.60 22.86 -40.91
C THR A 705 -45.97 22.37 -42.19
N HIS A 706 -44.67 22.08 -42.17
CA HIS A 706 -44.02 21.49 -43.35
C HIS A 706 -44.42 20.05 -43.56
N ILE A 707 -44.44 19.27 -42.48
CA ILE A 707 -44.76 17.83 -42.56
C ILE A 707 -45.90 17.57 -41.62
N LEU A 708 -46.85 16.76 -42.02
CA LEU A 708 -47.96 16.40 -41.16
C LEU A 708 -47.59 15.08 -40.53
N GLY A 709 -47.64 15.06 -39.20
CA GLY A 709 -47.25 13.92 -38.41
C GLY A 709 -48.50 13.36 -37.82
N ILE A 710 -48.57 12.03 -37.74
CA ILE A 710 -49.65 11.31 -37.08
C ILE A 710 -49.01 10.50 -35.98
N LYS A 711 -49.45 10.76 -34.77
CA LYS A 711 -48.77 10.32 -33.57
C LYS A 711 -49.70 9.38 -32.91
N ASP A 712 -49.47 8.07 -33.10
CA ASP A 712 -50.34 7.04 -32.53
C ASP A 712 -49.69 6.54 -31.23
N MET A 713 -49.87 7.34 -30.17
CA MET A 713 -49.09 7.24 -28.93
C MET A 713 -49.33 5.92 -28.27
N ALA A 714 -50.57 5.42 -28.41
CA ALA A 714 -50.99 4.19 -27.76
C ALA A 714 -50.99 2.92 -28.65
N GLY A 715 -50.61 3.05 -29.92
CA GLY A 715 -50.68 1.90 -30.84
C GLY A 715 -52.10 1.46 -31.18
N LEU A 716 -53.01 2.43 -31.28
CA LEU A 716 -54.43 2.16 -31.51
C LEU A 716 -54.84 2.05 -32.98
N LEU A 717 -54.02 2.58 -33.87
CA LEU A 717 -54.33 2.57 -35.27
C LEU A 717 -54.17 1.17 -35.87
N LYS A 718 -55.29 0.45 -35.97
CA LYS A 718 -55.36 -0.80 -36.72
C LYS A 718 -55.02 -0.59 -38.23
N PRO A 719 -54.70 -1.68 -38.93
CA PRO A 719 -54.11 -1.60 -40.27
C PRO A 719 -55.05 -1.12 -41.36
N GLN A 720 -56.29 -1.58 -41.33
CA GLN A 720 -57.22 -1.20 -42.38
C GLN A 720 -57.55 0.28 -42.24
N ALA A 721 -57.59 0.75 -41.00
CA ALA A 721 -57.83 2.17 -40.71
C ALA A 721 -56.64 3.03 -41.07
N ALA A 722 -55.48 2.42 -41.09
CA ALA A 722 -54.29 3.11 -41.49
C ALA A 722 -54.37 3.36 -43.00
N TYR A 723 -54.58 2.30 -43.76
CA TYR A 723 -54.81 2.43 -45.21
C TYR A 723 -55.80 3.56 -45.52
N ARG A 724 -56.96 3.54 -44.86
CA ARG A 724 -58.01 4.49 -45.17
C ARG A 724 -57.61 5.89 -44.76
N LEU A 725 -57.15 6.04 -43.52
CA LEU A 725 -56.71 7.33 -42.97
C LEU A 725 -55.58 8.03 -43.76
N ILE A 726 -54.57 7.29 -44.12
CA ILE A 726 -53.43 7.85 -44.82
C ILE A 726 -53.83 8.17 -46.24
N GLY A 727 -54.50 7.22 -46.90
CA GLY A 727 -55.13 7.47 -48.21
C GLY A 727 -55.93 8.77 -48.26
N GLU A 728 -56.96 8.87 -47.41
CA GLU A 728 -57.79 10.05 -47.31
C GLU A 728 -56.93 11.31 -47.09
N LEU A 729 -56.06 11.29 -46.09
CA LEU A 729 -55.24 12.45 -45.80
C LEU A 729 -54.33 12.83 -46.96
N LYS A 730 -53.85 11.85 -47.72
CA LYS A 730 -53.13 12.17 -48.94
C LYS A 730 -54.03 12.84 -50.01
N ASP A 731 -55.28 12.39 -50.13
CA ASP A 731 -56.23 13.04 -51.04
C ASP A 731 -56.56 14.47 -50.60
N THR A 732 -56.31 14.78 -49.33
CA THR A 732 -56.75 16.01 -48.72
C THR A 732 -55.70 17.08 -48.56
N VAL A 733 -54.45 16.72 -48.29
CA VAL A 733 -53.39 17.75 -48.05
C VAL A 733 -52.10 17.43 -48.81
N ASP A 734 -51.39 18.49 -49.10
CA ASP A 734 -50.33 18.44 -50.08
C ASP A 734 -48.99 18.49 -49.33
N VAL A 735 -48.98 18.01 -48.09
CA VAL A 735 -47.72 17.89 -47.35
C VAL A 735 -47.40 16.43 -47.19
N PRO A 736 -46.12 16.09 -47.09
CA PRO A 736 -45.77 14.70 -46.78
C PRO A 736 -46.33 14.27 -45.41
N ILE A 737 -46.44 12.98 -45.20
CA ILE A 737 -47.01 12.51 -43.93
C ILE A 737 -46.01 11.62 -43.24
N HIS A 738 -45.92 11.79 -41.92
CA HIS A 738 -44.96 11.07 -41.06
C HIS A 738 -45.77 10.30 -40.04
N LEU A 739 -45.74 8.97 -40.10
CA LEU A 739 -46.47 8.15 -39.12
C LEU A 739 -45.61 7.60 -37.96
N HIS A 740 -46.21 7.59 -36.78
CA HIS A 740 -45.55 7.10 -35.59
C HIS A 740 -46.53 6.25 -34.80
N THR A 741 -46.31 4.95 -34.74
CA THR A 741 -47.07 4.08 -33.87
C THR A 741 -46.21 3.34 -32.84
N HIS A 742 -46.87 2.56 -32.01
CA HIS A 742 -46.25 1.73 -31.01
C HIS A 742 -46.71 0.29 -31.27
N ASP A 743 -45.83 -0.70 -31.04
CA ASP A 743 -46.10 -2.07 -31.46
C ASP A 743 -46.80 -2.82 -30.33
N THR A 744 -47.42 -2.06 -29.42
CA THR A 744 -48.10 -2.59 -28.24
C THR A 744 -48.96 -3.80 -28.51
N SER A 745 -49.78 -3.72 -29.55
CA SER A 745 -50.75 -4.79 -29.90
C SER A 745 -50.19 -5.97 -30.66
N GLY A 746 -48.97 -5.83 -31.16
CA GLY A 746 -48.39 -6.80 -32.08
C GLY A 746 -48.67 -6.47 -33.55
N ASN A 747 -49.46 -5.43 -33.86
CA ASN A 747 -49.84 -5.13 -35.28
C ASN A 747 -49.09 -3.94 -35.94
N GLY A 748 -48.08 -3.44 -35.25
CA GLY A 748 -47.25 -2.32 -35.71
C GLY A 748 -46.77 -2.39 -37.14
N ILE A 749 -46.10 -3.48 -37.48
CA ILE A 749 -45.51 -3.66 -38.79
C ILE A 749 -46.62 -3.72 -39.86
N TYR A 750 -47.60 -4.58 -39.59
CA TYR A 750 -48.79 -4.73 -40.42
C TYR A 750 -49.40 -3.37 -40.60
N THR A 751 -49.61 -2.64 -39.51
CA THR A 751 -50.16 -1.27 -39.66
C THR A 751 -49.25 -0.40 -40.54
N TYR A 752 -47.93 -0.49 -40.36
CA TYR A 752 -46.98 0.22 -41.23
C TYR A 752 -47.07 -0.19 -42.71
N ALA A 753 -47.35 -1.46 -42.96
CA ALA A 753 -47.41 -1.95 -44.34
C ALA A 753 -48.66 -1.37 -45.05
N ALA A 754 -49.76 -1.34 -44.33
CA ALA A 754 -50.94 -0.65 -44.77
C ALA A 754 -50.63 0.81 -45.04
N ALA A 755 -50.09 1.52 -44.06
CA ALA A 755 -49.71 2.92 -44.28
C ALA A 755 -48.83 3.08 -45.51
N VAL A 756 -47.93 2.14 -45.75
CA VAL A 756 -47.02 2.22 -46.86
C VAL A 756 -47.82 2.03 -48.16
N SER A 757 -48.71 1.04 -48.20
CA SER A 757 -49.54 0.87 -49.39
C SER A 757 -50.33 2.16 -49.73
N ALA A 758 -50.78 2.89 -48.72
CA ALA A 758 -51.54 4.09 -48.99
C ALA A 758 -50.72 5.34 -49.23
N GLY A 759 -49.40 5.27 -49.30
CA GLY A 759 -48.63 6.48 -49.61
C GLY A 759 -47.87 7.20 -48.50
N VAL A 760 -47.91 6.73 -47.25
CA VAL A 760 -47.21 7.45 -46.15
C VAL A 760 -45.77 7.76 -46.52
N ASP A 761 -45.26 8.91 -46.15
CA ASP A 761 -43.93 9.31 -46.61
C ASP A 761 -42.80 8.85 -45.72
N ILE A 762 -43.06 8.75 -44.43
CA ILE A 762 -42.03 8.52 -43.44
C ILE A 762 -42.61 7.74 -42.28
N VAL A 763 -41.88 6.76 -41.78
CA VAL A 763 -42.32 6.02 -40.59
C VAL A 763 -41.21 5.86 -39.56
N ASP A 764 -41.62 5.75 -38.32
CA ASP A 764 -40.69 5.68 -37.21
C ASP A 764 -40.44 4.23 -36.83
N VAL A 765 -39.17 3.83 -36.86
CA VAL A 765 -38.77 2.48 -36.48
C VAL A 765 -37.64 2.51 -35.51
N ALA A 766 -37.31 1.35 -34.95
CA ALA A 766 -36.16 1.30 -34.05
C ALA A 766 -35.30 0.09 -34.30
N SER A 767 -34.08 0.14 -33.80
CA SER A 767 -33.22 -1.04 -33.87
C SER A 767 -33.98 -2.26 -33.34
N SER A 768 -33.86 -3.41 -33.98
CA SER A 768 -34.63 -4.57 -33.55
C SER A 768 -34.52 -4.79 -32.04
N ALA A 769 -33.33 -4.70 -31.50
CA ALA A 769 -33.13 -5.01 -30.09
C ALA A 769 -33.79 -4.04 -29.10
N MET A 770 -34.31 -2.92 -29.61
CA MET A 770 -35.01 -1.91 -28.84
C MET A 770 -36.38 -1.61 -29.44
N SER A 771 -36.93 -2.62 -30.13
CA SER A 771 -38.20 -2.51 -30.85
C SER A 771 -39.16 -3.52 -30.28
N GLY A 772 -40.39 -3.54 -30.78
CA GLY A 772 -41.38 -4.46 -30.22
C GLY A 772 -42.07 -3.95 -28.96
N ALA A 773 -43.17 -4.62 -28.63
CA ALA A 773 -43.91 -4.31 -27.44
C ALA A 773 -44.29 -2.83 -27.45
N THR A 774 -43.96 -2.06 -26.40
CA THR A 774 -44.37 -0.65 -26.33
C THR A 774 -43.42 0.30 -27.04
N SER A 775 -42.45 -0.26 -27.77
CA SER A 775 -41.56 0.57 -28.59
C SER A 775 -42.06 0.68 -30.05
N GLN A 776 -41.22 1.21 -30.93
CA GLN A 776 -41.52 1.19 -32.36
C GLN A 776 -41.31 -0.20 -32.98
N PRO A 777 -41.95 -0.47 -34.11
CA PRO A 777 -41.56 -1.65 -34.89
C PRO A 777 -40.10 -1.63 -35.35
N SER A 778 -39.53 -2.80 -35.64
CA SER A 778 -38.12 -2.93 -36.06
C SER A 778 -37.78 -2.35 -37.42
N MET A 779 -36.70 -1.59 -37.51
CA MET A 779 -36.32 -1.01 -38.81
C MET A 779 -35.93 -2.12 -39.76
N THR A 780 -35.23 -3.11 -39.27
CA THR A 780 -34.89 -4.22 -40.13
C THR A 780 -36.10 -5.13 -40.39
N GLY A 781 -37.00 -5.25 -39.42
CA GLY A 781 -38.21 -6.04 -39.60
C GLY A 781 -38.99 -5.54 -40.78
N LEU A 782 -39.05 -4.22 -40.86
CA LEU A 782 -39.85 -3.55 -41.85
C LEU A 782 -39.20 -3.74 -43.17
N TYR A 783 -37.88 -3.55 -43.23
CA TYR A 783 -37.18 -3.66 -44.50
C TYR A 783 -37.49 -5.02 -45.12
N TYR A 784 -37.32 -6.07 -44.34
CA TYR A 784 -37.53 -7.41 -44.88
C TYR A 784 -38.97 -7.70 -45.22
N GLY A 785 -39.91 -7.14 -44.47
CA GLY A 785 -41.32 -7.36 -44.77
C GLY A 785 -41.77 -6.65 -46.06
N LEU A 786 -41.13 -5.54 -46.41
CA LEU A 786 -41.47 -4.80 -47.61
C LEU A 786 -40.59 -5.03 -48.79
N VAL A 787 -39.39 -5.54 -48.59
CA VAL A 787 -38.45 -5.66 -49.72
C VAL A 787 -38.99 -6.44 -50.95
N ASN A 788 -40.02 -7.27 -50.82
CA ASN A 788 -40.66 -7.83 -52.00
C ASN A 788 -42.06 -7.27 -52.31
N GLY A 789 -42.38 -6.08 -51.83
CA GLY A 789 -43.68 -5.49 -52.13
C GLY A 789 -43.57 -4.50 -53.25
N ASN A 790 -44.69 -3.90 -53.63
CA ASN A 790 -44.69 -2.81 -54.62
C ASN A 790 -43.89 -1.59 -54.18
N ARG A 791 -43.66 -1.45 -52.87
CA ARG A 791 -43.05 -0.24 -52.29
C ARG A 791 -42.09 -0.60 -51.14
N GLN A 792 -40.84 -0.15 -51.26
CA GLN A 792 -39.75 -0.63 -50.42
C GLN A 792 -39.29 0.46 -49.47
N THR A 793 -38.40 0.10 -48.55
CA THR A 793 -37.72 1.07 -47.70
C THR A 793 -36.31 1.15 -48.21
N ASN A 794 -35.68 2.31 -48.04
CA ASN A 794 -34.26 2.49 -48.34
C ASN A 794 -33.49 2.26 -47.05
N LEU A 795 -32.94 1.07 -46.90
CA LEU A 795 -32.18 0.72 -45.72
C LEU A 795 -31.14 -0.29 -46.10
N ASP A 796 -30.05 -0.34 -45.35
CA ASP A 796 -29.12 -1.41 -45.54
C ASP A 796 -29.22 -2.39 -44.41
N ALA A 797 -29.91 -3.49 -44.65
CA ALA A 797 -30.15 -4.48 -43.64
C ALA A 797 -28.86 -4.78 -42.92
N GLN A 798 -27.83 -5.14 -43.67
CA GLN A 798 -26.67 -5.70 -43.02
C GLN A 798 -26.12 -4.64 -42.05
N ASN A 799 -25.98 -3.43 -42.54
CA ASN A 799 -25.48 -2.34 -41.70
C ASN A 799 -26.30 -2.21 -40.44
N SER A 800 -27.63 -2.25 -40.55
CA SER A 800 -28.50 -2.03 -39.38
C SER A 800 -28.44 -3.21 -38.39
N GLN A 801 -28.22 -4.41 -38.90
CA GLN A 801 -27.95 -5.57 -38.07
C GLN A 801 -26.66 -5.45 -37.24
N ILE A 802 -25.64 -4.82 -37.81
CA ILE A 802 -24.35 -4.62 -37.11
C ILE A 802 -24.43 -3.60 -35.99
N ILE A 803 -25.16 -2.53 -36.27
CA ILE A 803 -25.53 -1.56 -35.28
C ILE A 803 -26.38 -2.28 -34.24
N ASN A 804 -27.35 -3.06 -34.69
CA ASN A 804 -28.25 -3.70 -33.75
C ASN A 804 -27.51 -4.48 -32.68
N HIS A 805 -26.35 -5.06 -33.00
CA HIS A 805 -25.60 -5.89 -32.06
C HIS A 805 -25.14 -5.15 -30.84
N TYR A 806 -24.83 -3.86 -31.08
CA TYR A 806 -24.37 -2.97 -30.06
C TYR A 806 -25.44 -2.85 -29.02
N TRP A 807 -26.66 -2.58 -29.49
CA TRP A 807 -27.80 -2.49 -28.60
C TRP A 807 -28.19 -3.79 -27.95
N GLU A 808 -28.15 -4.88 -28.68
CA GLU A 808 -28.32 -6.23 -28.10
C GLU A 808 -27.48 -6.34 -26.80
N ASP A 809 -26.20 -5.95 -26.89
CA ASP A 809 -25.29 -6.04 -25.75
C ASP A 809 -25.59 -5.00 -24.66
N VAL A 810 -25.59 -3.73 -25.04
CA VAL A 810 -25.83 -2.63 -24.10
C VAL A 810 -27.16 -2.70 -23.30
N ARG A 811 -28.21 -3.18 -23.94
CA ARG A 811 -29.43 -3.35 -23.22
C ARG A 811 -29.23 -4.09 -21.89
N HIS A 812 -28.35 -5.08 -21.81
CA HIS A 812 -28.21 -5.83 -20.54
C HIS A 812 -27.87 -4.89 -19.38
N TYR A 813 -27.23 -3.77 -19.68
CA TYR A 813 -26.79 -2.88 -18.61
C TYR A 813 -28.00 -2.34 -17.86
N TYR A 814 -29.14 -2.27 -18.54
CA TYR A 814 -30.32 -1.64 -18.03
C TYR A 814 -31.36 -2.67 -17.50
N LYS A 815 -30.92 -3.90 -17.22
CA LYS A 815 -31.81 -4.91 -16.63
C LYS A 815 -32.73 -4.31 -15.57
N ASP A 816 -32.18 -3.64 -14.59
CA ASP A 816 -32.99 -3.04 -13.52
C ASP A 816 -34.09 -2.09 -13.97
N PHE A 817 -34.05 -1.59 -15.22
CA PHE A 817 -35.09 -0.66 -15.70
C PHE A 817 -35.89 -1.23 -16.85
N ASP A 818 -35.49 -2.41 -17.28
CA ASP A 818 -36.17 -3.13 -18.33
C ASP A 818 -37.37 -3.89 -17.76
N ASN A 819 -38.41 -3.16 -17.39
CA ASN A 819 -39.51 -3.71 -16.55
C ASN A 819 -40.85 -3.82 -17.27
N ALA A 820 -40.93 -3.24 -18.47
CA ALA A 820 -42.10 -3.39 -19.29
C ALA A 820 -42.24 -4.89 -19.54
N LEU A 821 -43.42 -5.43 -19.29
CA LEU A 821 -43.72 -6.81 -19.66
C LEU A 821 -43.76 -6.77 -21.20
N ASN A 822 -42.80 -7.41 -21.84
CA ASN A 822 -42.51 -7.14 -23.26
C ASN A 822 -43.07 -8.23 -24.18
N SER A 823 -44.38 -8.10 -24.43
CA SER A 823 -45.24 -9.06 -25.13
C SER A 823 -46.53 -8.29 -25.52
N PRO A 824 -47.22 -8.68 -26.62
CA PRO A 824 -48.43 -7.90 -26.89
C PRO A 824 -49.44 -7.72 -25.70
N GLN A 825 -50.08 -6.53 -25.65
CA GLN A 825 -51.19 -6.14 -24.75
C GLN A 825 -52.27 -5.51 -25.67
N THR A 826 -53.14 -6.32 -26.22
CA THR A 826 -54.25 -5.81 -26.98
C THR A 826 -55.32 -5.09 -26.13
N GLU A 827 -55.19 -5.13 -24.82
CA GLU A 827 -56.19 -4.50 -23.96
C GLU A 827 -56.18 -2.99 -24.13
N VAL A 828 -55.06 -2.46 -24.60
CA VAL A 828 -54.94 -1.05 -24.87
C VAL A 828 -56.10 -0.57 -25.79
N TYR A 829 -56.70 -1.47 -26.56
CA TYR A 829 -57.88 -1.11 -27.38
C TYR A 829 -59.12 -0.85 -26.53
N ILE A 830 -59.09 -1.28 -25.27
CA ILE A 830 -60.19 -1.05 -24.35
C ILE A 830 -59.88 0.20 -23.53
N HIS A 831 -58.68 0.28 -22.97
CA HIS A 831 -58.35 1.32 -22.01
C HIS A 831 -57.62 2.56 -22.57
N GLU A 832 -56.80 2.35 -23.59
CA GLU A 832 -56.14 3.42 -24.35
C GLU A 832 -54.99 4.17 -23.62
N MET A 833 -54.38 3.48 -22.66
CA MET A 833 -53.17 3.96 -21.98
C MET A 833 -52.00 3.93 -22.90
N PRO A 834 -51.31 5.07 -23.08
CA PRO A 834 -50.15 5.17 -23.97
C PRO A 834 -49.05 4.18 -23.66
N GLY A 835 -48.19 3.91 -24.65
CA GLY A 835 -47.01 3.06 -24.47
C GLY A 835 -46.42 3.17 -23.07
N GLY A 836 -45.92 4.36 -22.73
CA GLY A 836 -45.14 4.58 -21.51
C GLY A 836 -45.90 4.48 -20.21
N GLN A 837 -47.04 5.15 -20.15
CA GLN A 837 -47.76 5.29 -18.90
C GLN A 837 -48.33 3.96 -18.37
N TYR A 838 -48.38 2.90 -19.20
CA TYR A 838 -48.90 1.62 -18.69
C TYR A 838 -47.96 1.08 -17.60
N THR A 839 -46.70 0.86 -17.97
CA THR A 839 -45.67 0.40 -17.03
C THR A 839 -45.63 1.34 -15.82
N ASN A 840 -45.63 2.63 -16.11
CA ASN A 840 -45.59 3.66 -15.08
C ASN A 840 -46.78 3.64 -14.14
N LEU A 841 -48.01 3.66 -14.68
CA LEU A 841 -49.20 3.70 -13.81
C LEU A 841 -49.26 2.41 -12.95
N GLN A 842 -48.90 1.29 -13.56
CA GLN A 842 -48.81 0.05 -12.81
C GLN A 842 -47.91 0.23 -11.59
N GLN A 843 -46.77 0.89 -11.78
CA GLN A 843 -45.83 1.11 -10.68
C GLN A 843 -46.51 1.77 -9.51
N GLN A 844 -47.23 2.86 -9.78
CA GLN A 844 -47.85 3.60 -8.69
C GLN A 844 -48.91 2.75 -8.03
N ALA A 845 -49.67 2.02 -8.84
CA ALA A 845 -50.72 1.15 -8.31
C ALA A 845 -50.12 0.17 -7.30
N ILE A 846 -49.00 -0.43 -7.70
CA ILE A 846 -48.25 -1.36 -6.88
C ILE A 846 -47.72 -0.64 -5.63
N ALA A 847 -47.05 0.49 -5.85
CA ALA A 847 -46.49 1.34 -4.77
C ALA A 847 -47.48 1.64 -3.66
N VAL A 848 -48.69 2.02 -4.06
CA VAL A 848 -49.76 2.44 -3.15
C VAL A 848 -50.60 1.25 -2.63
N GLY A 849 -50.10 0.03 -2.76
CA GLY A 849 -50.79 -1.16 -2.23
C GLY A 849 -51.94 -1.68 -3.09
N LEU A 850 -51.95 -1.36 -4.38
CA LEU A 850 -53.07 -1.78 -5.25
C LEU A 850 -52.65 -2.74 -6.35
N GLY A 851 -51.47 -3.34 -6.20
CA GLY A 851 -50.94 -4.29 -7.19
C GLY A 851 -51.88 -5.47 -7.44
N ASP A 852 -52.60 -5.86 -6.38
CA ASP A 852 -53.62 -6.92 -6.43
C ASP A 852 -54.86 -6.62 -7.27
N ARG A 853 -55.04 -5.34 -7.60
CA ARG A 853 -56.30 -4.81 -8.10
C ARG A 853 -56.07 -4.00 -9.38
N TRP A 854 -55.01 -4.35 -10.09
CA TRP A 854 -54.59 -3.62 -11.28
C TRP A 854 -55.69 -3.66 -12.34
N ASP A 855 -56.43 -4.75 -12.40
CA ASP A 855 -57.49 -4.89 -13.40
C ASP A 855 -58.60 -3.90 -13.09
N GLU A 856 -59.01 -3.79 -11.82
CA GLU A 856 -59.97 -2.75 -11.39
C GLU A 856 -59.58 -1.34 -11.88
N VAL A 857 -58.30 -1.01 -11.74
CA VAL A 857 -57.74 0.28 -12.12
C VAL A 857 -57.75 0.47 -13.63
N LYS A 858 -57.43 -0.57 -14.39
CA LYS A 858 -57.53 -0.49 -15.86
C LYS A 858 -58.99 -0.29 -16.30
N GLU A 859 -59.95 -0.93 -15.62
CA GLU A 859 -61.39 -0.71 -15.88
C GLU A 859 -61.77 0.73 -15.54
N MET A 860 -61.24 1.25 -14.43
CA MET A 860 -61.56 2.60 -13.98
C MET A 860 -60.95 3.62 -14.92
N TYR A 861 -59.79 3.30 -15.47
CA TYR A 861 -59.13 4.21 -16.39
C TYR A 861 -60.07 4.51 -17.57
N THR A 862 -60.77 3.44 -18.00
CA THR A 862 -61.72 3.49 -19.12
C THR A 862 -62.97 4.27 -18.70
N VAL A 863 -63.43 4.03 -17.48
CA VAL A 863 -64.60 4.71 -16.96
C VAL A 863 -64.33 6.20 -16.94
N VAL A 864 -63.19 6.57 -16.38
CA VAL A 864 -62.82 7.96 -16.26
C VAL A 864 -62.70 8.69 -17.61
N ASN A 865 -62.15 8.02 -18.62
CA ASN A 865 -62.09 8.63 -19.95
C ASN A 865 -63.48 8.98 -20.43
N GLN A 866 -64.49 8.16 -20.09
CA GLN A 866 -65.90 8.42 -20.45
C GLN A 866 -66.46 9.57 -19.60
N MET A 867 -66.18 9.52 -18.31
CA MET A 867 -66.49 10.63 -17.40
C MET A 867 -65.97 11.97 -17.94
N PHE A 868 -64.82 11.99 -18.59
CA PHE A 868 -64.25 13.22 -19.15
C PHE A 868 -64.78 13.51 -20.58
N GLY A 869 -65.75 12.72 -21.04
CA GLY A 869 -66.35 12.91 -22.37
C GLY A 869 -65.55 12.34 -23.52
N ASP A 870 -64.49 11.58 -23.19
CA ASP A 870 -63.61 10.89 -24.14
C ASP A 870 -62.53 11.82 -24.71
N ILE A 871 -61.40 11.82 -24.04
CA ILE A 871 -60.33 12.72 -24.42
C ILE A 871 -59.18 11.96 -25.02
N VAL A 872 -58.32 12.70 -25.75
CA VAL A 872 -57.02 12.23 -26.19
C VAL A 872 -56.12 12.10 -24.97
N LYS A 873 -55.51 10.93 -24.81
CA LYS A 873 -54.73 10.59 -23.63
C LYS A 873 -53.27 10.33 -24.03
N VAL A 874 -52.43 11.29 -23.64
CA VAL A 874 -51.01 11.29 -23.94
C VAL A 874 -50.51 12.35 -22.97
N THR A 875 -49.20 12.42 -22.73
CA THR A 875 -48.69 13.33 -21.69
C THR A 875 -49.01 14.78 -22.07
N PRO A 876 -49.71 15.53 -21.19
CA PRO A 876 -50.13 15.23 -19.82
C PRO A 876 -51.59 14.88 -19.57
N SER A 877 -52.44 14.83 -20.59
CA SER A 877 -53.83 14.44 -20.38
C SER A 877 -53.96 13.05 -19.77
N SER A 878 -53.02 12.18 -20.12
CA SER A 878 -53.02 10.80 -19.66
C SER A 878 -52.86 10.68 -18.13
N LYS A 879 -51.97 11.49 -17.57
CA LYS A 879 -51.76 11.56 -16.12
C LYS A 879 -53.07 11.85 -15.38
N VAL A 880 -53.83 12.82 -15.90
CA VAL A 880 -55.08 13.23 -15.27
C VAL A 880 -55.99 12.01 -15.11
N VAL A 881 -56.13 11.26 -16.19
CA VAL A 881 -56.98 10.06 -16.22
C VAL A 881 -56.45 8.97 -15.28
N GLY A 882 -55.14 8.92 -15.10
CA GLY A 882 -54.53 7.92 -14.24
C GLY A 882 -54.62 8.32 -12.80
N ASP A 883 -54.41 9.61 -12.53
CA ASP A 883 -54.57 10.13 -11.18
C ASP A 883 -55.99 9.88 -10.63
N LEU A 884 -57.00 10.25 -11.42
CA LEU A 884 -58.39 10.09 -10.97
C LEU A 884 -58.77 8.61 -10.88
N ALA A 885 -58.24 7.79 -11.78
CA ALA A 885 -58.55 6.36 -11.76
C ALA A 885 -58.07 5.73 -10.48
N LEU A 886 -56.83 6.04 -10.08
CA LEU A 886 -56.27 5.51 -8.82
C LEU A 886 -57.08 5.89 -7.61
N PHE A 887 -57.37 7.19 -7.51
CA PHE A 887 -58.17 7.78 -6.43
C PHE A 887 -59.55 7.10 -6.31
N MET A 888 -60.26 6.94 -7.42
CA MET A 888 -61.57 6.32 -7.36
C MET A 888 -61.51 4.85 -6.87
N VAL A 889 -60.47 4.14 -7.25
CA VAL A 889 -60.26 2.78 -6.76
C VAL A 889 -59.85 2.79 -5.26
N GLN A 890 -58.87 3.65 -4.93
CA GLN A 890 -58.40 3.79 -3.55
C GLN A 890 -59.56 4.01 -2.58
N ASN A 891 -60.54 4.80 -3.00
CA ASN A 891 -61.59 5.26 -2.11
C ASN A 891 -62.94 4.64 -2.41
N GLU A 892 -62.93 3.47 -3.03
CA GLU A 892 -64.16 2.72 -3.24
C GLU A 892 -65.23 3.58 -3.94
N LEU A 893 -64.77 4.47 -4.81
CA LEU A 893 -65.66 5.39 -5.50
C LEU A 893 -66.03 4.86 -6.87
N SER A 894 -67.32 4.66 -7.10
CA SER A 894 -67.86 4.42 -8.44
C SER A 894 -68.06 5.73 -9.20
N GLU A 895 -68.60 5.63 -10.42
CA GLU A 895 -68.94 6.80 -11.22
C GLU A 895 -70.12 7.54 -10.60
N GLU A 896 -71.16 6.77 -10.21
CA GLU A 896 -72.33 7.30 -9.53
C GLU A 896 -71.92 7.92 -8.18
N ASP A 897 -71.08 7.23 -7.42
CA ASP A 897 -70.58 7.77 -6.17
C ASP A 897 -70.04 9.19 -6.35
N VAL A 898 -69.39 9.44 -7.48
CA VAL A 898 -68.77 10.74 -7.73
C VAL A 898 -69.83 11.80 -8.06
N TYR A 899 -70.81 11.42 -8.87
CA TYR A 899 -71.91 12.33 -9.21
C TYR A 899 -72.72 12.68 -7.94
N GLU A 900 -73.03 11.68 -7.11
CA GLU A 900 -73.71 11.87 -5.81
C GLU A 900 -72.88 12.68 -4.80
N LYS A 901 -71.79 12.12 -4.29
CA LYS A 901 -71.05 12.76 -3.20
C LYS A 901 -69.87 13.66 -3.66
N GLY A 902 -69.85 14.07 -4.92
CA GLY A 902 -68.72 14.83 -5.47
C GLY A 902 -68.36 16.19 -4.87
N ASP A 903 -69.32 16.89 -4.29
CA ASP A 903 -69.02 18.19 -3.69
C ASP A 903 -68.29 18.04 -2.34
N THR A 904 -68.40 16.88 -1.72
CA THR A 904 -67.68 16.61 -0.46
C THR A 904 -66.28 15.99 -0.67
N ILE A 905 -65.97 15.58 -1.91
CA ILE A 905 -64.71 14.86 -2.21
C ILE A 905 -63.63 15.80 -2.73
N ASP A 906 -62.41 15.67 -2.20
CA ASP A 906 -61.24 16.46 -2.66
C ASP A 906 -60.40 15.74 -3.74
N PHE A 907 -60.63 16.13 -4.99
CA PHE A 907 -59.99 15.50 -6.16
C PHE A 907 -58.53 15.90 -6.34
N PRO A 908 -57.71 14.98 -6.88
CA PRO A 908 -56.28 15.24 -7.13
C PRO A 908 -56.05 16.55 -7.89
N ASP A 909 -54.93 17.20 -7.59
CA ASP A 909 -54.60 18.51 -8.16
C ASP A 909 -54.61 18.52 -9.69
N SER A 910 -54.23 17.42 -10.31
CA SER A 910 -54.12 17.39 -11.76
C SER A 910 -55.51 17.44 -12.41
N VAL A 911 -56.52 17.04 -11.63
CA VAL A 911 -57.91 16.96 -12.11
C VAL A 911 -58.57 18.33 -12.02
N ILE A 912 -58.27 19.05 -10.94
CA ILE A 912 -58.74 20.40 -10.77
C ILE A 912 -58.10 21.18 -11.89
N GLU A 913 -56.78 21.05 -12.01
CA GLU A 913 -56.03 21.75 -13.04
C GLU A 913 -56.59 21.47 -14.42
N PHE A 914 -57.00 20.23 -14.65
CA PHE A 914 -57.47 19.85 -15.97
C PHE A 914 -58.75 20.60 -16.30
N PHE A 915 -59.70 20.55 -15.37
CA PHE A 915 -61.02 21.19 -15.54
C PHE A 915 -60.95 22.70 -15.46
N MET A 916 -59.89 23.18 -14.83
CA MET A 916 -59.58 24.57 -14.80
C MET A 916 -59.15 25.06 -16.18
N GLY A 917 -58.76 24.15 -17.07
CA GLY A 917 -58.30 24.51 -18.43
C GLY A 917 -56.78 24.62 -18.54
N GLU A 918 -56.07 24.22 -17.49
CA GLU A 918 -54.63 24.46 -17.37
C GLU A 918 -53.76 23.61 -18.30
N ILE A 919 -54.36 22.69 -19.06
CA ILE A 919 -53.61 21.95 -20.07
C ILE A 919 -54.36 21.97 -21.39
N GLY A 920 -55.00 23.11 -21.65
CA GLY A 920 -55.78 23.30 -22.87
C GLY A 920 -57.24 22.87 -22.73
N GLN A 921 -57.95 22.97 -23.87
CA GLN A 921 -59.37 22.66 -24.01
C GLN A 921 -59.60 21.35 -24.78
N PRO A 922 -60.31 20.39 -24.18
CA PRO A 922 -60.61 19.15 -24.90
C PRO A 922 -61.56 19.39 -26.05
N TYR A 923 -61.37 18.66 -27.13
CA TYR A 923 -62.35 18.61 -28.20
C TYR A 923 -63.69 18.23 -27.62
N GLY A 924 -64.72 19.00 -28.01
CA GLY A 924 -66.07 18.84 -27.48
C GLY A 924 -66.32 19.49 -26.12
N GLY A 925 -65.27 19.98 -25.47
CA GLY A 925 -65.39 20.67 -24.19
C GLY A 925 -65.68 19.79 -22.97
N PHE A 926 -65.46 20.39 -21.80
CA PHE A 926 -65.63 19.66 -20.55
C PHE A 926 -67.09 19.25 -20.36
N PRO A 927 -67.35 18.10 -19.71
CA PRO A 927 -68.69 17.78 -19.20
C PRO A 927 -69.02 18.69 -18.03
N GLU A 928 -70.17 19.36 -18.10
CA GLU A 928 -70.41 20.49 -17.23
C GLU A 928 -70.69 20.08 -15.77
N LYS A 929 -71.57 19.10 -15.56
CA LYS A 929 -71.91 18.67 -14.19
C LYS A 929 -70.62 18.26 -13.46
N LEU A 930 -69.82 17.38 -14.08
CA LEU A 930 -68.56 16.92 -13.49
C LEU A 930 -67.56 18.07 -13.26
N GLN A 931 -67.43 18.99 -14.24
CA GLN A 931 -66.64 20.23 -14.06
C GLN A 931 -67.06 21.02 -12.80
N LYS A 932 -68.37 21.24 -12.64
CA LYS A 932 -68.92 21.95 -11.48
C LYS A 932 -68.52 21.28 -10.16
N LEU A 933 -68.72 19.96 -10.08
CA LEU A 933 -68.39 19.20 -8.87
C LEU A 933 -66.92 19.29 -8.52
N VAL A 934 -66.04 19.29 -9.52
CA VAL A 934 -64.60 19.23 -9.27
C VAL A 934 -64.05 20.59 -8.83
N LEU A 935 -64.45 21.65 -9.55
CA LEU A 935 -63.90 23.00 -9.33
C LEU A 935 -64.38 23.66 -8.04
N LYS A 936 -65.63 23.43 -7.67
CA LYS A 936 -66.22 24.00 -6.44
C LYS A 936 -66.25 25.54 -6.47
N GLY A 937 -66.95 26.07 -7.46
CA GLY A 937 -67.07 27.50 -7.65
C GLY A 937 -65.89 28.15 -8.34
N ARG A 938 -64.75 27.46 -8.44
CA ARG A 938 -63.57 28.04 -9.12
C ARG A 938 -63.94 28.40 -10.53
N THR A 939 -63.25 29.41 -11.07
CA THR A 939 -63.66 29.96 -12.36
C THR A 939 -62.67 29.56 -13.44
N PRO A 940 -63.10 28.64 -14.33
CA PRO A 940 -62.21 28.13 -15.34
C PRO A 940 -61.89 29.21 -16.34
N LEU A 941 -60.61 29.37 -16.63
CA LEU A 941 -60.14 30.22 -17.73
C LEU A 941 -60.59 29.62 -19.06
N THR A 942 -60.63 30.42 -20.13
CA THR A 942 -60.82 29.88 -21.50
C THR A 942 -59.83 30.41 -22.54
N ASP A 943 -58.56 30.47 -22.14
CA ASP A 943 -57.46 30.71 -23.06
C ASP A 943 -56.19 29.93 -22.67
N ARG A 944 -55.23 29.93 -23.60
CA ARG A 944 -53.94 29.27 -23.41
C ARG A 944 -53.29 29.85 -22.17
N PRO A 945 -52.81 28.99 -21.25
CA PRO A 945 -52.25 29.54 -20.03
C PRO A 945 -51.02 30.42 -20.21
N GLY A 946 -50.41 30.36 -21.39
CA GLY A 946 -49.22 31.14 -21.69
C GLY A 946 -49.54 32.57 -22.06
N ALA A 947 -50.73 32.77 -22.64
CA ALA A 947 -51.29 34.11 -22.86
C ALA A 947 -51.30 34.86 -21.53
N LEU A 948 -51.84 34.20 -20.49
CA LEU A 948 -52.04 34.81 -19.17
C LEU A 948 -50.83 34.90 -18.26
N MET A 949 -49.65 34.49 -18.69
CA MET A 949 -48.53 34.42 -17.76
C MET A 949 -47.55 35.57 -17.88
N GLU A 950 -47.08 36.05 -16.74
CA GLU A 950 -46.03 37.08 -16.71
C GLU A 950 -44.82 36.54 -17.47
N PRO A 951 -44.44 37.16 -18.60
CA PRO A 951 -43.18 36.79 -19.21
C PRO A 951 -42.05 36.74 -18.19
N VAL A 952 -41.15 35.78 -18.35
CA VAL A 952 -39.98 35.67 -17.47
C VAL A 952 -38.95 36.74 -17.82
N ASN A 953 -38.27 37.24 -16.79
CA ASN A 953 -37.14 38.16 -16.95
C ASN A 953 -35.82 37.40 -16.97
N PHE A 954 -35.27 37.19 -18.17
CA PHE A 954 -34.05 36.40 -18.32
C PHE A 954 -32.83 37.04 -17.68
N VAL A 955 -32.83 38.36 -17.55
CA VAL A 955 -31.67 39.06 -16.98
C VAL A 955 -31.69 38.82 -15.47
N GLU A 956 -32.88 38.90 -14.89
CA GLU A 956 -33.07 38.68 -13.45
C GLU A 956 -32.77 37.26 -13.07
N VAL A 957 -33.41 36.33 -13.80
CA VAL A 957 -33.26 34.90 -13.52
C VAL A 957 -31.81 34.47 -13.66
N LYS A 958 -31.10 34.96 -14.68
CA LYS A 958 -29.66 34.64 -14.86
C LYS A 958 -28.78 35.08 -13.71
N ALA A 959 -29.04 36.27 -13.17
CA ALA A 959 -28.35 36.77 -11.99
C ALA A 959 -28.67 35.90 -10.76
N GLU A 960 -29.95 35.56 -10.54
CA GLU A 960 -30.34 34.73 -9.39
C GLU A 960 -29.60 33.41 -9.41
N LEU A 961 -29.54 32.82 -10.61
CA LEU A 961 -28.88 31.54 -10.83
C LEU A 961 -27.36 31.63 -10.62
N LYS A 962 -26.75 32.62 -11.27
CA LYS A 962 -25.33 32.91 -11.08
C LYS A 962 -24.98 32.89 -9.60
N GLU A 963 -25.82 33.56 -8.82
CA GLU A 963 -25.67 33.57 -7.37
C GLU A 963 -25.61 32.13 -6.88
N LYS A 964 -26.63 31.33 -7.23
CA LYS A 964 -26.82 29.96 -6.68
C LYS A 964 -25.74 29.00 -7.12
N MET A 965 -25.31 29.16 -8.37
CA MET A 965 -24.24 28.31 -8.93
C MET A 965 -22.85 28.76 -8.52
N GLY A 966 -22.72 30.06 -8.23
CA GLY A 966 -21.42 30.67 -7.91
C GLY A 966 -20.48 30.92 -9.09
N TYR A 967 -21.01 31.09 -10.30
CA TYR A 967 -20.22 31.49 -11.48
C TYR A 967 -21.17 31.75 -12.67
N GLU A 968 -20.63 32.19 -13.80
CA GLU A 968 -21.52 32.64 -14.88
C GLU A 968 -22.19 31.48 -15.61
N PRO A 969 -23.53 31.39 -15.53
CA PRO A 969 -24.23 30.35 -16.26
C PRO A 969 -24.35 30.65 -17.74
N THR A 970 -24.51 29.61 -18.56
CA THR A 970 -24.71 29.74 -20.00
C THR A 970 -26.17 30.07 -20.27
N GLU A 971 -26.48 30.44 -21.52
CA GLU A 971 -27.87 30.66 -21.89
C GLU A 971 -28.65 29.38 -21.70
N LYS A 972 -27.97 28.24 -21.87
CA LYS A 972 -28.56 26.91 -21.66
C LYS A 972 -28.81 26.56 -20.21
N ASP A 973 -27.86 26.82 -19.33
CA ASP A 973 -28.11 26.60 -17.92
C ASP A 973 -29.39 27.34 -17.54
N VAL A 974 -29.52 28.57 -18.02
CA VAL A 974 -30.61 29.45 -17.58
C VAL A 974 -31.95 28.84 -17.98
N ILE A 975 -32.08 28.47 -19.25
CA ILE A 975 -33.36 27.93 -19.70
C ILE A 975 -33.69 26.62 -18.96
N SER A 976 -32.68 25.81 -18.66
CA SER A 976 -32.88 24.57 -17.93
C SER A 976 -33.37 24.88 -16.50
N TYR A 977 -32.79 25.89 -15.86
CA TYR A 977 -33.25 26.31 -14.53
C TYR A 977 -34.67 26.83 -14.56
N ILE A 978 -35.02 27.55 -15.61
CA ILE A 978 -36.39 28.04 -15.73
C ILE A 978 -37.32 26.86 -15.84
N LEU A 979 -36.99 25.89 -16.69
CA LEU A 979 -37.86 24.75 -16.93
C LEU A 979 -37.91 23.75 -15.76
N TYR A 980 -36.80 23.59 -15.03
CA TYR A 980 -36.69 22.63 -13.93
C TYR A 980 -35.82 23.19 -12.82
N PRO A 981 -36.35 24.17 -12.10
CA PRO A 981 -35.54 24.87 -11.10
C PRO A 981 -34.93 23.91 -10.08
N LYS A 982 -35.78 23.18 -9.38
CA LYS A 982 -35.31 22.26 -8.38
C LYS A 982 -34.31 21.28 -9.03
N VAL A 983 -34.68 20.56 -10.10
CA VAL A 983 -33.82 19.43 -10.50
C VAL A 983 -32.55 19.95 -11.11
N PHE A 984 -32.63 21.08 -11.79
CA PHE A 984 -31.41 21.72 -12.23
C PHE A 984 -30.39 21.95 -11.09
N LEU A 985 -30.84 22.47 -9.97
CA LEU A 985 -29.92 22.77 -8.86
C LEU A 985 -29.38 21.53 -8.16
N ASP A 986 -30.25 20.53 -7.99
CA ASP A 986 -29.84 19.21 -7.52
C ASP A 986 -28.78 18.60 -8.44
N TYR A 987 -28.94 18.70 -9.76
CA TYR A 987 -27.86 18.32 -10.71
C TYR A 987 -26.54 19.05 -10.41
N GLN A 988 -26.58 20.37 -10.28
CA GLN A 988 -25.35 21.15 -9.96
C GLN A 988 -24.72 20.67 -8.67
N GLU A 989 -25.55 20.52 -7.64
CA GLU A 989 -25.05 20.06 -6.34
C GLU A 989 -24.26 18.77 -6.54
N MET A 990 -24.78 17.92 -7.41
CA MET A 990 -24.26 16.60 -7.64
C MET A 990 -22.94 16.61 -8.38
N ILE A 991 -22.86 17.33 -9.49
CA ILE A 991 -21.60 17.38 -10.23
C ILE A 991 -20.50 18.14 -9.52
N ASN A 992 -20.85 19.06 -8.60
CA ASN A 992 -19.83 19.66 -7.73
C ASN A 992 -19.27 18.62 -6.78
N LYS A 993 -20.12 17.73 -6.30
CA LYS A 993 -19.67 16.72 -5.33
C LYS A 993 -18.84 15.63 -6.01
N TYR A 994 -19.27 15.18 -7.20
CA TYR A 994 -18.70 13.98 -7.87
C TYR A 994 -18.13 14.23 -9.28
N GLY A 995 -18.17 15.47 -9.75
CA GLY A 995 -17.71 15.76 -11.08
C GLY A 995 -18.71 15.27 -12.10
N ASP A 996 -18.28 15.32 -13.36
CA ASP A 996 -19.13 14.90 -14.47
C ASP A 996 -19.23 13.35 -14.60
N VAL A 997 -20.09 12.73 -13.78
CA VAL A 997 -20.20 11.28 -13.73
C VAL A 997 -20.70 10.66 -15.02
N THR A 998 -21.21 11.51 -15.89
CA THR A 998 -21.49 11.15 -17.28
C THR A 998 -20.49 10.27 -17.94
N VAL A 999 -19.24 10.46 -17.59
CA VAL A 999 -18.17 9.82 -18.34
C VAL A 999 -17.95 8.36 -17.98
N LEU A 1000 -18.48 7.95 -16.82
CA LEU A 1000 -18.38 6.59 -16.36
C LEU A 1000 -19.09 5.60 -17.27
N ASP A 1001 -18.58 4.37 -17.34
CA ASP A 1001 -19.27 3.30 -18.03
C ASP A 1001 -20.54 3.04 -17.23
N THR A 1002 -21.65 2.75 -17.92
CA THR A 1002 -22.94 2.48 -17.28
C THR A 1002 -22.93 1.40 -16.17
N PRO A 1003 -22.21 0.29 -16.36
CA PRO A 1003 -22.27 -0.64 -15.22
C PRO A 1003 -21.68 -0.08 -13.91
N THR A 1004 -20.59 0.69 -14.02
CA THR A 1004 -20.03 1.41 -12.86
C THR A 1004 -21.01 2.51 -12.33
N PHE A 1005 -21.69 3.18 -13.25
CA PHE A 1005 -22.56 4.24 -12.86
C PHE A 1005 -23.62 3.71 -11.96
N TYR A 1006 -24.10 2.50 -12.21
CA TYR A 1006 -25.26 1.94 -11.47
C TYR A 1006 -24.87 0.97 -10.39
N LYS A 1007 -23.69 0.37 -10.48
CA LYS A 1007 -23.34 -0.77 -9.58
C LYS A 1007 -22.01 -0.66 -8.85
N GLY A 1008 -21.19 0.34 -9.15
CA GLY A 1008 -19.88 0.50 -8.49
C GLY A 1008 -18.80 -0.45 -8.97
N MET A 1009 -18.06 -1.05 -8.03
CA MET A 1009 -16.97 -1.91 -8.37
C MET A 1009 -16.91 -3.12 -7.48
N ARG A 1010 -16.53 -4.26 -8.09
CA ARG A 1010 -16.22 -5.49 -7.37
C ARG A 1010 -14.85 -5.41 -6.74
N LEU A 1011 -14.63 -6.17 -5.68
CA LEU A 1011 -13.32 -6.18 -5.06
C LEU A 1011 -12.33 -6.82 -6.00
N GLY A 1012 -11.18 -6.16 -6.21
CA GLY A 1012 -10.20 -6.59 -7.21
C GLY A 1012 -10.50 -6.23 -8.67
N GLU A 1013 -11.63 -5.60 -8.95
CA GLU A 1013 -11.92 -5.16 -10.30
C GLU A 1013 -11.05 -3.96 -10.63
N THR A 1014 -10.67 -3.87 -11.91
CA THR A 1014 -10.07 -2.66 -12.48
C THR A 1014 -10.99 -2.05 -13.61
N ILE A 1015 -11.24 -0.74 -13.59
CA ILE A 1015 -11.97 -0.13 -14.70
C ILE A 1015 -11.11 0.96 -15.32
N GLU A 1016 -11.53 1.39 -16.52
CA GLU A 1016 -10.90 2.49 -17.20
C GLU A 1016 -11.96 3.59 -17.33
N VAL A 1017 -11.73 4.74 -16.73
CA VAL A 1017 -12.63 5.86 -16.87
C VAL A 1017 -12.08 6.90 -17.84
N GLU A 1018 -12.72 7.07 -18.99
CA GLU A 1018 -12.30 8.06 -20.00
C GLU A 1018 -12.81 9.47 -19.70
N LEU A 1019 -11.95 10.34 -19.19
CA LEU A 1019 -12.34 11.72 -18.91
C LEU A 1019 -12.53 12.51 -20.23
N GLU A 1020 -11.73 12.17 -21.23
CA GLU A 1020 -11.65 12.86 -22.53
C GLU A 1020 -10.83 11.91 -23.36
N LYS A 1021 -10.90 12.06 -24.67
CA LYS A 1021 -10.11 11.22 -25.57
C LYS A 1021 -8.65 11.28 -25.07
N GLY A 1022 -8.03 10.12 -24.92
CA GLY A 1022 -6.66 10.03 -24.52
C GLY A 1022 -6.36 10.15 -23.03
N LYS A 1023 -7.29 10.67 -22.23
CA LYS A 1023 -7.05 10.93 -20.81
C LYS A 1023 -7.82 9.98 -19.90
N ILE A 1024 -7.12 8.98 -19.36
CA ILE A 1024 -7.76 7.89 -18.64
C ILE A 1024 -7.38 7.74 -17.14
N LEU A 1025 -8.37 7.41 -16.31
CA LEU A 1025 -8.17 7.01 -14.92
C LEU A 1025 -8.25 5.50 -14.82
N LEU A 1026 -7.11 4.83 -14.77
CA LEU A 1026 -7.11 3.41 -14.43
C LEU A 1026 -7.38 3.26 -12.92
N ILE A 1027 -8.55 2.74 -12.57
CA ILE A 1027 -8.95 2.68 -11.19
C ILE A 1027 -9.13 1.25 -10.81
N LYS A 1028 -8.57 0.87 -9.65
CA LYS A 1028 -8.74 -0.49 -9.07
C LYS A 1028 -9.24 -0.43 -7.65
N LEU A 1029 -10.05 -1.39 -7.27
CA LEU A 1029 -10.60 -1.43 -5.91
C LEU A 1029 -9.96 -2.60 -5.19
N ASN A 1030 -9.21 -2.32 -4.13
CA ASN A 1030 -8.48 -3.38 -3.43
C ASN A 1030 -9.25 -3.95 -2.27
N SER A 1031 -9.83 -3.08 -1.42
CA SER A 1031 -10.59 -3.53 -0.28
C SER A 1031 -11.45 -2.44 0.38
N ILE A 1032 -12.30 -2.89 1.32
CA ILE A 1032 -13.34 -2.06 1.92
C ILE A 1032 -13.26 -2.17 3.45
N GLY A 1033 -12.81 -1.10 4.07
CA GLY A 1033 -12.59 -1.08 5.49
C GLY A 1033 -13.84 -1.32 6.30
N GLU A 1034 -13.64 -1.99 7.44
CA GLU A 1034 -14.63 -2.17 8.49
C GLU A 1034 -15.20 -0.84 8.96
N PRO A 1035 -16.41 -0.84 9.51
CA PRO A 1035 -16.96 0.47 9.90
C PRO A 1035 -16.57 0.90 11.31
N ILE A 1036 -16.60 2.20 11.56
CA ILE A 1036 -16.52 2.75 12.90
C ILE A 1036 -17.94 3.09 13.31
N ALA A 1037 -18.14 3.79 14.43
CA ALA A 1037 -19.48 3.88 15.03
C ALA A 1037 -20.55 4.48 14.14
N ASP A 1038 -20.28 5.62 13.51
CA ASP A 1038 -21.28 6.27 12.62
C ASP A 1038 -21.46 5.61 11.23
N GLY A 1039 -20.64 4.59 10.97
CA GLY A 1039 -20.72 3.78 9.76
C GLY A 1039 -19.62 4.06 8.76
N THR A 1040 -18.80 5.08 8.99
CA THR A 1040 -17.74 5.42 8.03
C THR A 1040 -16.76 4.30 7.82
N ARG A 1041 -16.64 3.89 6.56
CA ARG A 1041 -15.62 2.94 6.11
C ARG A 1041 -14.55 3.65 5.28
N VAL A 1042 -13.35 3.08 5.24
CA VAL A 1042 -12.31 3.56 4.32
C VAL A 1042 -12.35 2.65 3.12
N ILE A 1043 -12.45 3.24 1.91
CA ILE A 1043 -12.36 2.41 0.69
C ILE A 1043 -10.95 2.54 0.12
N TYR A 1044 -10.35 1.39 -0.18
CA TYR A 1044 -8.93 1.28 -0.55
C TYR A 1044 -8.81 1.07 -2.02
N PHE A 1045 -8.38 2.13 -2.70
CA PHE A 1045 -8.20 2.17 -4.19
C PHE A 1045 -6.75 2.40 -4.63
N GLU A 1046 -6.47 1.96 -5.84
CA GLU A 1046 -5.32 2.44 -6.63
C GLU A 1046 -5.85 3.21 -7.83
N LEU A 1047 -5.37 4.44 -8.04
CA LEU A 1047 -5.77 5.27 -9.19
C LEU A 1047 -4.54 5.71 -10.00
N ASN A 1048 -4.41 5.16 -11.21
CA ASN A 1048 -3.21 5.38 -12.03
C ASN A 1048 -1.94 5.13 -11.25
N GLY A 1049 -1.90 4.07 -10.46
CA GLY A 1049 -0.71 3.68 -9.69
C GLY A 1049 -0.63 4.22 -8.26
N GLN A 1050 -1.45 5.21 -7.96
CA GLN A 1050 -1.40 5.90 -6.69
C GLN A 1050 -2.41 5.35 -5.67
N PRO A 1051 -1.94 4.73 -4.56
CA PRO A 1051 -2.92 4.27 -3.57
C PRO A 1051 -3.69 5.44 -2.91
N ARG A 1052 -5.02 5.30 -2.85
CA ARG A 1052 -5.90 6.38 -2.44
C ARG A 1052 -6.89 5.79 -1.49
N GLU A 1053 -7.25 6.56 -0.49
CA GLU A 1053 -8.13 6.05 0.57
C GLU A 1053 -9.28 7.01 0.68
N ILE A 1054 -10.51 6.56 0.46
CA ILE A 1054 -11.59 7.52 0.59
C ILE A 1054 -12.63 7.01 1.59
N ASN A 1055 -13.16 7.99 2.33
CA ASN A 1055 -14.12 7.74 3.41
C ASN A 1055 -15.53 7.75 2.92
N ILE A 1056 -16.21 6.62 3.01
CA ILE A 1056 -17.63 6.54 2.68
C ILE A 1056 -18.42 6.10 3.91
N GLN A 1057 -19.44 6.89 4.29
CA GLN A 1057 -20.36 6.51 5.37
C GLN A 1057 -21.29 5.37 4.96
N ASP A 1058 -21.19 4.21 5.61
CA ASP A 1058 -22.14 3.14 5.32
C ASP A 1058 -23.49 3.40 6.03
N MET A 1059 -24.54 3.72 5.26
CA MET A 1059 -25.88 3.98 5.84
C MET A 1059 -26.61 2.75 6.37
N ASN A 1060 -26.16 1.54 6.04
CA ASN A 1060 -26.95 0.33 6.21
C ASN A 1060 -26.17 -0.78 6.89
N VAL A 1061 -25.73 -0.56 8.13
CA VAL A 1061 -24.88 -1.57 8.82
C VAL A 1061 -25.64 -2.63 9.70
N GLN A 1062 -25.41 -3.91 9.39
CA GLN A 1062 -26.29 -5.02 9.85
C GLN A 1062 -25.97 -5.52 11.28
N ALA A 1067 -16.17 -6.99 15.26
CA ALA A 1067 -14.92 -7.23 15.97
C ALA A 1067 -14.37 -5.94 16.63
N ARG A 1068 -14.07 -6.03 17.94
CA ARG A 1068 -13.60 -4.89 18.78
C ARG A 1068 -12.14 -4.59 18.53
N ARG A 1069 -11.80 -3.36 18.15
CA ARG A 1069 -10.40 -3.02 18.04
C ARG A 1069 -9.80 -2.67 19.42
N LYS A 1070 -8.57 -3.15 19.68
CA LYS A 1070 -7.82 -2.77 20.89
C LYS A 1070 -6.92 -1.61 20.57
N ILE A 1071 -6.37 -0.97 21.62
CA ILE A 1071 -5.54 0.19 21.36
C ILE A 1071 -4.16 -0.18 20.87
N ASP A 1072 -3.49 0.79 20.24
CA ASP A 1072 -2.06 0.72 20.01
C ASP A 1072 -1.40 1.40 21.20
N THR A 1073 -0.97 0.56 22.15
CA THR A 1073 -0.45 0.97 23.47
C THR A 1073 0.60 2.07 23.36
N THR A 1074 1.46 1.97 22.35
CA THR A 1074 2.47 2.99 21.97
C THR A 1074 1.89 4.42 21.79
N ASN A 1075 0.83 4.50 20.98
CA ASN A 1075 0.18 5.75 20.59
C ASN A 1075 -0.80 6.36 21.64
N PRO A 1076 -0.50 7.56 22.17
CA PRO A 1076 -1.39 8.20 23.17
C PRO A 1076 -2.57 8.99 22.56
N GLU A 1077 -2.65 9.02 21.23
CA GLU A 1077 -3.78 9.58 20.51
C GLU A 1077 -4.97 8.62 20.60
N HIS A 1078 -4.65 7.35 20.89
CA HIS A 1078 -5.65 6.33 21.21
C HIS A 1078 -6.12 6.42 22.67
N VAL A 1079 -7.43 6.52 22.86
CA VAL A 1079 -8.06 6.53 24.18
C VAL A 1079 -8.89 5.24 24.29
N GLY A 1080 -8.56 4.44 25.28
CA GLY A 1080 -9.12 3.14 25.41
C GLY A 1080 -9.63 2.89 26.78
N ALA A 1081 -10.53 1.91 26.87
CA ALA A 1081 -11.24 1.63 28.08
C ALA A 1081 -10.26 1.08 29.11
N THR A 1082 -10.55 1.39 30.37
CA THR A 1082 -9.68 1.05 31.49
C THR A 1082 -10.18 -0.23 32.11
N MET A 1083 -11.50 -0.35 32.24
CA MET A 1083 -12.07 -1.59 32.74
C MET A 1083 -13.30 -2.00 31.96
N THR A 1084 -13.70 -3.21 32.24
CA THR A 1084 -14.83 -3.86 31.65
C THR A 1084 -16.13 -3.26 32.15
N GLY A 1085 -17.06 -2.95 31.25
CA GLY A 1085 -18.24 -2.14 31.55
C GLY A 1085 -19.00 -1.75 30.28
N SER A 1086 -19.65 -0.57 30.26
CA SER A 1086 -20.24 -0.09 29.02
C SER A 1086 -20.19 1.43 28.85
N VAL A 1087 -20.65 1.87 27.69
CA VAL A 1087 -20.68 3.27 27.36
C VAL A 1087 -22.08 3.80 27.68
N ILE A 1088 -22.13 4.69 28.69
CA ILE A 1088 -23.32 5.48 28.96
C ILE A 1088 -23.44 6.55 27.88
N GLN A 1089 -22.52 7.51 27.90
CA GLN A 1089 -22.62 8.63 26.98
C GLN A 1089 -21.32 9.11 26.34
N VAL A 1090 -21.39 9.25 25.02
CA VAL A 1090 -20.35 9.91 24.22
C VAL A 1090 -20.71 11.41 24.15
N VAL A 1091 -19.81 12.25 24.67
CA VAL A 1091 -20.03 13.71 24.83
C VAL A 1091 -19.44 14.55 23.68
N VAL A 1092 -18.78 13.92 22.71
CA VAL A 1092 -18.09 14.66 21.64
C VAL A 1092 -18.45 14.15 20.25
N LYS A 1093 -18.11 14.94 19.24
CA LYS A 1093 -18.38 14.61 17.83
C LYS A 1093 -17.03 14.66 17.15
N LYS A 1094 -16.90 14.00 15.99
CA LYS A 1094 -15.66 14.10 15.23
C LYS A 1094 -15.38 15.56 14.83
N GLY A 1095 -14.13 16.01 14.98
CA GLY A 1095 -13.78 17.38 14.62
C GLY A 1095 -13.88 18.38 15.77
N ASP A 1096 -14.53 18.00 16.87
CA ASP A 1096 -14.52 18.85 18.05
C ASP A 1096 -13.12 19.16 18.56
N SER A 1097 -12.95 20.40 18.98
CA SER A 1097 -11.71 20.86 19.61
C SER A 1097 -11.85 20.54 21.10
N VAL A 1098 -10.76 20.07 21.72
CA VAL A 1098 -10.79 19.79 23.16
C VAL A 1098 -9.61 20.44 23.85
N LYS A 1099 -9.75 20.70 25.14
CA LYS A 1099 -8.63 21.14 25.96
C LYS A 1099 -8.37 20.06 26.98
N LYS A 1100 -7.10 19.80 27.27
CA LYS A 1100 -6.72 18.82 28.28
C LYS A 1100 -7.73 18.79 29.42
N GLY A 1101 -8.07 17.58 29.87
CA GLY A 1101 -8.97 17.40 31.01
C GLY A 1101 -10.45 17.31 30.68
N ASP A 1102 -10.83 17.81 29.48
CA ASP A 1102 -12.25 17.87 29.05
C ASP A 1102 -12.94 16.50 28.97
N PRO A 1103 -14.28 16.49 29.01
CA PRO A 1103 -15.00 15.22 29.03
C PRO A 1103 -15.20 14.65 27.61
N LEU A 1104 -14.64 13.47 27.34
CA LEU A 1104 -14.80 12.84 26.02
C LEU A 1104 -16.02 11.91 26.01
N LEU A 1105 -16.09 11.05 27.03
CA LEU A 1105 -17.22 10.13 27.19
C LEU A 1105 -17.29 9.61 28.62
N ILE A 1106 -18.40 8.92 28.91
CA ILE A 1106 -18.67 8.40 30.27
C ILE A 1106 -18.91 6.90 30.20
N THR A 1107 -18.17 6.17 31.03
CA THR A 1107 -18.20 4.70 31.03
C THR A 1107 -18.66 4.14 32.37
N GLU A 1108 -19.65 3.25 32.31
CA GLU A 1108 -20.15 2.54 33.50
C GLU A 1108 -19.23 1.39 33.90
N ALA A 1109 -19.12 1.18 35.21
CA ALA A 1109 -18.40 0.04 35.79
C ALA A 1109 -19.20 -0.48 37.01
N MET A 1110 -20.12 -1.41 36.71
CA MET A 1110 -21.10 -1.95 37.68
C MET A 1110 -22.15 -0.91 38.10
N LYS A 1111 -22.58 -0.11 37.15
CA LYS A 1111 -23.57 0.98 37.33
C LYS A 1111 -22.98 2.31 37.84
N MET A 1112 -21.79 2.30 38.47
CA MET A 1112 -21.17 3.54 38.98
C MET A 1112 -20.36 4.30 37.90
N GLU A 1113 -21.04 5.29 37.31
CA GLU A 1113 -20.49 6.16 36.24
C GLU A 1113 -19.09 6.74 36.56
N THR A 1114 -18.24 6.80 35.54
CA THR A 1114 -16.90 7.40 35.63
C THR A 1114 -16.58 8.04 34.27
N THR A 1115 -15.78 9.10 34.26
CA THR A 1115 -15.69 9.96 33.09
C THR A 1115 -14.31 9.97 32.44
N ILE A 1116 -14.26 9.60 31.16
CA ILE A 1116 -13.01 9.51 30.40
C ILE A 1116 -12.72 10.89 29.84
N GLN A 1117 -11.54 11.43 30.17
CA GLN A 1117 -11.15 12.78 29.78
C GLN A 1117 -10.07 12.84 28.67
N ALA A 1118 -9.93 14.02 28.05
CA ALA A 1118 -8.85 14.26 27.08
C ALA A 1118 -7.49 14.27 27.78
N PRO A 1119 -6.52 13.46 27.30
CA PRO A 1119 -5.17 13.53 27.91
C PRO A 1119 -4.35 14.74 27.45
N PHE A 1120 -4.85 15.49 26.46
CA PHE A 1120 -4.24 16.76 26.06
C PHE A 1120 -5.20 17.64 25.23
N ASP A 1121 -4.77 18.89 25.00
CA ASP A 1121 -5.38 19.72 23.96
C ASP A 1121 -5.29 18.99 22.63
N GLY A 1122 -6.31 19.12 21.80
CA GLY A 1122 -6.23 18.57 20.46
C GLY A 1122 -7.55 18.62 19.75
N GLU A 1123 -7.68 17.75 18.76
CA GLU A 1123 -8.89 17.65 17.96
C GLU A 1123 -9.39 16.21 17.99
N VAL A 1124 -10.70 16.05 18.14
CA VAL A 1124 -11.33 14.72 18.14
C VAL A 1124 -11.33 14.16 16.73
N SER A 1125 -10.97 12.89 16.66
CA SER A 1125 -10.97 12.16 15.41
C SER A 1125 -12.08 11.09 15.48
N SER A 1126 -11.82 9.91 14.92
CA SER A 1126 -12.78 8.79 14.92
C SER A 1126 -13.20 8.35 16.32
N ILE A 1127 -14.42 7.85 16.35
CA ILE A 1127 -15.13 7.40 17.54
C ILE A 1127 -15.60 6.00 17.20
N TYR A 1128 -15.15 5.02 17.98
CA TYR A 1128 -15.37 3.60 17.67
C TYR A 1128 -16.54 2.99 18.44
N VAL A 1129 -17.20 3.78 19.27
CA VAL A 1129 -18.27 3.27 20.14
C VAL A 1129 -19.48 4.20 20.19
N SER A 1130 -20.60 3.71 20.71
CA SER A 1130 -21.84 4.49 20.78
C SER A 1130 -22.47 4.28 22.13
N ASP A 1131 -23.29 5.24 22.55
CA ASP A 1131 -24.09 5.08 23.74
C ASP A 1131 -24.77 3.72 23.63
N GLY A 1132 -24.52 2.85 24.60
CA GLY A 1132 -25.07 1.48 24.59
C GLY A 1132 -23.98 0.43 24.62
N ASP A 1133 -23.12 0.47 23.61
CA ASP A 1133 -21.98 -0.43 23.47
C ASP A 1133 -21.34 -0.93 24.77
N THR A 1134 -21.10 -2.24 24.80
CA THR A 1134 -20.40 -2.88 25.90
C THR A 1134 -18.86 -2.89 25.68
N ILE A 1135 -18.04 -2.72 26.71
CA ILE A 1135 -16.60 -2.52 26.50
C ILE A 1135 -15.72 -3.30 27.45
N GLU A 1136 -14.48 -3.61 27.03
CA GLU A 1136 -13.50 -4.34 27.86
C GLU A 1136 -12.21 -3.54 27.94
N SER A 1137 -11.31 -3.85 28.88
CA SER A 1137 -10.10 -3.06 29.05
C SER A 1137 -9.13 -3.27 27.88
N GLY A 1138 -8.63 -2.17 27.33
CA GLY A 1138 -7.83 -2.22 26.13
C GLY A 1138 -8.62 -1.78 24.92
N ASP A 1139 -9.97 -1.86 25.00
CA ASP A 1139 -10.81 -1.54 23.84
C ASP A 1139 -10.60 -0.08 23.43
N LEU A 1140 -10.25 0.14 22.16
CA LEU A 1140 -10.04 1.51 21.65
C LEU A 1140 -11.38 2.21 21.54
N LEU A 1141 -11.50 3.36 22.19
CA LEU A 1141 -12.79 4.09 22.22
C LEU A 1141 -12.85 5.30 21.28
N ILE A 1142 -11.91 6.23 21.45
CA ILE A 1142 -11.92 7.50 20.74
C ILE A 1142 -10.48 7.76 20.36
N GLU A 1143 -10.29 8.56 19.30
CA GLU A 1143 -8.98 9.02 18.87
C GLU A 1143 -8.90 10.56 18.99
N VAL A 1144 -7.88 11.06 19.67
CA VAL A 1144 -7.69 12.52 19.83
C VAL A 1144 -6.37 13.02 19.23
N ASN A 1145 -6.43 13.43 17.96
CA ASN A 1145 -5.30 14.08 17.24
C ASN A 1145 -4.73 15.36 17.88
N ARG A 1146 -3.41 15.47 17.90
CA ARG A 1146 -2.76 16.74 18.26
C ARG A 1146 -2.53 17.64 17.02
N MET B 1 7.97 28.57 -27.52
CA MET B 1 9.36 28.01 -27.46
C MET B 1 9.80 27.08 -28.62
N MET B 2 8.85 26.44 -29.28
CA MET B 2 9.15 25.46 -30.32
C MET B 2 8.59 25.98 -31.65
N ASN B 3 9.27 25.73 -32.77
CA ASN B 3 8.80 26.18 -34.10
C ASN B 3 7.64 25.37 -34.66
N ARG B 4 7.89 24.12 -35.03
CA ARG B 4 6.88 23.29 -35.66
C ARG B 4 6.29 22.32 -34.60
N ILE B 5 7.13 21.82 -33.67
CA ILE B 5 6.71 20.73 -32.79
C ILE B 5 5.88 21.17 -31.59
N LYS B 6 4.56 21.00 -31.68
CA LYS B 6 3.67 21.34 -30.58
C LYS B 6 3.28 20.09 -29.75
N LYS B 7 3.34 18.91 -30.37
CA LYS B 7 2.96 17.66 -29.75
C LYS B 7 3.86 16.51 -30.26
N VAL B 8 4.40 15.71 -29.32
CA VAL B 8 5.22 14.54 -29.63
C VAL B 8 4.54 13.29 -29.13
N LEU B 9 4.53 12.26 -29.98
CA LEU B 9 4.05 10.94 -29.60
C LEU B 9 5.28 10.08 -29.38
N VAL B 10 5.37 9.44 -28.20
CA VAL B 10 6.56 8.74 -27.80
C VAL B 10 6.31 7.27 -28.11
N ALA B 11 6.91 6.76 -29.17
CA ALA B 11 6.63 5.41 -29.66
C ALA B 11 7.60 4.42 -29.06
N ASN B 12 7.41 4.23 -27.75
CA ASN B 12 8.17 3.33 -26.92
C ASN B 12 7.43 3.15 -25.61
N ARG B 13 8.12 2.53 -24.64
CA ARG B 13 7.59 2.19 -23.32
C ARG B 13 8.73 2.35 -22.38
N GLY B 14 8.45 2.21 -21.09
CA GLY B 14 9.46 2.06 -20.10
C GLY B 14 10.28 3.30 -19.89
N GLU B 15 11.48 3.07 -19.40
CA GLU B 15 12.37 4.14 -19.01
C GLU B 15 12.53 5.25 -20.07
N ILE B 16 12.93 4.87 -21.27
CA ILE B 16 13.19 5.88 -22.33
C ILE B 16 11.94 6.68 -22.75
N ALA B 17 10.77 6.06 -22.67
CA ALA B 17 9.54 6.72 -22.92
C ALA B 17 9.32 7.85 -21.89
N ILE B 18 9.72 7.60 -20.65
CA ILE B 18 9.48 8.58 -19.58
C ILE B 18 10.47 9.72 -19.70
N ARG B 19 11.72 9.37 -20.06
CA ARG B 19 12.77 10.34 -20.32
C ARG B 19 12.37 11.36 -21.38
N VAL B 20 11.83 10.86 -22.49
CA VAL B 20 11.41 11.73 -23.58
C VAL B 20 10.27 12.60 -23.12
N MET B 21 9.30 12.00 -22.45
CA MET B 21 8.16 12.76 -21.97
C MET B 21 8.61 13.91 -21.09
N ARG B 22 9.55 13.60 -20.20
CA ARG B 22 10.09 14.60 -19.31
C ARG B 22 10.80 15.72 -20.08
N ALA B 23 11.54 15.37 -21.12
CA ALA B 23 12.18 16.41 -21.95
C ALA B 23 11.12 17.23 -22.71
N CYS B 24 10.05 16.60 -23.15
CA CYS B 24 9.00 17.31 -23.84
C CYS B 24 8.32 18.33 -22.93
N THR B 25 8.00 17.90 -21.72
CA THR B 25 7.27 18.81 -20.82
C THR B 25 8.17 19.99 -20.42
N GLU B 26 9.48 19.76 -20.42
CA GLU B 26 10.41 20.82 -20.05
C GLU B 26 10.39 21.89 -21.13
N LEU B 27 10.30 21.45 -22.38
CA LEU B 27 10.11 22.34 -23.50
C LEU B 27 8.67 22.67 -23.81
N LYS B 28 7.74 22.51 -22.89
CA LYS B 28 6.36 22.97 -23.14
C LYS B 28 5.65 22.25 -24.30
N ILE B 29 6.15 21.05 -24.67
CA ILE B 29 5.56 20.19 -25.72
C ILE B 29 4.59 19.15 -25.18
N LYS B 30 3.45 19.00 -25.82
CA LYS B 30 2.45 18.02 -25.39
C LYS B 30 2.92 16.59 -25.72
N THR B 31 2.59 15.64 -24.85
CA THR B 31 3.04 14.27 -25.05
C THR B 31 1.91 13.30 -25.23
N VAL B 32 2.16 12.32 -26.09
CA VAL B 32 1.25 11.23 -26.31
C VAL B 32 1.95 9.88 -26.18
N ALA B 33 1.49 9.06 -25.24
CA ALA B 33 2.09 7.72 -25.02
C ALA B 33 1.33 6.65 -25.74
N ILE B 34 2.02 5.58 -26.09
CA ILE B 34 1.36 4.35 -26.51
C ILE B 34 1.69 3.17 -25.58
N TYR B 35 0.73 2.28 -25.38
CA TYR B 35 0.96 1.09 -24.58
C TYR B 35 0.40 -0.13 -25.24
N SER B 36 1.07 -1.26 -25.09
CA SER B 36 0.46 -2.53 -25.52
C SER B 36 -0.59 -2.93 -24.48
N GLN B 37 -1.41 -3.92 -24.83
CA GLN B 37 -2.39 -4.47 -23.90
C GLN B 37 -1.68 -4.89 -22.61
N GLU B 38 -0.69 -5.73 -22.80
CA GLU B 38 0.16 -6.20 -21.73
C GLU B 38 0.70 -5.05 -20.86
N ASP B 39 0.92 -3.88 -21.45
CA ASP B 39 1.47 -2.72 -20.70
C ASP B 39 0.39 -1.76 -20.24
N THR B 40 -0.85 -2.23 -20.16
CA THR B 40 -1.93 -1.36 -19.77
C THR B 40 -1.59 -0.68 -18.45
N GLY B 41 -0.79 -1.32 -17.60
CA GLY B 41 -0.41 -0.74 -16.30
C GLY B 41 0.98 -0.11 -16.17
N SER B 42 1.77 -0.05 -17.26
CA SER B 42 3.11 0.49 -17.21
C SER B 42 3.08 1.97 -16.86
N PHE B 43 4.01 2.45 -16.02
CA PHE B 43 3.79 3.74 -15.39
C PHE B 43 4.09 4.86 -16.37
N HIS B 44 4.79 4.53 -17.44
CA HIS B 44 5.01 5.48 -18.53
C HIS B 44 3.70 5.97 -19.18
N ARG B 45 2.73 5.09 -19.32
CA ARG B 45 1.35 5.52 -19.63
C ARG B 45 0.73 6.70 -18.73
N TYR B 46 1.14 6.81 -17.46
CA TYR B 46 0.65 7.88 -16.55
C TYR B 46 1.53 9.14 -16.55
N LYS B 47 2.58 9.15 -17.39
CA LYS B 47 3.47 10.28 -17.48
C LYS B 47 3.17 11.19 -18.69
N SER B 48 2.23 10.83 -19.52
CA SER B 48 1.95 11.59 -20.73
C SER B 48 0.64 12.29 -20.58
N ASP B 49 0.42 13.30 -21.38
CA ASP B 49 -0.82 14.04 -21.34
C ASP B 49 -1.95 13.21 -21.96
N GLU B 50 -1.61 12.31 -22.89
CA GLU B 50 -2.55 11.43 -23.59
C GLU B 50 -1.95 10.03 -23.70
N ALA B 51 -2.78 9.01 -23.72
CA ALA B 51 -2.27 7.67 -23.99
C ALA B 51 -3.30 6.89 -24.79
N TYR B 52 -2.81 5.98 -25.64
CA TYR B 52 -3.67 5.22 -26.53
C TYR B 52 -3.12 3.83 -26.65
N LEU B 53 -4.03 2.87 -26.76
CA LEU B 53 -3.63 1.47 -26.92
C LEU B 53 -3.15 1.28 -28.33
N VAL B 54 -2.15 0.44 -28.50
CA VAL B 54 -1.54 0.13 -29.78
C VAL B 54 -1.36 -1.39 -29.92
N GLY B 55 -1.42 -1.87 -31.16
CA GLY B 55 -1.13 -3.23 -31.48
C GLY B 55 -2.25 -4.19 -31.11
N ALA B 56 -3.43 -3.66 -30.81
CA ALA B 56 -4.53 -4.52 -30.38
C ALA B 56 -4.47 -5.85 -31.13
N GLY B 57 -4.28 -6.93 -30.39
CA GLY B 57 -4.36 -8.27 -30.95
C GLY B 57 -3.00 -8.84 -31.26
N LYS B 58 -1.99 -8.00 -31.40
CA LYS B 58 -0.69 -8.55 -31.71
C LYS B 58 -0.04 -9.10 -30.46
N LYS B 59 1.06 -9.82 -30.66
CA LYS B 59 1.88 -10.31 -29.57
C LYS B 59 2.48 -9.15 -28.75
N PRO B 60 2.97 -9.44 -27.56
CA PRO B 60 3.52 -8.37 -26.74
C PRO B 60 4.52 -7.43 -27.45
N ILE B 61 5.58 -7.97 -28.07
CA ILE B 61 6.60 -7.14 -28.75
C ILE B 61 6.10 -6.56 -30.08
N ASP B 62 5.46 -7.39 -30.90
CA ASP B 62 4.92 -6.93 -32.19
C ASP B 62 4.02 -5.70 -32.01
N ALA B 63 3.31 -5.62 -30.90
CA ALA B 63 2.38 -4.53 -30.74
C ALA B 63 3.04 -3.16 -30.74
N TYR B 64 4.31 -3.11 -30.29
CA TYR B 64 5.12 -1.85 -30.28
C TYR B 64 5.88 -1.68 -31.60
N LEU B 65 5.81 -2.69 -32.46
CA LEU B 65 6.27 -2.58 -33.84
C LEU B 65 5.17 -2.30 -34.87
N ASP B 66 3.92 -2.02 -34.45
CA ASP B 66 2.84 -1.80 -35.43
C ASP B 66 2.88 -0.38 -36.01
N ILE B 67 3.81 -0.20 -36.94
CA ILE B 67 3.98 1.02 -37.68
C ILE B 67 2.69 1.74 -38.09
N GLU B 68 1.79 1.05 -38.79
CA GLU B 68 0.63 1.74 -39.33
C GLU B 68 -0.35 2.15 -38.24
N ASN B 69 -0.55 1.30 -37.22
CA ASN B 69 -1.33 1.72 -36.04
C ASN B 69 -0.67 2.92 -35.37
N ILE B 70 0.65 2.93 -35.26
CA ILE B 70 1.32 4.06 -34.65
C ILE B 70 1.05 5.30 -35.46
N ILE B 71 1.23 5.24 -36.77
CA ILE B 71 0.87 6.36 -37.65
C ILE B 71 -0.61 6.77 -37.50
N GLU B 72 -1.51 5.81 -37.40
CA GLU B 72 -2.91 6.20 -37.23
C GLU B 72 -3.01 7.06 -36.00
N ILE B 73 -2.39 6.61 -34.91
CA ILE B 73 -2.58 7.28 -33.62
C ILE B 73 -1.90 8.66 -33.63
N ALA B 74 -0.71 8.71 -34.23
CA ALA B 74 0.03 9.94 -34.40
C ALA B 74 -0.82 11.02 -35.04
N LYS B 75 -1.43 10.65 -36.18
CA LYS B 75 -2.36 11.49 -36.93
C LYS B 75 -3.68 11.81 -36.18
N GLU B 76 -4.41 10.78 -35.78
CA GLU B 76 -5.58 10.99 -34.94
C GLU B 76 -5.36 12.08 -33.87
N SER B 77 -4.25 11.99 -33.14
CA SER B 77 -3.99 12.85 -31.97
C SER B 77 -3.38 14.21 -32.27
N GLY B 78 -2.91 14.44 -33.48
CA GLY B 78 -2.36 15.75 -33.85
C GLY B 78 -0.89 15.87 -33.53
N ALA B 79 -0.20 14.74 -33.58
CA ALA B 79 1.19 14.69 -33.24
C ALA B 79 2.05 15.21 -34.39
N ASP B 80 2.73 16.31 -34.16
CA ASP B 80 3.66 16.88 -35.15
C ASP B 80 4.87 15.97 -35.38
N ALA B 81 5.22 15.21 -34.35
CA ALA B 81 6.47 14.45 -34.36
C ALA B 81 6.44 13.18 -33.51
N ILE B 82 7.26 12.21 -33.88
CA ILE B 82 7.39 10.99 -33.17
C ILE B 82 8.84 10.74 -32.71
N HIS B 83 9.04 10.52 -31.42
CA HIS B 83 10.31 10.04 -30.90
C HIS B 83 10.31 8.54 -30.67
N PRO B 84 11.12 7.82 -31.46
CA PRO B 84 11.02 6.36 -31.44
C PRO B 84 11.80 5.72 -30.27
N GLY B 85 12.61 6.51 -29.58
CA GLY B 85 13.31 6.08 -28.39
C GLY B 85 14.53 5.29 -28.77
N TYR B 86 14.82 4.24 -28.02
CA TYR B 86 15.81 3.25 -28.41
C TYR B 86 15.10 1.92 -28.51
N GLY B 87 15.81 0.95 -29.08
CA GLY B 87 15.23 -0.33 -29.49
C GLY B 87 13.97 -0.18 -30.36
N PHE B 88 13.11 -1.20 -30.28
CA PHE B 88 11.89 -1.29 -31.04
C PHE B 88 12.02 -0.79 -32.49
N LEU B 89 11.41 0.34 -32.83
CA LEU B 89 11.39 0.84 -34.20
C LEU B 89 12.38 1.96 -34.41
N SER B 90 13.18 2.28 -33.40
CA SER B 90 14.14 3.38 -33.49
C SER B 90 15.16 3.34 -34.64
N GLU B 91 15.47 2.14 -35.11
CA GLU B 91 16.47 1.89 -36.21
C GLU B 91 15.81 1.25 -37.44
N ASN B 92 14.51 1.40 -37.59
CA ASN B 92 13.74 0.72 -38.63
C ASN B 92 13.44 1.62 -39.83
N ILE B 93 14.08 1.32 -40.96
CA ILE B 93 13.90 2.09 -42.21
C ILE B 93 12.43 2.40 -42.57
N GLU B 94 11.59 1.35 -42.64
CA GLU B 94 10.19 1.52 -43.07
C GLU B 94 9.49 2.56 -42.21
N PHE B 95 9.71 2.49 -40.89
CA PHE B 95 9.14 3.44 -39.95
C PHE B 95 9.59 4.91 -40.15
N ALA B 96 10.89 5.14 -40.29
CA ALA B 96 11.30 6.50 -40.59
C ALA B 96 10.68 6.90 -41.93
N ARG B 97 11.04 6.17 -42.99
CA ARG B 97 10.49 6.43 -44.33
C ARG B 97 9.03 6.82 -44.20
N ARG B 98 8.33 6.01 -43.45
CA ARG B 98 6.90 6.07 -43.40
C ARG B 98 6.43 7.38 -42.70
N CYS B 99 7.19 7.88 -41.72
CA CYS B 99 6.88 9.17 -41.05
C CYS B 99 7.11 10.39 -41.94
N GLU B 100 8.26 10.35 -42.60
CA GLU B 100 8.69 11.36 -43.52
C GLU B 100 7.56 11.53 -44.53
N GLN B 101 7.10 10.40 -45.07
CA GLN B 101 6.06 10.39 -46.08
C GLN B 101 4.78 10.98 -45.60
N GLU B 102 4.57 10.96 -44.30
CA GLU B 102 3.30 11.42 -43.77
C GLU B 102 3.40 12.83 -43.27
N GLY B 103 4.59 13.41 -43.37
CA GLY B 103 4.83 14.76 -42.91
C GLY B 103 4.76 14.79 -41.41
N ILE B 104 5.32 13.76 -40.79
CA ILE B 104 5.40 13.66 -39.34
C ILE B 104 6.88 13.58 -38.96
N ILE B 105 7.36 14.58 -38.24
CA ILE B 105 8.79 14.71 -37.98
C ILE B 105 9.34 13.53 -37.18
N PHE B 106 10.36 12.89 -37.69
CA PHE B 106 10.91 11.71 -37.05
C PHE B 106 12.07 12.23 -36.24
N VAL B 107 12.05 12.09 -34.91
CA VAL B 107 13.07 12.71 -34.06
C VAL B 107 14.26 11.79 -34.05
N GLY B 108 15.08 11.95 -35.08
CA GLY B 108 16.19 11.05 -35.32
C GLY B 108 16.91 11.53 -36.55
N PRO B 109 17.78 10.68 -37.12
CA PRO B 109 18.32 11.03 -38.42
C PRO B 109 17.33 10.73 -39.57
N LYS B 110 17.72 11.05 -40.79
CA LYS B 110 16.91 10.71 -41.95
C LYS B 110 16.94 9.19 -42.18
N SER B 111 15.93 8.67 -42.89
CA SER B 111 15.86 7.26 -43.28
C SER B 111 17.14 6.73 -43.95
N LYS B 112 17.76 7.53 -44.81
CA LYS B 112 18.96 7.04 -45.50
C LYS B 112 20.09 6.74 -44.52
N HIS B 113 20.06 7.37 -43.35
CA HIS B 113 21.09 7.15 -42.36
C HIS B 113 20.90 5.82 -41.67
N LEU B 114 19.64 5.42 -41.49
CA LEU B 114 19.32 4.14 -40.90
C LEU B 114 19.64 3.04 -41.89
N ASP B 115 19.59 3.39 -43.17
CA ASP B 115 19.90 2.46 -44.25
C ASP B 115 21.39 2.16 -44.32
N MET B 116 22.20 3.21 -44.38
CA MET B 116 23.65 3.02 -44.50
C MET B 116 24.22 2.43 -43.24
N PHE B 117 23.49 2.53 -42.13
CA PHE B 117 23.91 1.99 -40.81
C PHE B 117 23.01 0.88 -40.25
N GLY B 118 21.96 0.50 -40.94
CA GLY B 118 21.21 -0.70 -40.56
C GLY B 118 21.99 -1.98 -40.81
N ASP B 119 22.85 -1.94 -41.82
CA ASP B 119 23.65 -3.08 -42.24
C ASP B 119 24.99 -3.03 -41.49
N LYS B 120 25.47 -4.19 -41.04
CA LYS B 120 26.79 -4.27 -40.38
C LYS B 120 27.90 -4.03 -41.40
N ILE B 121 27.66 -4.33 -42.67
CA ILE B 121 28.70 -4.14 -43.68
C ILE B 121 28.69 -2.71 -44.24
N LYS B 122 27.53 -2.19 -44.67
CA LYS B 122 27.53 -0.88 -45.36
C LYS B 122 27.98 0.23 -44.46
N ALA B 123 28.06 -0.08 -43.17
CA ALA B 123 28.69 0.79 -42.19
C ALA B 123 30.20 0.76 -42.39
N LYS B 124 30.80 -0.45 -42.32
CA LYS B 124 32.23 -0.66 -42.65
C LYS B 124 32.57 0.17 -43.86
N GLU B 125 31.78 -0.01 -44.92
CA GLU B 125 31.88 0.77 -46.13
C GLU B 125 32.05 2.25 -45.80
N GLN B 126 31.01 2.86 -45.26
CA GLN B 126 30.99 4.31 -44.97
C GLN B 126 32.17 4.79 -44.14
N ALA B 127 32.71 3.90 -43.32
CA ALA B 127 33.86 4.21 -42.49
C ALA B 127 35.14 4.26 -43.31
N LEU B 128 35.15 3.52 -44.42
CA LEU B 128 36.27 3.52 -45.35
C LEU B 128 36.21 4.81 -46.16
N LEU B 129 35.04 5.13 -46.70
CA LEU B 129 34.89 6.39 -47.41
C LEU B 129 35.25 7.58 -46.50
N ALA B 130 35.15 7.39 -45.18
CA ALA B 130 35.48 8.46 -44.25
C ALA B 130 36.96 8.52 -44.00
N ASP B 131 37.69 7.44 -44.29
CA ASP B 131 39.15 7.45 -44.10
C ASP B 131 39.45 7.30 -42.60
N ILE B 132 38.79 6.33 -41.96
CA ILE B 132 39.08 6.02 -40.54
C ILE B 132 39.25 4.51 -40.31
N PRO B 133 40.03 4.15 -39.26
CA PRO B 133 40.48 2.75 -39.10
C PRO B 133 39.36 1.76 -38.92
N VAL B 134 39.64 0.50 -39.24
CA VAL B 134 38.64 -0.56 -39.23
C VAL B 134 39.37 -1.85 -38.91
N ILE B 135 38.66 -2.90 -38.56
CA ILE B 135 39.35 -4.16 -38.34
C ILE B 135 39.50 -4.90 -39.67
N PRO B 136 40.64 -5.59 -39.84
CA PRO B 136 40.77 -6.73 -40.76
C PRO B 136 41.01 -8.07 -40.01
N CYS B 206 40.62 -10.41 -35.41
CA CYS B 206 39.95 -10.60 -34.12
C CYS B 206 40.84 -10.15 -32.94
N VAL B 207 40.36 -9.16 -32.17
CA VAL B 207 41.26 -8.26 -31.41
C VAL B 207 41.46 -8.63 -29.94
N MET B 208 42.68 -8.42 -29.44
CA MET B 208 43.12 -8.93 -28.13
C MET B 208 42.89 -7.97 -26.93
N ASN B 209 41.97 -8.39 -26.04
CA ASN B 209 41.69 -7.71 -24.76
C ASN B 209 41.35 -6.24 -24.93
N PRO B 210 40.33 -5.96 -25.74
CA PRO B 210 40.03 -4.60 -26.11
C PRO B 210 39.15 -3.87 -25.07
N LYS B 211 39.28 -2.54 -25.02
CA LYS B 211 38.25 -1.69 -24.42
C LYS B 211 37.14 -1.41 -25.46
N HIS B 212 35.91 -1.28 -24.99
CA HIS B 212 34.78 -0.99 -25.88
C HIS B 212 34.31 0.42 -25.54
N ILE B 213 34.40 1.32 -26.51
CA ILE B 213 34.39 2.74 -26.23
C ILE B 213 33.55 3.45 -27.28
N GLU B 214 32.55 4.22 -26.85
CA GLU B 214 31.65 4.87 -27.79
C GLU B 214 31.75 6.37 -27.68
N VAL B 215 31.44 7.06 -28.78
CA VAL B 215 31.51 8.50 -28.82
C VAL B 215 30.16 9.05 -29.13
N GLN B 216 29.74 10.07 -28.35
CA GLN B 216 28.42 10.66 -28.50
C GLN B 216 28.52 11.74 -29.50
N ILE B 217 27.68 11.68 -30.53
CA ILE B 217 27.59 12.72 -31.55
C ILE B 217 26.22 13.39 -31.55
N LEU B 218 26.22 14.70 -31.74
CA LEU B 218 25.01 15.46 -32.09
C LEU B 218 25.29 16.24 -33.36
N GLY B 219 24.27 16.43 -34.20
CA GLY B 219 24.42 17.16 -35.47
C GLY B 219 23.07 17.71 -35.91
N ASP B 220 23.00 19.02 -36.26
CA ASP B 220 21.71 19.66 -36.66
C ASP B 220 21.52 19.63 -38.17
N THR B 221 20.33 20.08 -38.62
CA THR B 221 20.02 20.25 -40.05
C THR B 221 20.90 21.28 -40.78
N HIS B 222 21.59 22.14 -40.05
CA HIS B 222 22.34 23.27 -40.64
C HIS B 222 23.84 22.99 -40.74
N GLY B 223 24.23 21.74 -40.95
CA GLY B 223 25.64 21.36 -41.04
C GLY B 223 26.58 21.69 -39.88
N ASN B 224 26.07 21.75 -38.65
CA ASN B 224 26.95 21.73 -37.47
C ASN B 224 26.99 20.31 -36.90
N ILE B 225 28.15 19.89 -36.42
CA ILE B 225 28.29 18.54 -35.87
C ILE B 225 29.31 18.49 -34.75
N VAL B 226 28.80 18.25 -33.55
CA VAL B 226 29.58 18.14 -32.32
C VAL B 226 29.72 16.69 -31.84
N HIS B 227 30.73 16.43 -31.03
CA HIS B 227 30.83 15.21 -30.24
C HIS B 227 30.74 15.57 -28.77
N LEU B 228 30.23 14.67 -27.94
CA LEU B 228 30.22 14.91 -26.46
C LEU B 228 31.10 13.95 -25.72
N PHE B 229 32.28 13.68 -26.28
CA PHE B 229 33.28 12.82 -25.67
C PHE B 229 32.79 11.38 -25.63
N GLU B 230 33.40 10.58 -24.78
CA GLU B 230 33.26 9.16 -24.92
C GLU B 230 32.58 8.55 -23.70
N ARG B 231 32.30 7.25 -23.82
CA ARG B 231 31.84 6.42 -22.73
C ARG B 231 32.55 5.10 -22.89
N ASP B 232 32.95 4.52 -21.76
CA ASP B 232 33.60 3.21 -21.71
C ASP B 232 32.53 2.18 -21.33
N CYS B 233 32.13 1.39 -22.31
CA CYS B 233 31.15 0.33 -22.14
C CYS B 233 31.76 -1.07 -22.11
N SER B 234 32.89 -1.22 -21.41
CA SER B 234 33.69 -2.47 -21.52
C SER B 234 33.21 -3.55 -20.58
N ILE B 235 32.61 -3.16 -19.48
CA ILE B 235 32.10 -4.14 -18.54
C ILE B 235 30.86 -4.79 -19.13
N GLN B 236 31.04 -6.01 -19.63
CA GLN B 236 29.93 -6.77 -20.23
C GLN B 236 29.83 -8.18 -19.69
N ARG B 237 28.61 -8.72 -19.74
CA ARG B 237 28.34 -10.09 -19.37
C ARG B 237 27.71 -10.80 -20.56
N ARG B 238 28.37 -11.87 -21.02
CA ARG B 238 27.95 -12.62 -22.22
C ARG B 238 27.60 -11.64 -23.33
N HIS B 239 28.48 -10.64 -23.50
CA HIS B 239 28.33 -9.59 -24.49
C HIS B 239 26.99 -8.84 -24.38
N GLN B 240 26.68 -8.39 -23.15
CA GLN B 240 25.57 -7.44 -22.85
C GLN B 240 26.05 -6.47 -21.77
N LYS B 241 25.84 -5.17 -21.98
CA LYS B 241 26.43 -4.13 -21.13
C LYS B 241 25.85 -4.13 -19.74
N VAL B 242 26.64 -3.75 -18.75
CA VAL B 242 26.20 -3.87 -17.36
C VAL B 242 26.51 -2.67 -16.48
N VAL B 243 27.77 -2.24 -16.51
CA VAL B 243 28.13 -0.93 -15.99
C VAL B 243 28.82 -0.10 -17.08
N GLU B 244 28.45 1.17 -17.14
CA GLU B 244 29.02 2.08 -18.12
C GLU B 244 29.63 3.23 -17.33
N VAL B 245 30.80 3.69 -17.76
CA VAL B 245 31.53 4.75 -17.10
C VAL B 245 31.87 5.81 -18.15
N ALA B 246 31.73 7.08 -17.80
CA ALA B 246 32.15 8.17 -18.68
C ALA B 246 32.90 9.18 -17.83
N PRO B 247 34.04 9.71 -18.33
CA PRO B 247 34.70 9.34 -19.56
C PRO B 247 35.48 8.06 -19.28
N CYS B 248 36.11 7.49 -20.32
CA CYS B 248 37.07 6.38 -20.13
C CYS B 248 38.33 6.80 -19.39
N ASN B 249 38.35 6.61 -18.08
CA ASN B 249 39.41 7.19 -17.24
C ASN B 249 40.80 6.68 -17.61
N ALA B 250 40.90 5.46 -18.13
CA ALA B 250 42.19 4.83 -18.40
C ALA B 250 42.64 4.91 -19.87
N ILE B 251 42.53 6.09 -20.46
CA ILE B 251 43.22 6.43 -21.70
C ILE B 251 43.74 7.87 -21.67
N THR B 252 44.62 8.21 -22.61
CA THR B 252 45.30 9.50 -22.63
C THR B 252 44.43 10.52 -23.36
N SER B 253 44.69 11.80 -23.10
CA SER B 253 43.95 12.89 -23.78
C SER B 253 44.11 12.80 -25.31
N GLU B 254 45.27 12.37 -25.79
CA GLU B 254 45.56 12.34 -27.23
C GLU B 254 44.73 11.25 -27.92
N LEU B 255 44.71 10.06 -27.31
CA LEU B 255 43.94 8.95 -27.85
C LEU B 255 42.46 9.30 -27.92
N ARG B 256 42.03 10.02 -26.87
CA ARG B 256 40.63 10.39 -26.72
C ARG B 256 40.19 11.26 -27.88
N ASN B 257 41.10 12.13 -28.32
CA ASN B 257 40.78 13.05 -29.40
C ASN B 257 40.84 12.38 -30.77
N ARG B 258 41.83 11.51 -30.95
CA ARG B 258 41.91 10.78 -32.20
C ARG B 258 40.61 10.01 -32.42
N ILE B 259 40.14 9.36 -31.36
CA ILE B 259 38.89 8.61 -31.45
C ILE B 259 37.70 9.51 -31.64
N CYS B 260 37.63 10.58 -30.87
CA CYS B 260 36.48 11.47 -30.94
C CYS B 260 36.38 12.16 -32.31
N ASP B 261 37.52 12.67 -32.78
CA ASP B 261 37.60 13.33 -34.08
C ASP B 261 37.29 12.34 -35.18
N ALA B 262 37.78 11.12 -35.00
CA ALA B 262 37.44 10.08 -35.96
C ALA B 262 35.91 9.98 -36.13
N ALA B 263 35.16 9.98 -35.03
CA ALA B 263 33.70 9.80 -35.15
C ALA B 263 33.03 11.03 -35.71
N VAL B 264 33.51 12.22 -35.35
CA VAL B 264 32.99 13.43 -36.02
C VAL B 264 33.18 13.31 -37.53
N LYS B 265 34.40 12.99 -37.94
CA LYS B 265 34.74 12.86 -39.35
C LYS B 265 33.72 12.03 -40.08
N LEU B 266 33.44 10.83 -39.53
CA LEU B 266 32.47 9.94 -40.16
C LEU B 266 31.10 10.55 -40.23
N MET B 267 30.70 11.18 -39.14
CA MET B 267 29.31 11.62 -39.05
C MET B 267 29.07 12.87 -39.87
N LYS B 268 30.07 13.77 -39.96
CA LYS B 268 30.06 14.88 -40.94
C LYS B 268 30.08 14.34 -42.38
N ASN B 269 30.99 13.42 -42.66
CA ASN B 269 31.09 12.82 -43.99
C ASN B 269 29.74 12.39 -44.58
N VAL B 270 28.79 11.96 -43.74
CA VAL B 270 27.45 11.61 -44.25
C VAL B 270 26.34 12.60 -43.86
N ASP B 271 26.72 13.77 -43.33
CA ASP B 271 25.77 14.77 -42.87
C ASP B 271 24.78 14.14 -41.92
N TYR B 272 25.29 13.47 -40.86
CA TYR B 272 24.44 12.82 -39.84
C TYR B 272 23.63 13.87 -39.09
N ILE B 273 22.37 13.52 -38.82
CA ILE B 273 21.35 14.41 -38.21
C ILE B 273 20.79 13.85 -36.88
N ASN B 274 20.75 14.70 -35.87
CA ASN B 274 20.21 14.39 -34.53
C ASN B 274 21.22 13.63 -33.70
N ALA B 275 20.77 12.86 -32.72
CA ALA B 275 21.72 12.16 -31.83
C ALA B 275 22.10 10.85 -32.46
N GLY B 276 23.39 10.50 -32.36
CA GLY B 276 23.87 9.19 -32.78
C GLY B 276 25.15 8.84 -32.03
N THR B 277 25.52 7.56 -32.06
CA THR B 277 26.70 7.08 -31.34
C THR B 277 27.57 6.22 -32.25
N VAL B 278 28.88 6.43 -32.17
CA VAL B 278 29.84 5.68 -32.97
C VAL B 278 30.70 4.88 -32.04
N GLU B 279 30.68 3.55 -32.26
CA GLU B 279 31.37 2.57 -31.40
C GLU B 279 32.76 2.19 -31.98
N PHE B 280 33.71 1.98 -31.07
CA PHE B 280 35.08 1.64 -31.43
C PHE B 280 35.59 0.60 -30.47
N LEU B 281 36.43 -0.30 -30.96
CA LEU B 281 37.22 -1.16 -30.11
C LEU B 281 38.58 -0.51 -29.97
N VAL B 282 39.21 -0.65 -28.81
CA VAL B 282 40.55 -0.13 -28.60
C VAL B 282 41.52 -1.19 -28.09
N GLU B 283 42.69 -1.32 -28.72
CA GLU B 283 43.78 -2.12 -28.17
C GLU B 283 44.94 -1.17 -27.92
N GLY B 284 45.50 -1.21 -26.72
CA GLY B 284 46.60 -0.30 -26.34
C GLY B 284 46.43 1.15 -26.82
N ASP B 285 46.94 1.41 -28.03
CA ASP B 285 47.00 2.76 -28.60
C ASP B 285 46.43 2.91 -30.01
N ASP B 286 45.93 1.81 -30.57
CA ASP B 286 45.14 1.85 -31.80
C ASP B 286 43.66 1.71 -31.45
N PHE B 287 42.83 2.10 -32.39
CA PHE B 287 41.40 1.86 -32.30
C PHE B 287 40.79 1.50 -33.65
N TYR B 288 39.65 0.86 -33.61
CA TYR B 288 39.04 0.32 -34.82
C TYR B 288 37.54 0.52 -34.77
N PHE B 289 36.99 1.28 -35.71
CA PHE B 289 35.53 1.39 -35.86
C PHE B 289 34.85 0.02 -35.93
N ILE B 290 33.68 -0.09 -35.30
CA ILE B 290 32.84 -1.29 -35.38
C ILE B 290 31.35 -1.03 -35.64
N GLU B 291 30.80 0.14 -35.30
CA GLU B 291 29.33 0.29 -35.39
C GLU B 291 28.83 1.72 -35.20
N VAL B 292 27.73 2.04 -35.86
CA VAL B 292 27.01 3.26 -35.59
C VAL B 292 25.59 2.93 -35.17
N ASN B 293 25.17 3.46 -34.02
CA ASN B 293 23.73 3.38 -33.59
C ASN B 293 23.09 4.72 -33.88
N PRO B 294 22.15 4.76 -34.81
CA PRO B 294 21.53 6.01 -35.18
C PRO B 294 20.30 6.37 -34.30
N ARG B 295 20.53 6.51 -33.00
CA ARG B 295 19.48 6.67 -31.98
C ARG B 295 20.11 7.10 -30.68
N VAL B 296 19.25 7.51 -29.74
CA VAL B 296 19.70 7.64 -28.35
C VAL B 296 20.12 6.28 -27.81
N GLN B 297 20.95 6.31 -26.79
CA GLN B 297 21.30 5.10 -26.10
C GLN B 297 20.92 5.12 -24.63
N VAL B 298 20.84 3.92 -24.07
CA VAL B 298 20.58 3.75 -22.64
C VAL B 298 21.54 4.60 -21.81
N GLU B 299 22.82 4.60 -22.17
CA GLU B 299 23.86 5.25 -21.36
C GLU B 299 24.08 6.74 -21.64
N HIS B 300 23.30 7.32 -22.55
CA HIS B 300 23.43 8.75 -22.73
C HIS B 300 23.44 9.53 -21.42
N THR B 301 22.77 8.99 -20.41
CA THR B 301 22.72 9.60 -19.10
C THR B 301 24.07 10.03 -18.62
N ILE B 302 25.06 9.16 -18.75
CA ILE B 302 26.35 9.42 -18.11
C ILE B 302 27.11 10.52 -18.82
N THR B 303 26.79 10.71 -20.09
CA THR B 303 27.34 11.78 -20.87
C THR B 303 26.70 13.15 -20.52
N GLU B 304 25.41 13.18 -20.32
CA GLU B 304 24.78 14.40 -19.89
C GLU B 304 25.41 14.85 -18.59
N MET B 305 25.77 13.89 -17.75
CA MET B 305 26.32 14.23 -16.46
C MET B 305 27.72 14.87 -16.48
N ILE B 306 28.58 14.46 -17.39
CA ILE B 306 29.95 14.98 -17.39
C ILE B 306 30.12 16.19 -18.29
N THR B 307 29.23 16.34 -19.29
CA THR B 307 29.20 17.50 -20.17
C THR B 307 28.18 18.60 -19.88
N GLY B 308 27.08 18.32 -19.19
CA GLY B 308 26.08 19.35 -18.84
C GLY B 308 24.96 19.51 -19.87
N ILE B 309 25.05 18.73 -20.95
CA ILE B 309 24.19 18.96 -22.08
C ILE B 309 23.07 17.95 -22.07
N ASP B 310 21.84 18.45 -21.94
CA ASP B 310 20.65 17.63 -22.08
C ASP B 310 20.52 17.09 -23.50
N ILE B 311 20.91 15.83 -23.65
CA ILE B 311 20.88 15.15 -24.95
C ILE B 311 19.47 15.01 -25.53
N VAL B 312 18.50 14.68 -24.69
CA VAL B 312 17.17 14.43 -25.22
C VAL B 312 16.48 15.71 -25.62
N GLN B 313 16.63 16.77 -24.85
CA GLN B 313 16.12 18.08 -25.30
C GLN B 313 16.81 18.45 -26.60
N SER B 314 18.13 18.27 -26.66
CA SER B 314 18.86 18.59 -27.89
C SER B 314 18.19 17.89 -29.09
N GLN B 315 17.90 16.60 -28.93
CA GLN B 315 17.24 15.85 -30.01
C GLN B 315 16.03 16.56 -30.49
N LEU B 316 15.27 17.11 -29.54
CA LEU B 316 14.00 17.66 -29.89
C LEU B 316 14.23 18.96 -30.60
N PHE B 317 15.08 19.77 -30.01
CA PHE B 317 15.44 21.03 -30.65
C PHE B 317 15.91 20.85 -32.09
N ILE B 318 16.80 19.89 -32.30
CA ILE B 318 17.33 19.60 -33.64
C ILE B 318 16.25 19.29 -34.67
N ALA B 319 15.36 18.41 -34.29
CA ALA B 319 14.28 17.95 -35.16
C ALA B 319 13.24 19.00 -35.42
N ASP B 320 13.12 19.97 -34.53
CA ASP B 320 12.19 21.09 -34.74
C ASP B 320 12.71 21.99 -35.84
N GLY B 321 14.04 22.08 -35.89
CA GLY B 321 14.73 22.78 -36.95
C GLY B 321 15.87 23.66 -36.53
N TYR B 322 16.11 23.78 -35.23
CA TYR B 322 17.18 24.65 -34.74
C TYR B 322 18.58 24.12 -34.99
N ALA B 323 19.53 24.96 -34.59
CA ALA B 323 20.92 24.75 -34.79
C ALA B 323 21.60 24.70 -33.45
N LEU B 324 22.66 23.90 -33.39
CA LEU B 324 23.18 23.49 -32.12
C LEU B 324 23.40 24.69 -31.19
N HIS B 325 23.90 25.77 -31.74
CA HIS B 325 24.35 26.85 -30.91
C HIS B 325 23.31 27.96 -30.74
N ASP B 326 22.17 27.90 -31.43
CA ASP B 326 21.10 28.85 -31.20
C ASP B 326 20.95 29.00 -29.67
N GLN B 327 20.81 30.22 -29.18
CA GLN B 327 21.05 30.47 -27.76
C GLN B 327 20.10 29.63 -26.91
N LEU B 328 18.92 29.33 -27.44
CA LEU B 328 17.90 28.50 -26.77
C LEU B 328 18.35 27.07 -26.55
N VAL B 329 18.97 26.51 -27.57
CA VAL B 329 19.49 25.14 -27.54
C VAL B 329 20.77 25.04 -26.73
N ALA B 330 21.49 26.14 -26.67
CA ALA B 330 22.66 26.36 -25.83
C ALA B 330 23.82 25.41 -25.94
N ILE B 331 23.95 24.67 -27.04
CA ILE B 331 25.12 23.78 -27.14
C ILE B 331 26.34 24.62 -27.44
N PRO B 332 27.34 24.54 -26.57
CA PRO B 332 28.61 25.23 -26.86
C PRO B 332 29.29 24.77 -28.15
N LYS B 333 30.26 25.58 -28.57
CA LYS B 333 31.14 25.21 -29.67
C LYS B 333 32.03 24.07 -29.21
N GLN B 334 32.43 23.22 -30.13
CA GLN B 334 33.28 22.07 -29.76
C GLN B 334 34.41 22.40 -28.78
N GLU B 335 35.04 23.56 -28.94
CA GLU B 335 36.14 24.01 -28.09
C GLU B 335 35.68 24.18 -26.64
N ASP B 336 34.40 24.53 -26.47
CA ASP B 336 33.83 24.92 -25.17
C ASP B 336 33.09 23.78 -24.46
N ILE B 337 32.92 22.67 -25.18
CA ILE B 337 32.44 21.44 -24.58
C ILE B 337 33.56 20.75 -23.83
N HIS B 338 33.39 20.56 -22.53
CA HIS B 338 34.41 19.91 -21.67
C HIS B 338 33.83 18.81 -20.85
N ILE B 339 34.72 17.96 -20.36
CA ILE B 339 34.46 16.96 -19.35
C ILE B 339 34.48 17.57 -17.95
N HIS B 340 33.42 17.35 -17.18
CA HIS B 340 33.37 17.73 -15.77
C HIS B 340 33.16 16.42 -15.05
N GLY B 341 34.05 16.11 -14.14
CA GLY B 341 33.99 14.89 -13.32
C GLY B 341 33.92 13.58 -14.06
N SER B 342 33.46 12.56 -13.36
CA SER B 342 33.22 11.22 -13.91
C SER B 342 31.85 10.66 -13.45
N ALA B 343 31.17 9.87 -14.28
CA ALA B 343 29.87 9.26 -13.96
C ALA B 343 29.78 7.77 -14.28
N ILE B 344 29.02 7.05 -13.47
CA ILE B 344 28.84 5.60 -13.61
C ILE B 344 27.36 5.30 -13.72
N GLN B 345 27.00 4.36 -14.61
CA GLN B 345 25.60 3.91 -14.68
C GLN B 345 25.44 2.45 -14.38
N SER B 346 24.48 2.16 -13.50
CA SER B 346 24.12 0.79 -13.19
C SER B 346 22.66 0.62 -13.48
N ARG B 347 22.35 -0.44 -14.21
CA ARG B 347 21.00 -0.77 -14.59
C ARG B 347 20.42 -1.79 -13.68
N ILE B 348 19.36 -1.43 -12.95
CA ILE B 348 18.76 -2.33 -11.96
C ILE B 348 17.58 -3.03 -12.63
N THR B 349 17.65 -4.36 -12.64
CA THR B 349 16.74 -5.22 -13.40
C THR B 349 16.29 -6.33 -12.48
N THR B 350 15.22 -7.02 -12.85
CA THR B 350 14.77 -8.21 -12.12
C THR B 350 15.54 -9.49 -12.49
N GLU B 351 16.63 -9.39 -13.25
CA GLU B 351 17.51 -10.55 -13.49
C GLU B 351 18.10 -11.11 -12.21
N ASP B 352 17.74 -12.35 -11.87
CA ASP B 352 18.15 -13.01 -10.64
C ASP B 352 19.52 -13.66 -10.80
N PRO B 353 20.55 -13.14 -10.13
CA PRO B 353 21.85 -13.78 -10.31
C PRO B 353 21.93 -15.20 -9.72
N LEU B 354 21.08 -15.50 -8.72
CA LEU B 354 21.01 -16.85 -8.11
C LEU B 354 20.20 -17.84 -8.94
N ASN B 355 19.85 -17.47 -10.16
CA ASN B 355 19.04 -18.28 -11.04
C ASN B 355 19.44 -17.96 -12.49
N ASN B 356 20.75 -17.82 -12.73
CA ASN B 356 21.27 -17.71 -14.08
C ASN B 356 20.81 -16.42 -14.79
N PHE B 357 20.54 -15.36 -14.01
CA PHE B 357 20.06 -14.06 -14.54
C PHE B 357 18.73 -14.12 -15.28
N MET B 358 17.90 -15.09 -14.93
CA MET B 358 16.54 -15.17 -15.44
C MET B 358 15.71 -14.05 -14.81
N PRO B 359 14.99 -13.25 -15.63
CA PRO B 359 14.18 -12.15 -15.10
C PRO B 359 13.06 -12.61 -14.19
N ASP B 360 13.03 -12.11 -12.96
CA ASP B 360 11.93 -12.45 -12.07
C ASP B 360 10.69 -11.71 -12.51
N THR B 361 9.52 -12.17 -12.10
CA THR B 361 8.28 -11.43 -12.33
C THR B 361 7.47 -11.31 -11.06
N GLY B 362 6.44 -10.46 -11.12
CA GLY B 362 5.49 -10.26 -10.04
C GLY B 362 5.29 -8.79 -9.68
N ARG B 363 4.40 -8.57 -8.72
CA ARG B 363 4.19 -7.29 -8.08
C ARG B 363 5.38 -6.89 -7.21
N VAL B 364 5.79 -5.63 -7.35
CA VAL B 364 6.81 -5.02 -6.53
C VAL B 364 6.09 -4.37 -5.36
N ASP B 365 6.18 -5.01 -4.18
CA ASP B 365 5.40 -4.58 -3.00
C ASP B 365 6.04 -3.40 -2.30
N THR B 366 7.37 -3.41 -2.31
CA THR B 366 8.20 -2.32 -1.85
C THR B 366 9.16 -1.92 -2.94
N TYR B 367 9.25 -0.62 -3.18
CA TYR B 367 10.21 -0.04 -4.09
C TYR B 367 10.55 1.28 -3.45
N ARG B 368 11.75 1.37 -2.95
CA ARG B 368 12.26 2.61 -2.37
C ARG B 368 13.63 2.91 -2.92
N SER B 369 13.71 3.92 -3.78
CA SER B 369 14.98 4.31 -4.37
C SER B 369 15.68 5.20 -3.35
N THR B 370 16.52 6.10 -3.83
CA THR B 370 17.55 6.71 -3.03
C THR B 370 17.73 8.15 -3.52
N GLY B 371 18.60 8.92 -2.91
CA GLY B 371 18.83 10.33 -3.31
C GLY B 371 20.13 10.91 -2.78
N GLY B 372 20.16 12.21 -2.55
CA GLY B 372 21.40 12.88 -2.16
C GLY B 372 22.24 13.38 -3.33
N PHE B 373 23.34 14.08 -3.00
CA PHE B 373 24.20 14.71 -3.98
C PHE B 373 24.85 13.70 -4.92
N GLY B 374 24.92 14.01 -6.22
CA GLY B 374 25.58 13.15 -7.23
C GLY B 374 24.83 11.90 -7.69
N VAL B 375 23.53 11.90 -7.48
CA VAL B 375 22.73 10.73 -7.72
C VAL B 375 21.69 11.01 -8.71
N ARG B 376 21.52 10.12 -9.69
CA ARG B 376 20.47 10.29 -10.69
C ARG B 376 19.73 8.99 -10.89
N LEU B 377 18.40 9.11 -11.04
CA LEU B 377 17.51 7.96 -11.20
C LEU B 377 16.63 8.13 -12.43
N ASP B 378 16.57 7.11 -13.29
CA ASP B 378 15.72 7.19 -14.49
C ASP B 378 14.92 5.89 -14.51
N ALA B 379 13.66 6.03 -14.13
CA ALA B 379 12.80 4.92 -13.79
C ALA B 379 12.13 4.30 -14.98
N GLY B 380 12.17 2.98 -15.02
CA GLY B 380 11.56 2.17 -16.06
C GLY B 380 10.25 1.67 -15.52
N ASN B 381 10.09 0.37 -15.34
CA ASN B 381 8.87 -0.12 -14.72
C ASN B 381 9.17 -0.58 -13.30
N GLY B 382 9.93 0.24 -12.58
CA GLY B 382 10.09 0.11 -11.15
C GLY B 382 9.45 1.26 -10.38
N PHE B 383 8.17 1.11 -10.07
CA PHE B 383 7.48 2.00 -9.12
C PHE B 383 6.68 1.12 -8.15
N GLN B 384 6.54 1.51 -6.89
CA GLN B 384 5.85 0.69 -5.86
C GLN B 384 4.41 0.23 -6.23
N GLY B 385 4.23 -1.07 -6.43
CA GLY B 385 2.94 -1.63 -6.83
C GLY B 385 2.88 -2.02 -8.30
N THR B 386 3.98 -1.84 -9.00
CA THR B 386 4.01 -2.25 -10.38
C THR B 386 4.00 -3.78 -10.45
N VAL B 387 3.51 -4.28 -11.56
CA VAL B 387 3.64 -5.68 -11.85
C VAL B 387 4.61 -5.85 -13.01
N VAL B 388 5.78 -6.40 -12.75
CA VAL B 388 6.67 -6.61 -13.87
C VAL B 388 6.28 -7.91 -14.52
N THR B 389 6.31 -7.91 -15.84
CA THR B 389 5.82 -8.99 -16.66
C THR B 389 7.02 -9.59 -17.33
N PRO B 390 6.85 -10.73 -17.97
CA PRO B 390 7.98 -11.40 -18.64
C PRO B 390 8.19 -11.02 -20.10
N PHE B 391 7.37 -10.09 -20.60
CA PHE B 391 7.36 -9.78 -22.05
C PHE B 391 8.44 -8.81 -22.55
N TYR B 392 8.78 -7.83 -21.73
CA TYR B 392 9.67 -6.77 -22.12
C TYR B 392 10.95 -6.95 -21.39
N ASP B 393 11.87 -6.00 -21.47
CA ASP B 393 13.09 -6.08 -20.68
C ASP B 393 12.69 -5.98 -19.18
N SER B 394 13.65 -6.26 -18.32
CA SER B 394 13.42 -6.36 -16.88
C SER B 394 13.69 -5.07 -16.13
N LEU B 395 14.15 -4.05 -16.84
CA LEU B 395 14.70 -2.85 -16.22
C LEU B 395 13.75 -2.11 -15.27
N LEU B 396 14.18 -1.96 -14.03
CA LEU B 396 13.39 -1.29 -13.03
C LEU B 396 13.75 0.16 -12.98
N VAL B 397 15.06 0.41 -12.86
CA VAL B 397 15.61 1.77 -12.84
C VAL B 397 17.12 1.84 -13.22
N LYS B 398 17.48 2.97 -13.78
CA LYS B 398 18.84 3.28 -14.09
C LYS B 398 19.33 4.15 -12.96
N LEU B 399 20.34 3.65 -12.28
CA LEU B 399 20.96 4.37 -11.19
C LEU B 399 22.26 4.90 -11.75
N CYS B 400 22.41 6.21 -11.69
CA CYS B 400 23.68 6.83 -12.10
C CYS B 400 24.25 7.64 -10.95
N THR B 401 25.57 7.59 -10.77
CA THR B 401 26.23 8.44 -9.75
C THR B 401 27.39 9.22 -10.37
N TRP B 402 27.74 10.32 -9.74
CA TRP B 402 28.77 11.22 -10.24
C TRP B 402 29.71 11.74 -9.16
N GLY B 403 30.96 11.97 -9.55
CA GLY B 403 31.93 12.61 -8.67
C GLY B 403 32.75 13.58 -9.45
N MET B 404 33.64 14.27 -8.73
CA MET B 404 34.71 15.02 -9.38
C MET B 404 35.75 14.05 -9.90
N THR B 405 35.82 12.87 -9.27
CA THR B 405 36.66 11.77 -9.73
C THR B 405 35.88 10.48 -9.79
N PHE B 406 36.32 9.57 -10.66
CA PHE B 406 35.85 8.19 -10.66
C PHE B 406 35.75 7.60 -9.27
N GLU B 407 36.79 7.82 -8.47
CA GLU B 407 36.87 7.26 -7.12
C GLU B 407 35.64 7.74 -6.32
N GLN B 408 35.37 9.04 -6.32
CA GLN B 408 34.20 9.58 -5.62
C GLN B 408 32.86 9.00 -6.11
N ALA B 409 32.73 8.88 -7.43
CA ALA B 409 31.54 8.32 -8.02
C ALA B 409 31.33 6.88 -7.60
N THR B 410 32.43 6.15 -7.44
CA THR B 410 32.38 4.72 -7.11
C THR B 410 31.80 4.55 -5.71
N ARG B 411 32.14 5.44 -4.79
CA ARG B 411 31.65 5.36 -3.42
C ARG B 411 30.16 5.60 -3.34
N LYS B 412 29.67 6.48 -4.19
CA LYS B 412 28.27 6.84 -4.17
C LYS B 412 27.44 5.73 -4.77
N MET B 413 27.93 5.13 -5.86
CA MET B 413 27.29 3.95 -6.45
C MET B 413 27.17 2.84 -5.42
N ARG B 414 28.22 2.67 -4.62
CA ARG B 414 28.28 1.63 -3.58
C ARG B 414 27.16 1.88 -2.61
N ARG B 415 27.16 3.08 -2.02
CA ARG B 415 26.12 3.47 -1.08
C ARG B 415 24.73 3.27 -1.67
N ASN B 416 24.52 3.74 -2.90
CA ASN B 416 23.18 3.78 -3.44
C ASN B 416 22.68 2.39 -3.71
N LEU B 417 23.53 1.52 -4.22
CA LEU B 417 23.08 0.16 -4.44
C LEU B 417 22.62 -0.50 -3.14
N ILE B 418 23.39 -0.30 -2.07
CA ILE B 418 23.07 -0.88 -0.75
C ILE B 418 21.82 -0.25 -0.13
N GLU B 419 21.63 1.04 -0.33
CA GLU B 419 20.52 1.78 0.33
C GLU B 419 19.16 1.48 -0.31
N PHE B 420 19.19 1.02 -1.56
CA PHE B 420 17.96 0.61 -2.27
C PHE B 420 17.26 -0.47 -1.50
N ARG B 421 15.93 -0.47 -1.58
CA ARG B 421 15.10 -1.52 -1.04
C ARG B 421 14.06 -1.87 -2.12
N ILE B 422 14.15 -3.10 -2.60
CA ILE B 422 13.16 -3.63 -3.50
C ILE B 422 12.66 -5.00 -3.06
N ARG B 423 11.36 -5.12 -2.80
CA ARG B 423 10.79 -6.41 -2.38
C ARG B 423 9.52 -6.76 -3.12
N GLY B 424 9.40 -8.03 -3.46
CA GLY B 424 8.37 -8.54 -4.35
C GLY B 424 9.10 -9.41 -5.38
N VAL B 425 10.23 -8.92 -5.85
CA VAL B 425 10.87 -9.55 -6.97
C VAL B 425 12.31 -9.48 -6.64
N LYS B 426 13.05 -10.44 -7.16
CA LYS B 426 14.48 -10.46 -7.02
C LYS B 426 15.02 -9.37 -7.93
N THR B 427 16.20 -8.88 -7.62
CA THR B 427 16.93 -7.95 -8.48
C THR B 427 18.38 -8.42 -8.77
N ASN B 428 19.08 -7.65 -9.59
CA ASN B 428 20.49 -7.93 -9.94
C ASN B 428 21.47 -7.15 -9.09
N ILE B 429 20.96 -6.53 -8.03
CA ILE B 429 21.82 -5.71 -7.19
C ILE B 429 23.02 -6.47 -6.56
N PRO B 430 22.81 -7.67 -6.01
CA PRO B 430 24.00 -8.36 -5.42
C PRO B 430 25.17 -8.41 -6.41
N PHE B 431 24.86 -8.57 -7.70
CA PHE B 431 25.86 -8.61 -8.79
C PHE B 431 26.52 -7.27 -9.12
N LEU B 432 25.73 -6.21 -9.21
CA LEU B 432 26.28 -4.89 -9.50
C LEU B 432 27.23 -4.51 -8.37
N LEU B 433 26.87 -4.83 -7.13
CA LEU B 433 27.75 -4.52 -6.02
C LEU B 433 29.08 -5.21 -6.18
N ASN B 434 29.06 -6.48 -6.52
CA ASN B 434 30.31 -7.23 -6.67
C ASN B 434 31.22 -6.57 -7.69
N VAL B 435 30.63 -6.19 -8.82
CA VAL B 435 31.34 -5.48 -9.86
C VAL B 435 31.97 -4.23 -9.26
N VAL B 436 31.14 -3.36 -8.71
CA VAL B 436 31.57 -2.05 -8.23
C VAL B 436 32.59 -2.10 -7.09
N ARG B 437 32.53 -3.18 -6.31
CA ARG B 437 33.48 -3.37 -5.20
C ARG B 437 34.79 -3.98 -5.64
N HIS B 438 34.77 -4.71 -6.74
CA HIS B 438 35.97 -5.35 -7.20
C HIS B 438 37.10 -4.33 -7.43
N PRO B 439 38.32 -4.64 -6.95
CA PRO B 439 39.43 -3.70 -7.06
C PRO B 439 39.90 -3.45 -8.49
N ASP B 440 39.60 -4.37 -9.39
CA ASP B 440 39.84 -4.15 -10.81
C ASP B 440 38.87 -3.13 -11.39
N PHE B 441 37.66 -3.02 -10.82
CA PHE B 441 36.76 -1.95 -11.20
C PHE B 441 37.30 -0.59 -10.74
N ALA B 442 37.71 -0.50 -9.49
CA ALA B 442 38.28 0.73 -8.90
C ALA B 442 39.56 1.17 -9.60
N SER B 443 40.41 0.21 -9.96
CA SER B 443 41.66 0.47 -10.68
C SER B 443 41.45 1.29 -11.96
N GLY B 444 40.30 1.09 -12.62
CA GLY B 444 40.01 1.74 -13.89
C GLY B 444 40.43 0.89 -15.08
N ASN B 445 41.18 -0.18 -14.81
CA ASN B 445 41.77 -1.02 -15.86
C ASN B 445 41.09 -2.36 -15.98
N TYR B 446 40.09 -2.40 -16.86
CA TYR B 446 39.32 -3.59 -17.11
C TYR B 446 39.09 -3.62 -18.61
N ASN B 447 38.74 -4.78 -19.16
CA ASN B 447 38.44 -4.88 -20.58
C ASN B 447 37.27 -5.81 -20.83
N THR B 448 36.93 -6.01 -22.11
CA THR B 448 35.69 -6.67 -22.48
C THR B 448 35.52 -8.06 -21.87
N SER B 449 36.62 -8.72 -21.51
CA SER B 449 36.56 -10.06 -20.92
C SER B 449 36.81 -10.02 -19.39
N PHE B 450 36.55 -8.88 -18.78
CA PHE B 450 36.60 -8.72 -17.33
C PHE B 450 35.67 -9.68 -16.58
N ILE B 451 34.39 -9.68 -16.94
CA ILE B 451 33.42 -10.48 -16.22
C ILE B 451 33.56 -11.99 -16.46
N ASP B 452 33.65 -12.40 -17.71
CA ASP B 452 33.66 -13.84 -18.02
C ASP B 452 34.96 -14.51 -17.57
N THR B 453 35.83 -13.76 -16.89
CA THR B 453 37.07 -14.30 -16.33
C THR B 453 37.38 -13.79 -14.89
N THR B 454 36.39 -13.23 -14.20
CA THR B 454 36.52 -12.87 -12.78
C THR B 454 35.40 -13.62 -12.06
N PRO B 455 35.59 -14.92 -11.77
CA PRO B 455 34.48 -15.70 -11.19
C PRO B 455 34.08 -15.32 -9.75
N GLU B 456 34.90 -14.51 -9.05
CA GLU B 456 34.51 -13.91 -7.75
C GLU B 456 33.23 -13.07 -7.86
N LEU B 457 32.96 -12.58 -9.06
CA LEU B 457 31.75 -11.82 -9.33
C LEU B 457 30.45 -12.65 -9.18
N PHE B 458 30.52 -13.97 -9.31
CA PHE B 458 29.31 -14.80 -9.22
C PHE B 458 29.12 -15.56 -7.91
N LYS B 459 29.99 -15.35 -6.93
CA LYS B 459 29.82 -15.91 -5.58
C LYS B 459 29.06 -14.83 -4.84
N PHE B 460 27.86 -15.15 -4.36
CA PHE B 460 27.06 -14.15 -3.64
C PHE B 460 26.97 -14.41 -2.14
N PRO B 461 26.79 -13.37 -1.33
CA PRO B 461 26.66 -13.63 0.11
C PRO B 461 25.39 -14.40 0.45
N HIS B 462 25.34 -14.94 1.67
CA HIS B 462 24.11 -15.47 2.20
C HIS B 462 23.14 -14.27 2.46
N ILE B 463 22.02 -14.32 1.75
CA ILE B 463 20.91 -13.35 1.82
C ILE B 463 20.57 -12.91 3.24
N ARG B 464 20.28 -11.61 3.40
CA ARG B 464 19.57 -11.12 4.60
C ARG B 464 18.05 -11.09 4.35
N ASP B 465 17.37 -12.05 4.96
CA ASP B 465 15.92 -12.14 4.96
C ASP B 465 15.45 -12.45 6.41
N ARG B 466 16.09 -11.83 7.40
CA ARG B 466 15.67 -12.04 8.76
C ARG B 466 14.26 -11.47 8.95
N GLY B 467 14.01 -10.28 8.39
CA GLY B 467 12.67 -9.71 8.40
C GLY B 467 11.57 -10.65 7.88
N THR B 468 11.82 -11.20 6.71
CA THR B 468 10.87 -12.08 6.05
C THR B 468 10.59 -13.29 6.94
N LYS B 469 11.65 -13.91 7.42
CA LYS B 469 11.49 -14.97 8.39
C LYS B 469 10.69 -14.59 9.63
N THR B 470 11.04 -13.50 10.28
CA THR B 470 10.30 -13.05 11.42
C THR B 470 8.82 -12.92 11.06
N LEU B 471 8.53 -12.36 9.89
CA LEU B 471 7.17 -12.22 9.45
C LEU B 471 6.48 -13.54 9.19
N ARG B 472 7.23 -14.50 8.68
CA ARG B 472 6.68 -15.85 8.45
C ARG B 472 6.30 -16.55 9.73
N TYR B 473 7.04 -16.31 10.82
CA TYR B 473 6.74 -16.86 12.13
C TYR B 473 5.43 -16.17 12.68
N ILE B 474 5.46 -14.84 12.74
CA ILE B 474 4.39 -14.07 13.31
C ILE B 474 3.07 -14.32 12.62
N GLY B 475 3.11 -14.39 11.29
CA GLY B 475 1.92 -14.62 10.48
C GLY B 475 1.39 -16.00 10.77
N ASN B 476 2.30 -16.94 10.94
CA ASN B 476 1.87 -18.32 11.22
C ASN B 476 1.22 -18.49 12.59
N VAL B 477 1.71 -17.84 13.64
CA VAL B 477 1.09 -18.04 14.95
C VAL B 477 -0.21 -17.21 15.02
N THR B 478 -0.22 -16.11 14.29
CA THR B 478 -1.37 -15.26 14.25
C THR B 478 -2.57 -16.00 13.63
N VAL B 479 -2.34 -16.82 12.61
CA VAL B 479 -3.43 -17.45 11.84
C VAL B 479 -3.79 -18.82 12.37
N ASN B 480 -2.78 -19.56 12.79
CA ASN B 480 -2.98 -20.92 13.20
C ASN B 480 -2.86 -21.16 14.69
N GLY B 481 -2.45 -20.15 15.45
CA GLY B 481 -2.17 -20.33 16.88
C GLY B 481 -0.85 -21.02 17.20
N PHE B 482 -0.46 -20.98 18.45
CA PHE B 482 0.73 -21.66 18.94
C PHE B 482 0.32 -23.03 19.40
N PRO B 483 1.16 -24.04 19.13
CA PRO B 483 0.67 -25.39 19.35
C PRO B 483 0.53 -25.70 20.82
N GLY B 484 -0.59 -26.34 21.16
CA GLY B 484 -0.80 -26.86 22.50
C GLY B 484 -1.35 -25.87 23.51
N ILE B 485 -1.63 -24.66 23.03
CA ILE B 485 -2.44 -23.73 23.74
C ILE B 485 -3.66 -23.28 22.93
N LYS B 486 -4.71 -22.95 23.67
CA LYS B 486 -5.92 -22.43 23.09
C LYS B 486 -5.58 -21.18 22.33
N HIS B 487 -6.03 -21.09 21.10
CA HIS B 487 -5.76 -19.97 20.27
C HIS B 487 -6.72 -18.82 20.65
N ARG B 488 -6.18 -17.68 21.12
CA ARG B 488 -6.99 -16.54 21.56
C ARG B 488 -6.35 -15.19 21.24
N ASP B 489 -7.14 -14.15 21.01
CA ASP B 489 -6.57 -12.78 20.81
C ASP B 489 -5.43 -12.46 21.81
N LYS B 490 -4.39 -11.82 21.31
CA LYS B 490 -3.25 -11.41 22.12
C LYS B 490 -3.69 -10.30 23.07
N PRO B 491 -3.46 -10.49 24.36
CA PRO B 491 -3.87 -9.43 25.26
C PRO B 491 -3.10 -8.11 25.09
N VAL B 492 -3.57 -7.08 25.76
CA VAL B 492 -2.90 -5.81 25.81
C VAL B 492 -2.17 -5.77 27.15
N TYR B 493 -0.86 -5.86 27.12
CA TYR B 493 -0.10 -6.06 28.31
C TYR B 493 0.53 -4.75 28.80
N ALA B 494 0.65 -4.63 30.11
CA ALA B 494 1.56 -3.65 30.66
C ALA B 494 3.00 -3.80 30.08
N GLU B 495 3.70 -2.71 29.83
CA GLU B 495 5.18 -2.78 29.72
C GLU B 495 5.78 -3.03 31.15
N PRO B 496 6.58 -4.07 31.32
CA PRO B 496 7.15 -4.38 32.66
C PRO B 496 8.13 -3.40 33.26
N ARG B 497 8.07 -3.32 34.58
CA ARG B 497 8.84 -2.36 35.35
C ARG B 497 10.28 -2.82 35.45
N LEU B 498 11.18 -2.06 34.80
CA LEU B 498 12.59 -2.37 34.81
C LEU B 498 13.23 -1.52 35.81
N PRO B 499 14.11 -2.08 36.64
CA PRO B 499 14.71 -1.23 37.67
C PRO B 499 15.58 -0.18 37.05
N LYS B 500 15.50 1.01 37.62
CA LYS B 500 16.24 2.15 37.15
C LYS B 500 17.66 2.00 37.72
N ILE B 501 18.63 1.75 36.84
CA ILE B 501 20.02 1.68 37.29
C ILE B 501 20.69 2.96 36.81
N PRO B 502 21.37 3.73 37.71
CA PRO B 502 22.22 4.83 37.19
C PRO B 502 22.98 4.40 35.87
N TYR B 503 23.12 5.26 34.85
CA TYR B 503 23.85 4.83 33.65
C TYR B 503 25.37 4.66 33.97
N GLY B 504 25.96 3.56 33.50
CA GLY B 504 27.37 3.22 33.77
C GLY B 504 27.67 3.15 35.26
N SER B 505 26.82 2.45 36.03
CA SER B 505 27.04 2.23 37.48
C SER B 505 28.02 1.08 37.68
N GLN B 506 28.21 0.63 38.93
CA GLN B 506 29.37 -0.20 39.24
C GLN B 506 29.10 -1.47 40.04
N ILE B 507 29.06 -2.60 39.33
CA ILE B 507 28.70 -3.90 39.88
C ILE B 507 29.65 -4.31 40.98
N SER B 508 29.12 -4.65 42.14
CA SER B 508 29.95 -5.10 43.20
C SER B 508 30.58 -6.46 42.88
N PRO B 509 31.82 -6.67 43.33
CA PRO B 509 32.24 -8.03 43.27
C PRO B 509 31.41 -8.86 44.22
N GLY B 510 31.31 -10.14 43.89
CA GLY B 510 30.73 -11.08 44.78
C GLY B 510 31.38 -12.44 44.64
N THR B 511 30.60 -13.41 45.04
CA THR B 511 31.03 -14.79 45.23
C THR B 511 31.76 -15.38 44.01
N LYS B 512 31.49 -14.86 42.81
CA LYS B 512 32.19 -15.26 41.60
C LYS B 512 33.67 -14.85 41.61
N GLN B 513 33.99 -13.68 42.16
CA GLN B 513 35.36 -13.23 42.29
C GLN B 513 36.16 -14.09 43.28
N ILE B 514 35.53 -14.48 44.36
CA ILE B 514 36.19 -15.38 45.29
C ILE B 514 36.58 -16.65 44.56
N LEU B 515 35.66 -17.24 43.79
CA LEU B 515 36.00 -18.46 43.07
C LEU B 515 37.18 -18.29 42.08
N ASP B 516 37.21 -17.17 41.38
CA ASP B 516 38.22 -16.96 40.38
C ASP B 516 39.60 -16.86 41.02
N ALA B 517 39.68 -16.13 42.14
CA ALA B 517 40.95 -15.95 42.85
C ALA B 517 41.37 -17.21 43.60
N LYS B 518 40.52 -17.68 44.50
CA LYS B 518 40.92 -18.70 45.47
C LYS B 518 40.31 -20.09 45.27
N GLY B 519 39.58 -20.27 44.16
CA GLY B 519 38.93 -21.55 43.85
C GLY B 519 37.90 -22.06 44.86
N PRO B 520 37.47 -23.31 44.68
CA PRO B 520 36.49 -23.99 45.52
C PRO B 520 36.73 -23.90 47.02
N GLU B 521 37.99 -23.97 47.45
CA GLU B 521 38.29 -24.06 48.89
C GLU B 521 38.13 -22.69 49.48
N GLY B 522 38.50 -21.69 48.69
CA GLY B 522 38.29 -20.29 49.04
C GLY B 522 36.83 -19.98 49.32
N VAL B 523 35.96 -20.35 48.40
CA VAL B 523 34.51 -20.16 48.57
C VAL B 523 34.04 -20.90 49.82
N VAL B 524 34.46 -22.15 49.97
CA VAL B 524 34.04 -22.93 51.12
C VAL B 524 34.45 -22.27 52.40
N ASP B 525 35.70 -21.80 52.48
CA ASP B 525 36.22 -21.16 53.70
C ASP B 525 35.45 -19.91 54.02
N TRP B 526 35.22 -19.10 53.00
CA TRP B 526 34.37 -17.93 53.07
C TRP B 526 33.01 -18.27 53.70
N VAL B 527 32.38 -19.31 53.16
CA VAL B 527 31.06 -19.69 53.63
C VAL B 527 31.09 -19.97 55.13
N LYS B 528 32.13 -20.68 55.56
CA LYS B 528 32.28 -21.04 56.98
C LYS B 528 32.41 -19.81 57.84
N LYS B 529 32.88 -18.71 57.26
CA LYS B 529 33.07 -17.49 58.05
C LYS B 529 31.76 -16.74 58.31
N GLN B 530 30.80 -16.82 57.41
CA GLN B 530 29.56 -16.01 57.46
C GLN B 530 28.57 -16.31 58.60
N GLU B 531 28.21 -15.35 59.44
CA GLU B 531 27.20 -15.68 60.47
C GLU B 531 25.79 -15.70 59.86
N GLU B 532 25.49 -14.78 58.94
CA GLU B 532 24.18 -14.77 58.27
C GLU B 532 23.98 -16.05 57.47
N VAL B 533 22.73 -16.40 57.23
CA VAL B 533 22.42 -17.46 56.27
C VAL B 533 22.44 -16.85 54.89
N LEU B 534 23.02 -17.64 53.97
CA LEU B 534 23.22 -17.25 52.61
C LEU B 534 22.05 -17.77 51.73
N LEU B 535 21.86 -17.11 50.60
CA LEU B 535 20.77 -17.38 49.73
C LEU B 535 21.26 -17.75 48.33
N THR B 536 20.82 -18.89 47.85
CA THR B 536 20.79 -19.13 46.42
C THR B 536 19.37 -18.76 45.90
N ASP B 537 19.33 -17.95 44.85
CA ASP B 537 18.09 -17.56 44.15
C ASP B 537 17.76 -18.49 42.96
N THR B 538 16.57 -19.14 43.01
CA THR B 538 16.09 -20.13 42.00
C THR B 538 15.13 -19.60 40.97
N THR B 539 14.98 -18.29 40.92
CA THR B 539 13.99 -17.65 40.10
C THR B 539 14.17 -18.00 38.66
N LEU B 540 15.41 -17.95 38.19
CA LEU B 540 15.70 -18.24 36.76
C LEU B 540 15.74 -19.73 36.35
N ARG B 541 15.38 -20.67 37.25
CA ARG B 541 15.36 -22.11 36.95
C ARG B 541 14.26 -22.87 37.71
N ASP B 542 14.53 -23.40 38.91
CA ASP B 542 13.49 -24.25 39.59
C ASP B 542 12.19 -23.50 39.82
N ALA B 543 12.28 -22.18 40.00
CA ALA B 543 11.03 -21.46 40.30
C ALA B 543 10.03 -21.56 39.14
N HIS B 544 10.52 -21.39 37.90
CA HIS B 544 9.60 -21.41 36.77
C HIS B 544 9.44 -22.80 36.21
N GLN B 545 10.44 -23.63 36.42
CA GLN B 545 10.21 -25.04 36.16
C GLN B 545 8.99 -25.49 36.94
N SER B 546 8.86 -25.02 38.18
CA SER B 546 7.74 -25.49 39.05
C SER B 546 6.42 -24.81 38.66
N LEU B 547 6.39 -23.49 38.66
CA LEU B 547 5.15 -22.72 38.39
C LEU B 547 4.71 -22.54 36.93
N LEU B 548 5.66 -22.53 35.96
CA LEU B 548 5.35 -22.17 34.55
C LEU B 548 5.82 -23.18 33.50
N ALA B 549 5.96 -24.46 33.90
CA ALA B 549 6.34 -25.51 32.96
C ALA B 549 7.70 -25.22 32.33
N THR B 550 8.58 -24.58 33.08
CA THR B 550 9.88 -24.17 32.54
C THR B 550 9.80 -23.36 31.25
N ARG B 551 8.70 -22.63 30.98
CA ARG B 551 8.59 -21.92 29.69
C ARG B 551 9.21 -20.52 29.65
N VAL B 552 9.80 -20.05 30.75
CA VAL B 552 10.34 -18.70 30.73
C VAL B 552 11.49 -18.62 29.75
N ARG B 553 11.37 -17.62 28.86
CA ARG B 553 12.23 -17.45 27.71
C ARG B 553 13.44 -16.56 27.98
N SER B 554 14.54 -16.86 27.31
CA SER B 554 15.78 -16.08 27.45
C SER B 554 15.55 -14.60 27.28
N LYS B 555 14.76 -14.16 26.33
CA LYS B 555 14.58 -12.71 26.19
C LYS B 555 14.18 -12.04 27.50
N ASP B 556 13.16 -12.62 28.18
CA ASP B 556 12.69 -12.14 29.47
C ASP B 556 13.76 -12.24 30.56
N ILE B 557 14.62 -13.24 30.47
CA ILE B 557 15.69 -13.41 31.45
C ILE B 557 16.84 -12.41 31.26
N PHE B 558 17.29 -12.21 30.03
CA PHE B 558 18.37 -11.25 29.78
C PHE B 558 17.98 -9.85 30.23
N GLN B 559 16.72 -9.51 30.01
CA GLN B 559 16.22 -8.18 30.27
C GLN B 559 16.34 -7.74 31.71
N ILE B 560 16.48 -8.68 32.66
CA ILE B 560 16.54 -8.36 34.10
C ILE B 560 17.89 -8.64 34.69
N ALA B 561 18.73 -9.31 33.91
CA ALA B 561 19.99 -9.80 34.40
C ALA B 561 20.91 -8.70 34.83
N ASP B 562 21.05 -7.67 34.01
CA ASP B 562 21.89 -6.52 34.38
C ASP B 562 21.50 -6.07 35.77
N ALA B 563 20.22 -5.70 35.94
CA ALA B 563 19.71 -5.29 37.27
C ALA B 563 20.01 -6.32 38.36
N MET B 564 19.79 -7.59 38.03
CA MET B 564 20.07 -8.61 39.02
C MET B 564 21.45 -8.43 39.53
N ALA B 565 22.42 -8.30 38.62
CA ALA B 565 23.85 -8.16 39.02
C ALA B 565 24.12 -7.01 39.98
N HIS B 566 23.71 -5.81 39.58
CA HIS B 566 23.74 -4.59 40.44
C HIS B 566 22.93 -4.66 41.75
N LEU B 567 21.68 -5.14 41.69
CA LEU B 567 20.83 -5.12 42.90
C LEU B 567 20.92 -6.33 43.82
N LEU B 568 21.44 -7.48 43.37
CA LEU B 568 21.51 -8.68 44.23
C LEU B 568 22.92 -9.29 44.43
N PRO B 569 23.92 -8.44 44.68
CA PRO B 569 25.30 -8.92 44.64
C PRO B 569 25.71 -9.86 45.78
N ASN B 570 24.85 -10.02 46.79
CA ASN B 570 25.19 -10.79 48.01
C ASN B 570 24.70 -12.22 47.96
N MET B 571 24.08 -12.61 46.85
CA MET B 571 23.61 -13.97 46.72
C MET B 571 24.79 -14.86 46.66
N PHE B 572 24.65 -16.02 47.27
CA PHE B 572 25.65 -17.07 47.12
C PHE B 572 25.74 -17.53 45.68
N SER B 573 24.58 -17.74 45.05
CA SER B 573 24.51 -18.18 43.65
C SER B 573 23.18 -17.92 43.05
N PHE B 574 23.15 -17.93 41.72
CA PHE B 574 21.95 -17.94 40.92
C PHE B 574 21.75 -19.32 40.25
N GLU B 575 20.77 -20.10 40.69
CA GLU B 575 20.44 -21.31 39.98
C GLU B 575 19.80 -20.91 38.68
N MET B 576 20.54 -21.09 37.60
CA MET B 576 20.14 -20.56 36.30
C MET B 576 20.26 -21.51 35.10
N TRP B 577 20.45 -22.81 35.31
CA TRP B 577 20.57 -23.75 34.22
C TRP B 577 20.33 -25.18 34.74
N GLY B 578 20.30 -26.14 33.83
CA GLY B 578 20.13 -27.52 34.24
C GLY B 578 18.67 -27.77 34.46
N GLY B 579 18.37 -28.83 35.17
CA GLY B 579 17.00 -29.27 35.23
C GLY B 579 16.41 -29.39 33.83
N ALA B 580 15.15 -29.07 33.73
CA ALA B 580 14.41 -29.19 32.50
C ALA B 580 14.65 -28.09 31.53
N THR B 581 15.54 -27.14 31.85
CA THR B 581 15.70 -26.00 30.99
C THR B 581 16.44 -26.34 29.74
N PHE B 582 17.36 -27.29 29.80
CA PHE B 582 18.19 -27.62 28.61
C PHE B 582 17.31 -28.14 27.50
N ASP B 583 16.57 -29.19 27.72
CA ASP B 583 15.72 -29.65 26.63
C ASP B 583 14.53 -28.74 26.30
N VAL B 584 13.90 -28.15 27.31
CA VAL B 584 12.75 -27.24 27.08
C VAL B 584 13.08 -26.01 26.23
N ALA B 585 14.24 -25.43 26.48
CA ALA B 585 14.76 -24.38 25.57
C ALA B 585 14.72 -24.84 24.13
N TYR B 586 15.17 -26.07 23.82
CA TYR B 586 15.35 -26.45 22.40
C TYR B 586 14.00 -26.82 21.93
N ARG B 587 13.37 -27.71 22.69
CA ARG B 587 12.20 -28.39 22.19
C ARG B 587 10.98 -27.47 22.10
N PHE B 588 10.73 -26.65 23.12
CA PHE B 588 9.51 -25.82 23.15
C PHE B 588 9.76 -24.34 22.91
N LEU B 589 10.95 -23.82 23.22
CA LEU B 589 11.21 -22.37 23.05
C LEU B 589 12.03 -21.96 21.77
N ASN B 590 12.46 -22.96 21.01
CA ASN B 590 13.22 -22.72 19.77
C ASN B 590 14.49 -21.86 19.99
N GLU B 591 15.11 -22.09 21.13
CA GLU B 591 16.27 -21.30 21.50
C GLU B 591 17.33 -22.17 22.16
N ASP B 592 18.53 -21.61 22.24
CA ASP B 592 19.68 -22.35 22.60
C ASP B 592 19.95 -22.12 24.05
N PRO B 593 19.96 -23.17 24.84
CA PRO B 593 20.41 -23.05 26.25
C PRO B 593 21.81 -22.54 26.46
N TRP B 594 22.74 -22.96 25.60
CA TRP B 594 24.13 -22.50 25.75
C TRP B 594 24.21 -20.96 25.57
N VAL B 595 23.43 -20.43 24.64
CA VAL B 595 23.43 -18.97 24.44
C VAL B 595 22.88 -18.23 25.70
N ARG B 596 21.95 -18.89 26.39
CA ARG B 596 21.42 -18.33 27.59
C ARG B 596 22.47 -18.29 28.63
N LEU B 597 23.19 -19.39 28.75
CA LEU B 597 24.18 -19.48 29.81
C LEU B 597 25.28 -18.47 29.50
N GLU B 598 25.64 -18.33 28.23
CA GLU B 598 26.80 -17.49 27.89
C GLU B 598 26.51 -15.99 27.86
N THR B 599 25.35 -15.62 27.32
CA THR B 599 24.91 -14.28 27.43
C THR B 599 24.83 -13.87 28.92
N LEU B 600 24.26 -14.71 29.76
CA LEU B 600 24.10 -14.35 31.16
C LEU B 600 25.44 -14.17 31.88
N ARG B 601 26.37 -15.05 31.57
CA ARG B 601 27.69 -15.01 32.21
C ARG B 601 28.31 -13.63 32.12
N LYS B 602 28.24 -13.00 30.95
CA LYS B 602 28.71 -11.64 30.82
C LYS B 602 27.80 -10.68 31.63
N GLN B 603 26.49 -10.84 31.54
CA GLN B 603 25.62 -9.92 32.21
C GLN B 603 25.72 -9.94 33.72
N ILE B 604 26.06 -11.09 34.30
CA ILE B 604 26.19 -11.17 35.76
C ILE B 604 27.55 -11.73 36.10
N PRO B 605 28.55 -10.87 36.17
CA PRO B 605 29.91 -11.39 36.30
C PRO B 605 30.36 -11.52 37.75
N ASN B 606 29.47 -11.13 38.68
CA ASN B 606 29.84 -10.99 40.07
C ASN B 606 29.36 -12.08 40.98
N VAL B 607 28.38 -12.86 40.55
CA VAL B 607 27.80 -13.95 41.36
C VAL B 607 27.91 -15.33 40.68
N MET B 608 28.13 -16.38 41.45
CA MET B 608 28.38 -17.71 40.86
C MET B 608 27.09 -18.29 40.24
N PHE B 609 27.23 -19.02 39.15
CA PHE B 609 26.08 -19.64 38.50
C PHE B 609 25.99 -21.08 38.96
N GLN B 610 24.78 -21.50 39.30
CA GLN B 610 24.56 -22.84 39.76
C GLN B 610 23.65 -23.52 38.76
N MET B 611 23.83 -24.85 38.59
CA MET B 611 22.99 -25.69 37.73
C MET B 611 22.57 -26.91 38.50
N LEU B 612 21.52 -27.57 38.02
CA LEU B 612 21.05 -28.85 38.59
C LEU B 612 21.36 -29.91 37.56
N LEU B 613 22.16 -30.90 37.97
CA LEU B 613 22.64 -32.02 37.13
C LEU B 613 22.17 -33.34 37.70
N ARG B 614 21.46 -34.12 36.88
CA ARG B 614 21.17 -35.52 37.22
C ARG B 614 22.51 -36.21 37.04
N GLY B 615 23.03 -36.88 38.05
CA GLY B 615 24.39 -37.44 37.92
C GLY B 615 24.59 -38.35 36.73
N ALA B 616 23.92 -39.49 36.72
CA ALA B 616 24.00 -40.42 35.59
C ALA B 616 23.70 -39.86 34.22
N ASN B 617 22.63 -39.09 34.09
CA ASN B 617 22.12 -38.70 32.76
C ASN B 617 22.20 -37.20 32.43
N ALA B 618 23.03 -36.48 33.18
CA ALA B 618 23.21 -35.03 33.01
C ALA B 618 21.90 -34.21 33.06
N VAL B 619 21.46 -33.75 31.90
CA VAL B 619 20.22 -33.01 31.73
C VAL B 619 19.38 -33.76 30.72
N GLY B 620 19.92 -34.87 30.24
CA GLY B 620 19.35 -35.64 29.19
C GLY B 620 18.21 -36.57 29.61
N TYR B 621 17.84 -37.44 28.65
CA TYR B 621 16.62 -38.25 28.72
C TYR B 621 16.84 -39.75 28.87
N LYS B 622 18.07 -40.19 29.11
CA LYS B 622 18.38 -41.63 29.20
C LYS B 622 19.74 -41.81 29.85
N ASN B 623 20.41 -42.90 29.56
CA ASN B 623 21.78 -43.06 29.99
C ASN B 623 22.74 -42.85 28.85
N TYR B 624 23.91 -42.37 29.22
CA TYR B 624 24.86 -41.96 28.24
C TYR B 624 26.18 -42.42 28.74
N PRO B 625 27.07 -42.79 27.81
CA PRO B 625 28.42 -43.13 28.20
C PRO B 625 29.23 -42.04 28.90
N ASP B 626 30.14 -42.48 29.75
CA ASP B 626 30.90 -41.60 30.60
C ASP B 626 31.47 -40.40 29.87
N ASN B 627 32.01 -40.60 28.67
CA ASN B 627 32.74 -39.50 28.04
C ASN B 627 31.81 -38.40 27.58
N VAL B 628 30.54 -38.77 27.41
CA VAL B 628 29.47 -37.81 27.09
C VAL B 628 29.18 -36.95 28.32
N ILE B 629 28.97 -37.59 29.46
CA ILE B 629 28.81 -36.86 30.70
C ILE B 629 29.99 -35.91 30.96
N ARG B 630 31.22 -36.38 30.73
CA ARG B 630 32.40 -35.58 31.09
C ARG B 630 32.54 -34.45 30.13
N GLU B 631 32.10 -34.67 28.90
CA GLU B 631 32.23 -33.60 27.91
C GLU B 631 31.17 -32.50 28.21
N PHE B 632 29.94 -32.95 28.48
CA PHE B 632 28.90 -32.05 28.89
C PHE B 632 29.33 -31.18 30.06
N VAL B 633 29.79 -31.80 31.13
CA VAL B 633 30.28 -31.07 32.28
C VAL B 633 31.40 -30.15 31.95
N LYS B 634 32.35 -30.63 31.13
CA LYS B 634 33.51 -29.84 30.81
C LYS B 634 33.10 -28.53 30.16
N GLN B 635 32.17 -28.60 29.21
CA GLN B 635 31.66 -27.43 28.48
C GLN B 635 30.80 -26.51 29.33
N SER B 636 29.90 -27.11 30.09
CA SER B 636 29.12 -26.40 31.09
C SER B 636 30.05 -25.54 31.93
N ALA B 637 31.12 -26.15 32.40
CA ALA B 637 32.09 -25.42 33.22
C ALA B 637 32.79 -24.27 32.48
N GLN B 638 33.27 -24.51 31.26
CA GLN B 638 33.91 -23.44 30.45
C GLN B 638 32.90 -22.32 30.21
N SER B 639 31.70 -22.70 29.82
CA SER B 639 30.73 -21.73 29.43
C SER B 639 30.22 -20.83 30.59
N GLY B 640 30.49 -21.20 31.84
CA GLY B 640 30.34 -20.31 32.98
C GLY B 640 29.68 -20.83 34.26
N VAL B 641 29.35 -22.12 34.29
CA VAL B 641 28.66 -22.70 35.42
C VAL B 641 29.66 -23.00 36.50
N ASP B 642 29.38 -22.53 37.72
CA ASP B 642 30.34 -22.59 38.80
C ASP B 642 30.02 -23.60 39.91
N VAL B 643 28.75 -23.93 40.07
CA VAL B 643 28.36 -24.82 41.14
C VAL B 643 27.43 -25.82 40.54
N PHE B 644 27.69 -27.10 40.77
CA PHE B 644 26.94 -28.19 40.17
C PHE B 644 26.26 -28.95 41.31
N ARG B 645 24.95 -28.86 41.37
CA ARG B 645 24.25 -29.65 42.35
C ARG B 645 24.05 -30.96 41.65
N VAL B 646 24.56 -32.01 42.24
CA VAL B 646 24.53 -33.32 41.55
C VAL B 646 23.77 -34.28 42.39
N PHE B 647 22.77 -34.93 41.80
CA PHE B 647 21.94 -35.85 42.57
C PHE B 647 21.64 -37.14 41.82
N ASP B 648 21.18 -38.15 42.56
CA ASP B 648 20.65 -39.37 41.96
C ASP B 648 19.23 -39.67 42.44
N SER B 649 18.37 -40.05 41.52
CA SER B 649 16.95 -40.13 41.80
C SER B 649 16.61 -41.23 42.75
N LEU B 650 17.57 -42.12 42.99
CA LEU B 650 17.43 -43.19 43.99
C LEU B 650 18.45 -43.06 45.14
N ASN B 651 19.19 -41.95 45.14
CA ASN B 651 20.24 -41.71 46.10
C ASN B 651 21.36 -42.75 46.01
N TRP B 652 21.54 -43.33 44.82
CA TRP B 652 22.59 -44.31 44.61
C TRP B 652 23.87 -43.59 44.30
N ILE B 653 24.80 -43.55 45.23
CA ILE B 653 26.06 -42.78 45.03
C ILE B 653 26.92 -43.13 43.79
N LYS B 654 26.95 -44.40 43.40
CA LYS B 654 27.62 -44.84 42.17
C LYS B 654 27.15 -44.05 40.96
N GLY B 655 25.87 -43.72 40.91
CA GLY B 655 25.27 -42.97 39.79
C GLY B 655 25.79 -41.56 39.61
N MET B 656 26.42 -40.98 40.61
CA MET B 656 26.99 -39.64 40.50
C MET B 656 28.51 -39.60 40.30
N GLU B 657 29.19 -40.75 40.36
CA GLU B 657 30.66 -40.76 40.53
C GLU B 657 31.41 -40.14 39.35
N VAL B 658 30.96 -40.41 38.12
CA VAL B 658 31.50 -39.75 36.92
C VAL B 658 31.39 -38.19 36.96
N SER B 659 30.15 -37.73 37.18
CA SER B 659 29.82 -36.30 37.26
C SER B 659 30.67 -35.61 38.32
N ILE B 660 30.56 -36.08 39.56
CA ILE B 660 31.35 -35.50 40.64
C ILE B 660 32.83 -35.35 40.23
N ASP B 661 33.44 -36.44 39.78
CA ASP B 661 34.83 -36.41 39.36
C ASP B 661 35.08 -35.37 38.28
N ALA B 662 34.18 -35.31 37.28
CA ALA B 662 34.27 -34.31 36.19
C ALA B 662 34.21 -32.84 36.67
N VAL B 663 33.43 -32.61 37.71
CA VAL B 663 33.28 -31.28 38.23
C VAL B 663 34.60 -30.92 38.90
N ARG B 664 35.10 -31.77 39.80
CA ARG B 664 36.44 -31.55 40.44
C ARG B 664 37.45 -31.19 39.37
N GLU B 665 37.52 -32.02 38.32
CA GLU B 665 38.52 -31.83 37.31
C GLU B 665 38.40 -30.52 36.58
N ALA B 666 37.22 -29.90 36.60
CA ALA B 666 37.04 -28.58 35.90
C ALA B 666 37.38 -27.39 36.77
N GLY B 667 37.69 -27.65 38.03
CA GLY B 667 38.06 -26.61 38.97
C GLY B 667 36.88 -25.98 39.70
N LYS B 668 35.74 -26.66 39.68
CA LYS B 668 34.49 -26.01 40.08
C LYS B 668 34.00 -26.61 41.37
N ILE B 669 32.83 -26.15 41.81
CA ILE B 669 32.29 -26.58 43.08
C ILE B 669 31.36 -27.74 42.85
N VAL B 670 31.45 -28.73 43.72
CA VAL B 670 30.68 -29.94 43.69
C VAL B 670 29.72 -29.81 44.87
N GLU B 671 28.45 -29.96 44.58
CA GLU B 671 27.47 -30.03 45.59
C GLU B 671 26.68 -31.30 45.40
N ALA B 672 27.28 -32.36 45.88
CA ALA B 672 26.64 -33.65 45.88
C ALA B 672 25.44 -33.49 46.80
N ALA B 673 24.30 -34.05 46.39
CA ALA B 673 23.07 -33.91 47.17
C ALA B 673 22.42 -35.20 47.51
N ILE B 674 21.83 -35.17 48.70
CA ILE B 674 20.99 -36.21 49.18
C ILE B 674 19.50 -35.81 49.04
N CYS B 675 18.71 -36.66 48.42
CA CYS B 675 17.33 -36.39 48.21
C CYS B 675 16.52 -36.77 49.49
N TYR B 676 15.74 -35.84 50.05
CA TYR B 676 14.98 -36.15 51.27
C TYR B 676 13.66 -36.82 50.89
N THR B 677 13.32 -37.89 51.60
CA THR B 677 12.04 -38.57 51.47
C THR B 677 11.71 -39.18 52.83
N GLY B 678 10.51 -39.70 52.94
CA GLY B 678 9.98 -40.19 54.20
C GLY B 678 9.75 -39.14 55.26
N ASP B 679 10.14 -39.48 56.48
CA ASP B 679 9.77 -38.71 57.64
C ASP B 679 10.49 -39.22 58.87
N ILE B 680 11.71 -38.71 59.07
CA ILE B 680 12.55 -39.10 60.19
C ILE B 680 11.96 -38.90 61.61
N ASP B 681 10.93 -38.09 61.77
CA ASP B 681 10.24 -37.98 63.07
C ASP B 681 9.33 -39.19 63.33
N ASP B 682 9.22 -40.14 62.39
CA ASP B 682 8.31 -41.28 62.55
C ASP B 682 9.09 -42.61 62.57
N ASP B 683 9.23 -43.22 63.74
CA ASP B 683 10.10 -44.43 63.86
C ASP B 683 9.52 -45.77 63.35
N THR B 684 8.19 -45.89 63.25
CA THR B 684 7.52 -46.85 62.33
C THR B 684 8.30 -47.07 61.00
N ARG B 685 8.79 -45.97 60.46
CA ARG B 685 9.44 -45.96 59.16
C ARG B 685 10.91 -46.12 59.41
N THR B 686 11.46 -47.24 59.00
CA THR B 686 12.81 -47.63 59.46
C THR B 686 13.86 -47.55 58.38
N LYS B 687 13.44 -47.30 57.14
CA LYS B 687 14.34 -47.25 56.00
C LYS B 687 15.05 -45.94 55.78
N TYR B 688 14.29 -44.84 55.68
CA TYR B 688 14.90 -43.52 55.46
C TYR B 688 14.83 -42.70 56.76
N THR B 689 15.85 -42.93 57.59
CA THR B 689 16.02 -42.46 58.96
C THR B 689 17.20 -41.51 59.05
N ILE B 690 17.42 -40.96 60.22
CA ILE B 690 18.48 -39.98 60.33
C ILE B 690 19.84 -40.66 60.14
N ASP B 691 19.93 -41.92 60.54
CA ASP B 691 21.21 -42.60 60.42
C ASP B 691 21.48 -42.79 58.95
N TYR B 692 20.42 -43.15 58.21
CA TYR B 692 20.51 -43.16 56.75
C TYR B 692 21.15 -41.89 56.17
N TYR B 693 20.65 -40.73 56.56
CA TYR B 693 21.14 -39.46 55.96
C TYR B 693 22.56 -39.16 56.42
N LYS B 694 22.85 -39.51 57.68
CA LYS B 694 24.20 -39.37 58.21
C LYS B 694 25.26 -40.26 57.50
N ASP B 695 24.95 -41.55 57.27
CA ASP B 695 25.86 -42.49 56.60
C ASP B 695 26.22 -41.94 55.24
N MET B 696 25.20 -41.45 54.57
CA MET B 696 25.35 -41.01 53.18
C MET B 696 25.99 -39.66 53.10
N ALA B 697 25.66 -38.80 54.05
CA ALA B 697 26.42 -37.58 54.18
C ALA B 697 27.92 -37.87 54.22
N LYS B 698 28.36 -38.90 54.96
CA LYS B 698 29.81 -39.21 55.10
C LYS B 698 30.43 -39.77 53.81
N GLU B 699 29.77 -40.77 53.22
CA GLU B 699 30.22 -41.34 51.94
C GLU B 699 30.41 -40.24 50.93
N LEU B 700 29.50 -39.26 50.91
CA LEU B 700 29.58 -38.18 49.96
C LEU B 700 30.75 -37.23 50.22
N VAL B 701 31.09 -37.05 51.49
CA VAL B 701 32.27 -36.28 51.82
C VAL B 701 33.53 -37.05 51.41
N ALA B 702 33.50 -38.35 51.69
CA ALA B 702 34.52 -39.28 51.23
C ALA B 702 34.65 -39.23 49.73
N GLN B 703 33.52 -39.26 49.01
CA GLN B 703 33.57 -39.20 47.54
C GLN B 703 34.11 -37.85 47.06
N GLY B 704 34.09 -36.86 47.94
CA GLY B 704 34.76 -35.60 47.71
C GLY B 704 33.88 -34.48 47.20
N THR B 705 32.87 -34.10 47.98
CA THR B 705 32.00 -32.95 47.68
C THR B 705 32.44 -31.75 48.47
N HIS B 706 32.45 -30.56 47.85
CA HIS B 706 32.75 -29.30 48.58
C HIS B 706 31.63 -28.87 49.49
N ILE B 707 30.40 -28.94 48.99
CA ILE B 707 29.24 -28.54 49.77
C ILE B 707 28.28 -29.71 49.79
N LEU B 708 27.66 -29.97 50.91
CA LEU B 708 26.64 -31.00 51.01
C LEU B 708 25.29 -30.34 50.85
N GLY B 709 24.51 -30.86 49.93
CA GLY B 709 23.28 -30.31 49.51
C GLY B 709 22.23 -31.27 49.95
N ILE B 710 21.10 -30.75 50.46
CA ILE B 710 19.93 -31.55 50.81
C ILE B 710 18.81 -31.07 49.97
N LYS B 711 18.26 -31.99 49.18
CA LYS B 711 17.38 -31.70 48.07
C LYS B 711 16.05 -32.26 48.44
N ASP B 712 15.16 -31.41 48.96
CA ASP B 712 13.84 -31.82 49.38
C ASP B 712 12.86 -31.52 48.23
N MET B 713 12.83 -32.42 47.27
CA MET B 713 12.23 -32.22 45.96
C MET B 713 10.77 -32.08 46.08
N ALA B 714 10.20 -32.79 47.05
CA ALA B 714 8.75 -32.82 47.26
C ALA B 714 8.22 -31.92 48.40
N GLY B 715 9.10 -31.21 49.11
CA GLY B 715 8.67 -30.38 50.26
C GLY B 715 8.21 -31.19 51.45
N LEU B 716 8.88 -32.32 51.68
CA LEU B 716 8.50 -33.27 52.74
C LEU B 716 9.15 -33.02 54.07
N LEU B 717 10.24 -32.28 54.08
CA LEU B 717 10.95 -32.00 55.34
C LEU B 717 10.20 -31.01 56.23
N LYS B 718 9.44 -31.53 57.18
CA LYS B 718 8.80 -30.75 58.24
C LYS B 718 9.86 -30.02 59.09
N PRO B 719 9.45 -28.95 59.81
CA PRO B 719 10.35 -28.04 60.48
C PRO B 719 11.13 -28.62 61.65
N GLN B 720 10.49 -29.43 62.46
CA GLN B 720 11.20 -30.00 63.61
C GLN B 720 12.27 -30.99 63.14
N ALA B 721 11.96 -31.70 62.07
CA ALA B 721 12.90 -32.65 61.47
C ALA B 721 14.03 -31.95 60.77
N ALA B 722 13.77 -30.71 60.35
CA ALA B 722 14.81 -29.93 59.71
C ALA B 722 15.83 -29.55 60.77
N TYR B 723 15.35 -28.96 61.86
CA TYR B 723 16.22 -28.68 63.01
C TYR B 723 17.10 -29.90 63.34
N ARG B 724 16.48 -31.07 63.53
CA ARG B 724 17.22 -32.25 64.01
C ARG B 724 18.20 -32.75 62.96
N LEU B 725 17.71 -32.90 61.74
CA LEU B 725 18.55 -33.27 60.61
C LEU B 725 19.78 -32.39 60.33
N ILE B 726 19.58 -31.09 60.29
CA ILE B 726 20.65 -30.17 59.95
C ILE B 726 21.63 -30.12 61.11
N GLY B 727 21.09 -29.98 62.32
CA GLY B 727 21.88 -30.14 63.54
C GLY B 727 22.81 -31.37 63.53
N GLU B 728 22.21 -32.55 63.44
CA GLU B 728 22.95 -33.79 63.39
C GLU B 728 24.01 -33.75 62.28
N LEU B 729 23.61 -33.39 61.07
CA LEU B 729 24.56 -33.35 59.98
C LEU B 729 25.68 -32.39 60.22
N LYS B 730 25.41 -31.28 60.90
CA LYS B 730 26.49 -30.35 61.28
C LYS B 730 27.44 -30.98 62.31
N ASP B 731 26.91 -31.78 63.25
CA ASP B 731 27.75 -32.52 64.18
C ASP B 731 28.61 -33.57 63.48
N THR B 732 28.18 -34.00 62.30
CA THR B 732 28.72 -35.15 61.63
C THR B 732 29.73 -34.85 60.53
N VAL B 733 29.56 -33.76 59.79
CA VAL B 733 30.45 -33.46 58.67
C VAL B 733 30.88 -32.01 58.66
N ASP B 734 32.04 -31.80 58.06
CA ASP B 734 32.76 -30.57 58.22
C ASP B 734 32.69 -29.82 56.87
N VAL B 735 31.61 -30.05 56.13
CA VAL B 735 31.35 -29.22 54.95
C VAL B 735 30.13 -28.34 55.22
N PRO B 736 30.06 -27.19 54.54
CA PRO B 736 28.81 -26.40 54.62
C PRO B 736 27.61 -27.15 54.08
N ILE B 737 26.40 -26.73 54.48
CA ILE B 737 25.23 -27.43 54.03
C ILE B 737 24.31 -26.48 53.30
N HIS B 738 23.73 -26.99 52.21
CA HIS B 738 22.90 -26.20 51.30
C HIS B 738 21.54 -26.89 51.28
N LEU B 739 20.48 -26.22 51.78
CA LEU B 739 19.13 -26.80 51.76
C LEU B 739 18.22 -26.29 50.62
N HIS B 740 17.43 -27.20 50.06
CA HIS B 740 16.55 -26.87 48.98
C HIS B 740 15.21 -27.56 49.24
N THR B 741 14.17 -26.77 49.54
CA THR B 741 12.81 -27.31 49.68
C THR B 741 11.80 -26.65 48.74
N HIS B 742 10.59 -27.17 48.74
CA HIS B 742 9.50 -26.67 47.95
C HIS B 742 8.43 -26.26 48.96
N ASP B 743 7.69 -25.19 48.69
CA ASP B 743 6.70 -24.65 49.62
C ASP B 743 5.32 -25.28 49.41
N THR B 744 5.31 -26.45 48.81
CA THR B 744 4.10 -27.20 48.55
C THR B 744 3.11 -27.25 49.72
N SER B 745 3.60 -27.60 50.91
CA SER B 745 2.72 -27.79 52.10
C SER B 745 2.28 -26.50 52.79
N GLY B 746 2.91 -25.40 52.43
CA GLY B 746 2.81 -24.16 53.17
C GLY B 746 3.84 -23.98 54.30
N ASN B 747 4.67 -24.98 54.58
CA ASN B 747 5.62 -24.92 55.70
C ASN B 747 7.06 -24.59 55.33
N GLY B 748 7.28 -24.22 54.06
CA GLY B 748 8.62 -23.89 53.55
C GLY B 748 9.44 -22.97 54.41
N ILE B 749 8.88 -21.81 54.73
CA ILE B 749 9.59 -20.76 55.42
C ILE B 749 9.91 -21.22 56.83
N TYR B 750 8.88 -21.68 57.50
CA TYR B 750 8.98 -22.26 58.83
C TYR B 750 10.08 -23.36 58.77
N THR B 751 10.00 -24.28 57.82
CA THR B 751 11.08 -25.28 57.70
C THR B 751 12.47 -24.64 57.50
N TYR B 752 12.56 -23.61 56.67
CA TYR B 752 13.79 -22.82 56.57
C TYR B 752 14.26 -22.15 57.88
N ALA B 753 13.32 -21.74 58.72
CA ALA B 753 13.70 -21.04 59.93
C ALA B 753 14.31 -22.03 60.92
N ALA B 754 13.70 -23.21 60.99
CA ALA B 754 14.26 -24.32 61.74
C ALA B 754 15.66 -24.65 61.22
N ALA B 755 15.78 -24.87 59.93
CA ALA B 755 17.09 -25.10 59.37
C ALA B 755 18.08 -24.01 59.77
N VAL B 756 17.63 -22.76 59.78
CA VAL B 756 18.52 -21.63 60.07
C VAL B 756 18.93 -21.68 61.56
N SER B 757 17.98 -21.94 62.46
CA SER B 757 18.34 -22.13 63.85
C SER B 757 19.40 -23.23 64.03
N ALA B 758 19.33 -24.29 63.27
CA ALA B 758 20.30 -25.38 63.43
C ALA B 758 21.61 -25.18 62.68
N GLY B 759 21.86 -24.06 62.03
CA GLY B 759 23.16 -23.85 61.39
C GLY B 759 23.28 -23.96 59.88
N VAL B 760 22.18 -24.25 59.15
CA VAL B 760 22.31 -24.43 57.68
C VAL B 760 23.05 -23.27 57.04
N ASP B 761 23.88 -23.52 56.07
CA ASP B 761 24.72 -22.47 55.52
C ASP B 761 24.07 -21.67 54.40
N ILE B 762 23.22 -22.31 53.63
CA ILE B 762 22.71 -21.73 52.41
C ILE B 762 21.32 -22.30 52.15
N VAL B 763 20.40 -21.45 51.69
CA VAL B 763 19.04 -21.91 51.34
C VAL B 763 18.55 -21.31 50.06
N ASP B 764 17.65 -22.05 49.41
CA ASP B 764 17.21 -21.70 48.08
C ASP B 764 15.87 -21.00 48.15
N VAL B 765 15.83 -19.78 47.64
CA VAL B 765 14.61 -18.97 47.67
C VAL B 765 14.33 -18.40 46.32
N ALA B 766 13.16 -17.80 46.16
CA ALA B 766 12.87 -17.18 44.86
C ALA B 766 12.18 -15.84 45.02
N SER B 767 12.18 -15.06 43.95
CA SER B 767 11.46 -13.82 43.95
C SER B 767 10.03 -14.07 44.47
N SER B 768 9.47 -13.20 45.31
CA SER B 768 8.11 -13.45 45.83
C SER B 768 7.10 -13.82 44.74
N ALA B 769 7.14 -13.09 43.61
CA ALA B 769 6.15 -13.33 42.58
C ALA B 769 6.27 -14.68 41.84
N MET B 770 7.37 -15.41 42.09
CA MET B 770 7.63 -16.73 41.53
C MET B 770 7.94 -17.75 42.64
N SER B 771 7.40 -17.49 43.83
CA SER B 771 7.61 -18.30 45.02
C SER B 771 6.30 -18.87 45.46
N GLY B 772 6.31 -19.69 46.51
CA GLY B 772 5.06 -20.27 46.98
C GLY B 772 4.60 -21.51 46.24
N ALA B 773 3.67 -22.21 46.85
CA ALA B 773 3.12 -23.40 46.26
C ALA B 773 4.26 -24.40 45.93
N THR B 774 4.36 -24.87 44.69
CA THR B 774 5.37 -25.86 44.34
C THR B 774 6.73 -25.23 43.96
N SER B 775 6.88 -23.92 44.19
CA SER B 775 8.15 -23.27 44.02
C SER B 775 8.94 -23.17 45.34
N GLN B 776 10.02 -22.39 45.36
CA GLN B 776 10.75 -22.14 46.59
C GLN B 776 10.02 -21.09 47.47
N PRO B 777 10.30 -21.06 48.75
CA PRO B 777 9.88 -19.93 49.54
C PRO B 777 10.43 -18.60 49.02
N SER B 778 9.76 -17.50 49.37
CA SER B 778 10.16 -16.15 48.98
C SER B 778 11.45 -15.61 49.61
N MET B 779 12.30 -15.03 48.79
CA MET B 779 13.56 -14.52 49.34
C MET B 779 13.25 -13.37 50.27
N THR B 780 12.35 -12.50 49.86
CA THR B 780 12.00 -11.35 50.73
C THR B 780 11.16 -11.80 51.94
N GLY B 781 10.34 -12.82 51.77
CA GLY B 781 9.62 -13.41 52.87
C GLY B 781 10.53 -13.84 53.98
N LEU B 782 11.61 -14.49 53.57
CA LEU B 782 12.54 -15.11 54.48
C LEU B 782 13.29 -13.99 55.19
N TYR B 783 13.73 -13.00 54.44
CA TYR B 783 14.45 -11.85 55.05
C TYR B 783 13.61 -11.26 56.18
N TYR B 784 12.35 -10.95 55.89
CA TYR B 784 11.52 -10.31 56.90
C TYR B 784 11.22 -11.23 58.07
N GLY B 785 11.09 -12.51 57.82
CA GLY B 785 10.79 -13.45 58.91
C GLY B 785 11.96 -13.65 59.87
N LEU B 786 13.18 -13.47 59.38
CA LEU B 786 14.36 -13.65 60.20
C LEU B 786 15.02 -12.40 60.67
N VAL B 787 14.74 -11.28 60.04
CA VAL B 787 15.43 -10.02 60.40
C VAL B 787 15.39 -9.63 61.90
N ASN B 788 14.45 -10.13 62.68
CA ASN B 788 14.52 -9.96 64.12
C ASN B 788 14.86 -11.23 64.90
N GLY B 789 15.49 -12.20 64.26
CA GLY B 789 15.86 -13.41 64.99
C GLY B 789 17.28 -13.34 65.41
N ASN B 790 17.72 -14.36 66.12
CA ASN B 790 19.15 -14.54 66.43
C ASN B 790 20.06 -14.65 65.19
N ARG B 791 19.51 -15.01 64.03
CA ARG B 791 20.29 -15.28 62.82
C ARG B 791 19.58 -14.78 61.56
N GLN B 792 20.26 -13.92 60.79
CA GLN B 792 19.63 -13.14 59.74
C GLN B 792 20.08 -13.62 58.38
N THR B 793 19.47 -13.07 57.33
CA THR B 793 19.90 -13.27 55.98
C THR B 793 20.52 -11.96 55.55
N ASN B 794 21.47 -12.03 54.63
CA ASN B 794 22.08 -10.85 53.99
C ASN B 794 21.36 -10.61 52.68
N LEU B 795 20.40 -9.71 52.71
CA LEU B 795 19.61 -9.37 51.54
C LEU B 795 19.22 -7.93 51.64
N ASP B 796 18.97 -7.31 50.50
CA ASP B 796 18.39 -5.99 50.54
C ASP B 796 16.94 -6.04 50.10
N ALA B 797 16.06 -5.99 51.08
CA ALA B 797 14.65 -6.11 50.82
C ALA B 797 14.26 -5.20 49.69
N GLN B 798 14.61 -3.93 49.78
CA GLN B 798 14.03 -2.97 48.88
C GLN B 798 14.47 -3.35 47.47
N ASN B 799 15.76 -3.62 47.31
CA ASN B 799 16.28 -4.05 46.02
C ASN B 799 15.54 -5.26 45.47
N SER B 800 15.30 -6.28 46.30
CA SER B 800 14.63 -7.49 45.80
C SER B 800 13.14 -7.26 45.47
N GLN B 801 12.51 -6.33 46.17
CA GLN B 801 11.14 -5.89 45.86
C GLN B 801 11.03 -5.20 44.49
N ILE B 802 12.07 -4.49 44.10
CA ILE B 802 12.08 -3.81 42.80
C ILE B 802 12.25 -4.78 41.64
N ILE B 803 13.12 -5.77 41.86
CA ILE B 803 13.33 -6.85 40.93
C ILE B 803 12.01 -7.58 40.90
N ASN B 804 11.45 -7.86 42.08
CA ASN B 804 10.17 -8.61 42.13
C ASN B 804 9.08 -8.06 41.23
N HIS B 805 9.02 -6.73 41.03
CA HIS B 805 8.01 -6.13 40.19
C HIS B 805 8.05 -6.58 38.78
N TYR B 806 9.29 -6.82 38.30
CA TYR B 806 9.55 -7.21 36.94
C TYR B 806 8.87 -8.52 36.72
N TRP B 807 9.10 -9.44 37.64
CA TRP B 807 8.43 -10.75 37.58
C TRP B 807 6.95 -10.72 37.79
N GLU B 808 6.46 -9.88 38.71
CA GLU B 808 5.01 -9.65 38.87
C GLU B 808 4.41 -9.41 37.48
N ASP B 809 5.04 -8.54 36.70
CA ASP B 809 4.51 -8.17 35.34
C ASP B 809 4.69 -9.28 34.31
N VAL B 810 5.94 -9.72 34.13
CA VAL B 810 6.28 -10.78 33.17
C VAL B 810 5.53 -12.14 33.34
N ARG B 811 5.29 -12.52 34.58
CA ARG B 811 4.49 -13.71 34.79
C ARG B 811 3.20 -13.69 33.96
N HIS B 812 2.53 -12.53 33.80
CA HIS B 812 1.24 -12.56 33.04
C HIS B 812 1.43 -13.15 31.64
N TYR B 813 2.64 -13.02 31.07
CA TYR B 813 2.84 -13.49 29.71
C TYR B 813 2.62 -15.00 29.63
N TYR B 814 2.80 -15.70 30.75
CA TYR B 814 2.76 -17.16 30.77
C TYR B 814 1.43 -17.73 31.35
N LYS B 815 0.38 -16.91 31.34
CA LYS B 815 -0.95 -17.38 31.78
C LYS B 815 -1.26 -18.79 31.27
N ASP B 816 -1.17 -19.03 29.98
CA ASP B 816 -1.42 -20.34 29.41
C ASP B 816 -0.59 -21.48 30.00
N PHE B 817 0.50 -21.21 30.73
CA PHE B 817 1.32 -22.29 31.34
C PHE B 817 1.32 -22.25 32.84
N ASP B 818 0.70 -21.23 33.36
CA ASP B 818 0.54 -21.05 34.80
C ASP B 818 -0.61 -21.90 35.31
N ASN B 819 -0.43 -23.21 35.33
CA ASN B 819 -1.56 -24.18 35.52
C ASN B 819 -1.50 -24.94 36.83
N ALA B 820 -0.39 -24.81 37.56
CA ALA B 820 -0.29 -25.37 38.88
C ALA B 820 -1.39 -24.71 39.70
N LEU B 821 -2.22 -25.52 40.38
CA LEU B 821 -3.18 -24.99 41.33
C LEU B 821 -2.29 -24.46 42.48
N ASN B 822 -2.26 -23.15 42.65
CA ASN B 822 -1.19 -22.52 43.45
C ASN B 822 -1.66 -22.14 44.83
N SER B 823 -1.69 -23.15 45.71
CA SER B 823 -2.23 -23.13 47.09
C SER B 823 -1.68 -24.38 47.81
N PRO B 824 -1.53 -24.34 49.16
CA PRO B 824 -0.99 -25.57 49.75
C PRO B 824 -1.73 -26.93 49.38
N GLN B 825 -0.92 -27.99 49.27
CA GLN B 825 -1.32 -29.39 49.07
C GLN B 825 -0.49 -30.18 50.12
N THR B 826 -1.02 -30.31 51.32
CA THR B 826 -0.41 -31.19 52.29
C THR B 826 -0.51 -32.73 51.95
N GLU B 827 -1.24 -33.09 50.90
CA GLU B 827 -1.40 -34.50 50.57
C GLU B 827 -0.09 -35.10 50.14
N VAL B 828 0.81 -34.26 49.67
CA VAL B 828 2.13 -34.71 49.28
C VAL B 828 2.79 -35.52 50.41
N TYR B 829 2.36 -35.31 51.65
CA TYR B 829 2.86 -36.12 52.78
C TYR B 829 2.33 -37.57 52.74
N ILE B 830 1.30 -37.80 51.95
CA ILE B 830 0.75 -39.14 51.78
C ILE B 830 1.37 -39.78 50.51
N HIS B 831 1.37 -39.05 49.39
CA HIS B 831 1.76 -39.60 48.12
C HIS B 831 3.22 -39.36 47.65
N GLU B 832 3.79 -38.24 48.05
CA GLU B 832 5.22 -37.90 47.87
C GLU B 832 5.65 -37.56 46.43
N MET B 833 4.68 -37.11 45.63
CA MET B 833 4.95 -36.63 44.28
C MET B 833 5.69 -35.32 44.33
N PRO B 834 6.85 -35.23 43.68
CA PRO B 834 7.66 -34.01 43.60
C PRO B 834 6.94 -32.81 43.08
N GLY B 835 7.44 -31.63 43.42
CA GLY B 835 6.84 -30.37 43.00
C GLY B 835 6.28 -30.44 41.60
N GLY B 836 7.16 -30.70 40.64
CA GLY B 836 6.81 -30.62 39.23
C GLY B 836 5.82 -31.67 38.76
N GLN B 837 6.11 -32.92 39.09
CA GLN B 837 5.39 -34.02 38.48
C GLN B 837 3.90 -34.06 38.89
N TYR B 838 3.49 -33.31 39.92
CA TYR B 838 2.07 -33.35 40.32
C TYR B 838 1.22 -32.75 39.19
N THR B 839 1.51 -31.51 38.86
CA THR B 839 0.83 -30.82 37.76
C THR B 839 0.93 -31.66 36.48
N ASN B 840 2.14 -32.13 36.23
CA ASN B 840 2.40 -32.95 35.06
C ASN B 840 1.63 -34.26 35.01
N LEU B 841 1.69 -35.03 36.07
CA LEU B 841 1.00 -36.32 36.04
C LEU B 841 -0.50 -36.10 35.92
N GLN B 842 -1.02 -35.06 36.60
CA GLN B 842 -2.41 -34.71 36.46
C GLN B 842 -2.75 -34.52 35.01
N GLN B 843 -1.87 -33.84 34.27
CA GLN B 843 -2.11 -33.58 32.85
C GLN B 843 -2.36 -34.87 32.11
N GLN B 844 -1.50 -35.86 32.32
CA GLN B 844 -1.63 -37.09 31.55
C GLN B 844 -2.89 -37.81 31.95
N ALA B 845 -3.18 -37.80 33.25
CA ALA B 845 -4.38 -38.44 33.74
C ALA B 845 -5.61 -37.89 32.99
N ILE B 846 -5.64 -36.55 32.91
CA ILE B 846 -6.71 -35.84 32.24
C ILE B 846 -6.71 -36.19 30.78
N ALA B 847 -5.52 -36.11 30.16
CA ALA B 847 -5.30 -36.45 28.73
C ALA B 847 -5.86 -37.79 28.31
N VAL B 848 -5.59 -38.78 29.13
CA VAL B 848 -5.98 -40.16 28.87
C VAL B 848 -7.40 -40.50 29.38
N GLY B 849 -8.24 -39.50 29.66
CA GLY B 849 -9.63 -39.73 30.08
C GLY B 849 -9.80 -40.12 31.55
N LEU B 850 -8.83 -39.79 32.40
CA LEU B 850 -8.91 -40.15 33.84
C LEU B 850 -8.98 -38.94 34.80
N GLY B 851 -9.33 -37.78 34.25
CA GLY B 851 -9.44 -36.56 35.05
C GLY B 851 -10.45 -36.66 36.19
N ASP B 852 -11.49 -37.47 35.97
CA ASP B 852 -12.52 -37.78 36.96
C ASP B 852 -12.05 -38.59 38.16
N ARG B 853 -10.86 -39.19 38.03
CA ARG B 853 -10.43 -40.28 38.89
C ARG B 853 -9.04 -39.98 39.42
N TRP B 854 -8.72 -38.70 39.51
CA TRP B 854 -7.39 -38.25 39.89
C TRP B 854 -7.04 -38.70 41.30
N ASP B 855 -8.05 -38.78 42.17
CA ASP B 855 -7.81 -39.23 43.53
C ASP B 855 -7.39 -40.71 43.52
N GLU B 856 -8.10 -41.56 42.77
CA GLU B 856 -7.70 -42.97 42.61
C GLU B 856 -6.20 -43.11 42.26
N VAL B 857 -5.77 -42.28 41.31
CA VAL B 857 -4.41 -42.27 40.81
C VAL B 857 -3.41 -41.80 41.86
N LYS B 858 -3.75 -40.78 42.64
CA LYS B 858 -2.91 -40.38 43.76
C LYS B 858 -2.80 -41.49 44.79
N GLU B 859 -3.89 -42.21 45.05
CA GLU B 859 -3.86 -43.35 45.96
C GLU B 859 -2.94 -44.47 45.39
N MET B 860 -3.04 -44.71 44.08
CA MET B 860 -2.27 -45.74 43.41
C MET B 860 -0.81 -45.35 43.40
N TYR B 861 -0.53 -44.06 43.33
CA TYR B 861 0.84 -43.60 43.30
C TYR B 861 1.54 -44.02 44.56
N THR B 862 0.76 -44.00 45.65
CA THR B 862 1.22 -44.39 46.98
C THR B 862 1.39 -45.91 47.05
N VAL B 863 0.43 -46.62 46.48
CA VAL B 863 0.45 -48.06 46.50
C VAL B 863 1.69 -48.56 45.78
N VAL B 864 1.91 -48.02 44.60
CA VAL B 864 3.04 -48.34 43.81
C VAL B 864 4.39 -48.08 44.49
N ASN B 865 4.52 -46.98 45.18
CA ASN B 865 5.76 -46.73 45.90
C ASN B 865 6.04 -47.87 46.86
N GLN B 866 5.00 -48.43 47.46
CA GLN B 866 5.14 -49.51 48.42
C GLN B 866 5.48 -50.82 47.68
N MET B 867 4.80 -51.05 46.57
CA MET B 867 5.11 -52.11 45.67
C MET B 867 6.62 -52.14 45.29
N PHE B 868 7.22 -50.99 45.13
CA PHE B 868 8.64 -50.90 44.75
C PHE B 868 9.54 -50.90 45.98
N GLY B 869 8.95 -51.15 47.15
CA GLY B 869 9.73 -51.23 48.41
C GLY B 869 10.09 -49.90 49.04
N ASP B 870 9.50 -48.82 48.51
CA ASP B 870 9.63 -47.44 48.99
C ASP B 870 10.90 -46.80 48.48
N ILE B 871 10.77 -46.13 47.36
CA ILE B 871 11.92 -45.51 46.75
C ILE B 871 11.87 -44.00 46.89
N VAL B 872 13.03 -43.38 46.68
CA VAL B 872 13.17 -41.96 46.45
C VAL B 872 12.57 -41.64 45.07
N LYS B 873 11.69 -40.63 45.04
CA LYS B 873 10.91 -40.29 43.86
C LYS B 873 11.21 -38.84 43.44
N VAL B 874 11.91 -38.73 42.34
CA VAL B 874 12.36 -37.51 41.77
C VAL B 874 12.80 -37.95 40.37
N THR B 875 13.02 -37.06 39.43
CA THR B 875 13.28 -37.44 38.06
C THR B 875 14.59 -38.22 37.98
N PRO B 876 14.56 -39.46 37.46
CA PRO B 876 13.46 -40.15 36.77
C PRO B 876 12.71 -41.24 37.50
N SER B 877 13.04 -41.52 38.74
CA SER B 877 12.36 -42.54 39.46
C SER B 877 10.88 -42.25 39.57
N SER B 878 10.57 -40.97 39.67
CA SER B 878 9.22 -40.51 39.88
C SER B 878 8.32 -40.92 38.71
N LYS B 879 8.83 -40.74 37.50
CA LYS B 879 8.10 -41.12 36.29
C LYS B 879 7.67 -42.60 36.34
N VAL B 880 8.59 -43.46 36.80
CA VAL B 880 8.32 -44.89 36.85
C VAL B 880 7.06 -45.10 37.68
N VAL B 881 7.03 -44.46 38.84
CA VAL B 881 5.90 -44.61 39.78
C VAL B 881 4.60 -44.03 39.22
N GLY B 882 4.72 -43.01 38.38
CA GLY B 882 3.56 -42.42 37.77
C GLY B 882 3.08 -43.19 36.58
N ASP B 883 4.03 -43.68 35.77
CA ASP B 883 3.68 -44.57 34.66
C ASP B 883 2.89 -45.80 35.13
N LEU B 884 3.41 -46.49 36.13
CA LEU B 884 2.75 -47.71 36.61
C LEU B 884 1.43 -47.36 37.27
N ALA B 885 1.36 -46.21 37.95
CA ALA B 885 0.13 -45.83 38.69
C ALA B 885 -0.99 -45.64 37.71
N LEU B 886 -0.71 -44.91 36.63
CA LEU B 886 -1.71 -44.73 35.57
C LEU B 886 -2.25 -46.02 35.00
N PHE B 887 -1.33 -46.87 34.59
CA PHE B 887 -1.60 -48.17 33.99
C PHE B 887 -2.48 -49.00 34.90
N MET B 888 -2.12 -49.09 36.18
CA MET B 888 -2.92 -49.90 37.06
C MET B 888 -4.37 -49.37 37.18
N VAL B 889 -4.53 -48.06 37.15
CA VAL B 889 -5.85 -47.45 37.22
C VAL B 889 -6.58 -47.69 35.87
N GLN B 890 -5.88 -47.40 34.77
CA GLN B 890 -6.43 -47.60 33.42
C GLN B 890 -7.01 -48.99 33.27
N ASN B 891 -6.33 -50.00 33.82
CA ASN B 891 -6.68 -51.39 33.56
C ASN B 891 -7.29 -52.09 34.76
N GLU B 892 -7.88 -51.32 35.66
CA GLU B 892 -8.61 -51.90 36.77
C GLU B 892 -7.75 -52.90 37.55
N LEU B 893 -6.46 -52.62 37.62
CA LEU B 893 -5.52 -53.50 38.27
C LEU B 893 -5.28 -53.04 39.68
N SER B 894 -5.58 -53.91 40.65
CA SER B 894 -5.13 -53.74 42.03
C SER B 894 -3.69 -54.21 42.23
N GLU B 895 -3.22 -54.13 43.46
CA GLU B 895 -1.89 -54.64 43.84
C GLU B 895 -1.86 -56.16 43.72
N GLU B 896 -2.90 -56.79 44.26
CA GLU B 896 -3.06 -58.23 44.20
C GLU B 896 -3.22 -58.70 42.77
N ASP B 897 -4.04 -58.00 42.00
CA ASP B 897 -4.18 -58.33 40.60
C ASP B 897 -2.82 -58.47 39.95
N VAL B 898 -1.87 -57.62 40.31
CA VAL B 898 -0.57 -57.61 39.67
C VAL B 898 0.28 -58.80 40.12
N TYR B 899 0.20 -59.11 41.41
CA TYR B 899 0.90 -60.29 41.94
C TYR B 899 0.35 -61.58 41.32
N GLU B 900 -0.97 -61.70 41.24
CA GLU B 900 -1.64 -62.84 40.59
C GLU B 900 -1.35 -62.90 39.07
N LYS B 901 -1.85 -61.96 38.28
CA LYS B 901 -1.81 -62.09 36.84
C LYS B 901 -0.63 -61.36 36.16
N GLY B 902 0.37 -61.04 36.94
CA GLY B 902 1.49 -60.25 36.42
C GLY B 902 2.32 -60.80 35.27
N ASP B 903 2.37 -62.12 35.12
CA ASP B 903 3.16 -62.70 34.03
C ASP B 903 2.45 -62.53 32.68
N THR B 904 1.13 -62.33 32.72
CA THR B 904 0.38 -62.09 31.49
C THR B 904 0.28 -60.59 31.12
N ILE B 905 0.72 -59.69 32.01
CA ILE B 905 0.55 -58.25 31.82
C ILE B 905 1.79 -57.59 31.27
N ASP B 906 1.63 -56.75 30.24
CA ASP B 906 2.74 -56.00 29.64
C ASP B 906 2.91 -54.59 30.24
N PHE B 907 3.86 -54.48 31.16
CA PHE B 907 4.12 -53.26 31.90
C PHE B 907 4.85 -52.20 31.09
N PRO B 908 4.56 -50.92 31.37
CA PRO B 908 5.20 -49.82 30.67
C PRO B 908 6.73 -49.96 30.63
N ASP B 909 7.32 -49.47 29.55
CA ASP B 909 8.75 -49.56 29.31
C ASP B 909 9.59 -49.00 30.44
N SER B 910 9.12 -47.97 31.13
CA SER B 910 9.93 -47.32 32.14
C SER B 910 10.05 -48.24 33.36
N VAL B 911 9.10 -49.16 33.47
CA VAL B 911 9.02 -50.05 34.62
C VAL B 911 9.93 -51.24 34.41
N ILE B 912 9.98 -51.70 33.17
CA ILE B 912 10.90 -52.80 32.80
C ILE B 912 12.28 -52.23 32.96
N GLU B 913 12.48 -51.03 32.41
CA GLU B 913 13.79 -50.38 32.50
C GLU B 913 14.20 -50.21 33.94
N PHE B 914 13.25 -49.92 34.79
CA PHE B 914 13.58 -49.60 36.18
C PHE B 914 14.12 -50.86 36.85
N PHE B 915 13.37 -51.94 36.71
CA PHE B 915 13.71 -53.25 37.29
C PHE B 915 14.88 -53.93 36.63
N MET B 916 15.15 -53.51 35.42
CA MET B 916 16.30 -53.92 34.73
C MET B 916 17.56 -53.30 35.34
N GLY B 917 17.40 -52.23 36.11
CA GLY B 917 18.56 -51.51 36.70
C GLY B 917 19.00 -50.30 35.90
N GLU B 918 18.24 -49.92 34.87
CA GLU B 918 18.63 -48.88 33.89
C GLU B 918 18.62 -47.45 34.42
N ILE B 919 18.19 -47.23 35.67
CA ILE B 919 18.32 -45.90 36.30
C ILE B 919 18.95 -46.02 37.68
N GLY B 920 19.89 -46.96 37.80
CA GLY B 920 20.58 -47.26 39.06
C GLY B 920 19.87 -48.31 39.90
N GLN B 921 20.42 -48.52 41.09
CA GLN B 921 19.91 -49.43 42.12
C GLN B 921 19.24 -48.72 43.32
N PRO B 922 17.98 -49.08 43.63
CA PRO B 922 17.32 -48.52 44.79
C PRO B 922 17.94 -48.95 46.09
N TYR B 923 17.97 -48.05 47.07
CA TYR B 923 18.37 -48.41 48.41
C TYR B 923 17.49 -49.54 48.84
N GLY B 924 18.14 -50.56 49.42
CA GLY B 924 17.47 -51.78 49.84
C GLY B 924 17.22 -52.81 48.74
N GLY B 925 17.40 -52.42 47.48
CA GLY B 925 17.22 -53.30 46.32
C GLY B 925 15.78 -53.61 45.90
N PHE B 926 15.64 -54.14 44.71
CA PHE B 926 14.33 -54.42 44.14
C PHE B 926 13.62 -55.48 44.91
N PRO B 927 12.29 -55.39 45.00
CA PRO B 927 11.51 -56.51 45.54
C PRO B 927 11.53 -57.64 44.52
N GLU B 928 11.84 -58.85 44.99
CA GLU B 928 12.19 -59.90 44.08
C GLU B 928 10.99 -60.43 43.29
N LYS B 929 9.90 -60.72 43.99
CA LYS B 929 8.73 -61.26 43.32
C LYS B 929 8.29 -60.35 42.20
N LEU B 930 8.06 -59.07 42.53
CA LEU B 930 7.62 -58.10 41.53
C LEU B 930 8.62 -57.92 40.41
N GLN B 931 9.90 -57.86 40.73
CA GLN B 931 10.99 -57.89 39.67
C GLN B 931 10.84 -59.06 38.68
N LYS B 932 10.65 -60.29 39.21
CA LYS B 932 10.44 -61.47 38.33
C LYS B 932 9.27 -61.27 37.40
N LEU B 933 8.14 -60.82 37.96
CA LEU B 933 6.92 -60.68 37.18
C LEU B 933 7.08 -59.66 36.08
N VAL B 934 7.83 -58.60 36.34
CA VAL B 934 7.91 -57.51 35.37
C VAL B 934 8.87 -57.85 34.24
N LEU B 935 10.04 -58.36 34.59
CA LEU B 935 11.13 -58.63 33.61
C LEU B 935 10.85 -59.79 32.67
N LYS B 936 10.15 -60.81 33.16
CA LYS B 936 9.73 -61.93 32.31
C LYS B 936 10.97 -62.69 31.75
N GLY B 937 11.82 -63.17 32.67
CA GLY B 937 13.03 -63.87 32.30
C GLY B 937 14.20 -62.99 31.97
N ARG B 938 13.96 -61.71 31.71
CA ARG B 938 15.05 -60.79 31.37
C ARG B 938 16.03 -60.78 32.52
N THR B 939 17.28 -60.50 32.19
CA THR B 939 18.33 -60.63 33.15
C THR B 939 18.82 -59.25 33.52
N PRO B 940 18.51 -58.83 34.75
CA PRO B 940 18.89 -57.49 35.20
C PRO B 940 20.40 -57.35 35.36
N LEU B 941 20.95 -56.24 34.84
CA LEU B 941 22.26 -55.76 35.18
C LEU B 941 22.28 -55.20 36.61
N THR B 942 23.45 -55.25 37.30
CA THR B 942 23.63 -54.64 38.67
C THR B 942 24.79 -53.63 38.69
N ASP B 943 25.01 -52.93 37.59
CA ASP B 943 26.07 -51.92 37.50
C ASP B 943 25.59 -50.69 36.74
N ARG B 944 26.34 -49.60 36.89
CA ARG B 944 25.99 -48.33 36.27
C ARG B 944 25.91 -48.56 34.78
N PRO B 945 24.82 -48.14 34.14
CA PRO B 945 24.71 -48.36 32.68
C PRO B 945 25.79 -47.68 31.81
N GLY B 946 26.50 -46.72 32.38
CA GLY B 946 27.54 -46.02 31.64
C GLY B 946 28.84 -46.79 31.59
N ALA B 947 29.08 -47.60 32.62
CA ALA B 947 30.17 -48.57 32.60
C ALA B 947 30.05 -49.41 31.34
N LEU B 948 28.86 -49.95 31.10
CA LEU B 948 28.62 -50.90 30.01
C LEU B 948 28.48 -50.31 28.62
N MET B 949 28.62 -49.00 28.44
CA MET B 949 28.28 -48.42 27.15
C MET B 949 29.50 -48.10 26.30
N GLU B 950 29.38 -48.35 25.01
CA GLU B 950 30.43 -47.99 24.08
C GLU B 950 30.63 -46.46 24.13
N PRO B 951 31.82 -46.00 24.50
CA PRO B 951 32.10 -44.58 24.38
C PRO B 951 31.75 -44.03 23.02
N VAL B 952 31.20 -42.81 23.00
CA VAL B 952 30.83 -42.14 21.75
C VAL B 952 32.11 -41.66 21.06
N ASN B 953 32.09 -41.69 19.73
CA ASN B 953 33.16 -41.13 18.92
C ASN B 953 32.81 -39.71 18.46
N PHE B 954 33.42 -38.74 19.13
CA PHE B 954 33.07 -37.34 18.87
C PHE B 954 33.46 -36.89 17.48
N VAL B 955 34.47 -37.53 16.89
CA VAL B 955 34.95 -37.09 15.57
C VAL B 955 33.96 -37.55 14.54
N GLU B 956 33.49 -38.78 14.72
CA GLU B 956 32.46 -39.37 13.87
C GLU B 956 31.14 -38.62 13.95
N VAL B 957 30.64 -38.45 15.18
CA VAL B 957 29.36 -37.78 15.42
C VAL B 957 29.36 -36.35 14.88
N LYS B 958 30.45 -35.62 15.08
CA LYS B 958 30.58 -34.26 14.51
C LYS B 958 30.49 -34.20 12.98
N ALA B 959 31.11 -35.16 12.30
CA ALA B 959 31.01 -35.27 10.85
C ALA B 959 29.59 -35.63 10.40
N GLU B 960 28.94 -36.58 11.07
CA GLU B 960 27.54 -36.93 10.75
C GLU B 960 26.66 -35.68 10.84
N LEU B 961 26.83 -34.92 11.93
CA LEU B 961 26.04 -33.73 12.20
C LEU B 961 26.29 -32.63 11.20
N LYS B 962 27.56 -32.33 10.97
CA LYS B 962 27.97 -31.39 9.93
C LYS B 962 27.17 -31.65 8.66
N GLU B 963 27.13 -32.92 8.28
CA GLU B 963 26.39 -33.33 7.12
C GLU B 963 24.98 -32.82 7.25
N LYS B 964 24.32 -33.17 8.37
CA LYS B 964 22.86 -32.92 8.56
C LYS B 964 22.52 -31.42 8.70
N MET B 965 23.40 -30.65 9.33
CA MET B 965 23.27 -29.20 9.47
C MET B 965 23.67 -28.42 8.23
N GLY B 966 24.57 -29.02 7.44
CA GLY B 966 25.13 -28.38 6.26
C GLY B 966 26.15 -27.29 6.51
N TYR B 967 26.85 -27.32 7.65
CA TYR B 967 28.00 -26.44 7.92
C TYR B 967 28.70 -26.91 9.22
N GLU B 968 29.78 -26.27 9.59
CA GLU B 968 30.57 -26.79 10.70
C GLU B 968 29.88 -26.52 12.07
N PRO B 969 29.55 -27.58 12.81
CA PRO B 969 28.95 -27.40 14.12
C PRO B 969 29.98 -27.10 15.16
N THR B 970 29.55 -26.46 16.26
CA THR B 970 30.42 -26.12 17.38
C THR B 970 30.54 -27.33 18.28
N GLU B 971 31.46 -27.27 19.25
CA GLU B 971 31.59 -28.34 20.21
C GLU B 971 30.27 -28.49 20.99
N LYS B 972 29.58 -27.36 21.18
CA LYS B 972 28.27 -27.31 21.85
C LYS B 972 27.14 -27.89 21.03
N ASP B 973 27.07 -27.56 19.75
CA ASP B 973 26.06 -28.20 18.92
C ASP B 973 26.20 -29.73 19.04
N VAL B 974 27.44 -30.22 19.00
CA VAL B 974 27.69 -31.65 18.96
C VAL B 974 27.17 -32.33 20.24
N ILE B 975 27.55 -31.79 21.39
CA ILE B 975 27.08 -32.39 22.64
C ILE B 975 25.53 -32.34 22.79
N SER B 976 24.91 -31.27 22.27
CA SER B 976 23.48 -31.15 22.30
C SER B 976 22.86 -32.22 21.38
N TYR B 977 23.43 -32.43 20.21
CA TYR B 977 22.94 -33.50 19.30
C TYR B 977 23.08 -34.88 19.93
N ILE B 978 24.16 -35.09 20.63
CA ILE B 978 24.35 -36.38 21.29
C ILE B 978 23.25 -36.53 22.32
N LEU B 979 23.03 -35.49 23.14
CA LEU B 979 22.06 -35.60 24.23
C LEU B 979 20.61 -35.61 23.77
N TYR B 980 20.29 -34.91 22.67
CA TYR B 980 18.91 -34.81 22.16
C TYR B 980 18.93 -34.78 20.63
N PRO B 981 19.29 -35.91 20.01
CA PRO B 981 19.43 -35.97 18.55
C PRO B 981 18.23 -35.45 17.77
N LYS B 982 17.05 -36.07 17.99
CA LYS B 982 15.82 -35.62 17.35
C LYS B 982 15.57 -34.12 17.64
N VAL B 983 15.55 -33.68 18.91
CA VAL B 983 15.03 -32.31 19.18
C VAL B 983 16.03 -31.31 18.75
N PHE B 984 17.30 -31.63 18.91
CA PHE B 984 18.32 -30.75 18.30
C PHE B 984 18.05 -30.46 16.81
N LEU B 985 17.73 -31.48 16.03
CA LEU B 985 17.57 -31.29 14.57
C LEU B 985 16.31 -30.56 14.21
N ASP B 986 15.23 -30.86 14.93
CA ASP B 986 13.99 -30.11 14.85
C ASP B 986 14.23 -28.63 15.17
N TYR B 987 15.01 -28.32 16.22
CA TYR B 987 15.42 -26.91 16.46
C TYR B 987 16.09 -26.27 15.26
N GLN B 988 17.10 -26.93 14.69
CA GLN B 988 17.79 -26.40 13.49
C GLN B 988 16.80 -26.18 12.36
N GLU B 989 15.94 -27.16 12.09
CA GLU B 989 14.94 -27.05 11.02
C GLU B 989 14.14 -25.78 11.21
N MET B 990 13.82 -25.48 12.46
CA MET B 990 13.00 -24.37 12.84
C MET B 990 13.69 -23.04 12.67
N ILE B 991 14.89 -22.88 13.21
CA ILE B 991 15.60 -21.62 13.04
C ILE B 991 16.06 -21.33 11.61
N ASN B 992 16.22 -22.35 10.79
CA ASN B 992 16.41 -22.14 9.34
C ASN B 992 15.14 -21.54 8.72
N LYS B 993 13.99 -22.03 9.14
CA LYS B 993 12.74 -21.56 8.56
C LYS B 993 12.39 -20.12 9.04
N TYR B 994 12.62 -19.82 10.32
CA TYR B 994 12.16 -18.57 10.94
C TYR B 994 13.24 -17.72 11.58
N GLY B 995 14.48 -18.12 11.49
CA GLY B 995 15.54 -17.39 12.14
C GLY B 995 15.50 -17.61 13.64
N ASP B 996 16.34 -16.86 14.32
CA ASP B 996 16.44 -16.92 15.77
C ASP B 996 15.23 -16.24 16.49
N VAL B 997 14.10 -16.94 16.57
CA VAL B 997 12.88 -16.38 17.13
C VAL B 997 13.00 -16.04 18.60
N THR B 998 14.04 -16.52 19.22
CA THR B 998 14.48 -16.08 20.54
C THR B 998 14.31 -14.61 20.80
N VAL B 999 14.57 -13.82 19.78
CA VAL B 999 14.67 -12.39 19.95
C VAL B 999 13.32 -11.68 20.11
N LEU B 1000 12.26 -12.34 19.66
CA LEU B 1000 10.90 -11.81 19.81
C LEU B 1000 10.47 -11.61 21.25
N ASP B 1001 9.65 -10.61 21.49
CA ASP B 1001 9.02 -10.44 22.82
C ASP B 1001 8.13 -11.67 23.01
N THR B 1002 8.08 -12.19 24.24
CA THR B 1002 7.21 -13.31 24.57
C THR B 1002 5.71 -13.22 24.19
N PRO B 1003 5.06 -12.08 24.35
CA PRO B 1003 3.67 -12.14 23.87
C PRO B 1003 3.53 -12.43 22.37
N THR B 1004 4.43 -11.86 21.56
CA THR B 1004 4.46 -12.13 20.10
C THR B 1004 4.88 -13.60 19.81
N PHE B 1005 5.80 -14.09 20.61
CA PHE B 1005 6.26 -15.43 20.45
C PHE B 1005 5.13 -16.39 20.57
N TYR B 1006 4.19 -16.15 21.48
CA TYR B 1006 3.08 -17.11 21.76
C TYR B 1006 1.77 -16.75 21.07
N LYS B 1007 1.59 -15.50 20.67
CA LYS B 1007 0.24 -15.01 20.27
C LYS B 1007 0.16 -14.20 18.97
N GLY B 1008 1.30 -13.87 18.37
CA GLY B 1008 1.31 -13.18 17.08
C GLY B 1008 1.05 -11.71 17.18
N MET B 1009 0.23 -11.19 16.28
CA MET B 1009 -0.09 -9.78 16.28
C MET B 1009 -1.57 -9.56 16.06
N ARG B 1010 -2.09 -8.52 16.74
CA ARG B 1010 -3.46 -7.99 16.52
C ARG B 1010 -3.47 -7.14 15.25
N LEU B 1011 -4.63 -7.02 14.63
CA LEU B 1011 -4.70 -6.19 13.43
C LEU B 1011 -4.47 -4.75 13.84
N GLY B 1012 -3.60 -4.03 13.12
CA GLY B 1012 -3.21 -2.66 13.46
C GLY B 1012 -2.20 -2.51 14.61
N GLU B 1013 -1.75 -3.62 15.20
CA GLU B 1013 -0.69 -3.56 16.19
C GLU B 1013 0.64 -3.29 15.50
N THR B 1014 1.51 -2.55 16.21
CA THR B 1014 2.90 -2.37 15.84
C THR B 1014 3.84 -2.94 16.96
N ILE B 1015 4.82 -3.76 16.61
CA ILE B 1015 5.79 -4.21 17.60
C ILE B 1015 7.17 -3.76 17.17
N GLU B 1016 8.09 -3.82 18.11
CA GLU B 1016 9.49 -3.54 17.86
C GLU B 1016 10.26 -4.82 18.13
N VAL B 1017 10.90 -5.41 17.13
CA VAL B 1017 11.70 -6.62 17.33
C VAL B 1017 13.19 -6.30 17.37
N GLU B 1018 13.84 -6.51 18.51
CA GLU B 1018 15.27 -6.21 18.68
C GLU B 1018 16.17 -7.35 18.21
N LEU B 1019 16.77 -7.21 17.04
CA LEU B 1019 17.64 -8.24 16.51
C LEU B 1019 18.96 -8.23 17.28
N GLU B 1020 19.36 -7.04 17.74
CA GLU B 1020 20.62 -6.79 18.46
C GLU B 1020 20.46 -5.41 19.00
N LYS B 1021 21.28 -5.03 19.98
CA LYS B 1021 21.23 -3.68 20.51
C LYS B 1021 21.29 -2.70 19.31
N GLY B 1022 20.36 -1.75 19.27
CA GLY B 1022 20.36 -0.72 18.27
C GLY B 1022 19.71 -1.09 16.95
N LYS B 1023 19.52 -2.37 16.66
CA LYS B 1023 19.05 -2.82 15.34
C LYS B 1023 17.63 -3.39 15.42
N ILE B 1024 16.66 -2.59 15.00
CA ILE B 1024 15.26 -2.90 15.24
C ILE B 1024 14.39 -3.10 13.97
N LEU B 1025 13.48 -4.07 14.01
CA LEU B 1025 12.46 -4.24 12.99
C LEU B 1025 11.15 -3.66 13.52
N LEU B 1026 10.80 -2.46 13.10
CA LEU B 1026 9.47 -1.95 13.36
C LEU B 1026 8.46 -2.68 12.45
N ILE B 1027 7.62 -3.51 13.03
CA ILE B 1027 6.74 -4.34 12.25
C ILE B 1027 5.33 -3.98 12.63
N LYS B 1028 4.49 -3.76 11.60
CA LYS B 1028 3.06 -3.52 11.76
C LYS B 1028 2.22 -4.51 10.96
N LEU B 1029 1.06 -4.90 11.51
CA LEU B 1029 0.17 -5.83 10.81
C LEU B 1029 -1.04 -5.06 10.36
N ASN B 1030 -1.25 -4.98 9.03
CA ASN B 1030 -2.34 -4.15 8.48
C ASN B 1030 -3.61 -4.94 8.24
N SER B 1031 -3.50 -6.10 7.57
CA SER B 1031 -4.64 -6.95 7.33
C SER B 1031 -4.29 -8.39 6.92
N ILE B 1032 -5.33 -9.22 6.83
CA ILE B 1032 -5.22 -10.65 6.65
C ILE B 1032 -6.14 -11.08 5.51
N GLY B 1033 -5.52 -11.44 4.40
CA GLY B 1033 -6.25 -11.83 3.20
C GLY B 1033 -7.12 -13.06 3.36
N GLU B 1034 -8.26 -13.03 2.67
CA GLU B 1034 -9.20 -14.13 2.51
C GLU B 1034 -8.52 -15.37 1.97
N PRO B 1035 -9.09 -16.55 2.22
CA PRO B 1035 -8.32 -17.70 1.78
C PRO B 1035 -8.66 -18.12 0.36
N ILE B 1036 -7.73 -18.80 -0.28
CA ILE B 1036 -8.00 -19.50 -1.53
C ILE B 1036 -8.21 -20.97 -1.17
N ALA B 1037 -8.31 -21.84 -2.16
CA ALA B 1037 -8.81 -23.19 -1.90
C ALA B 1037 -8.03 -23.96 -0.87
N ASP B 1038 -6.70 -23.99 -0.98
CA ASP B 1038 -5.87 -24.78 -0.02
C ASP B 1038 -5.74 -24.14 1.36
N GLY B 1039 -6.29 -22.92 1.49
CA GLY B 1039 -6.27 -22.19 2.73
C GLY B 1039 -5.26 -21.05 2.78
N THR B 1040 -4.38 -20.94 1.80
CA THR B 1040 -3.41 -19.86 1.80
C THR B 1040 -4.05 -18.50 1.84
N ARG B 1041 -3.65 -17.73 2.85
CA ARG B 1041 -3.94 -16.31 2.96
C ARG B 1041 -2.70 -15.45 2.72
N VAL B 1042 -2.90 -14.21 2.27
CA VAL B 1042 -1.79 -13.25 2.22
C VAL B 1042 -1.86 -12.40 3.46
N ILE B 1043 -0.75 -12.29 4.20
CA ILE B 1043 -0.73 -11.41 5.37
C ILE B 1043 -0.02 -10.12 4.98
N TYR B 1044 -0.68 -9.01 5.33
CA TYR B 1044 -0.28 -7.69 4.88
C TYR B 1044 0.40 -6.93 5.96
N PHE B 1045 1.72 -6.77 5.81
CA PHE B 1045 2.61 -6.12 6.81
C PHE B 1045 3.34 -4.92 6.28
N GLU B 1046 3.75 -4.05 7.20
CA GLU B 1046 4.75 -3.02 6.94
C GLU B 1046 5.93 -3.36 7.85
N LEU B 1047 7.13 -3.44 7.27
CA LEU B 1047 8.35 -3.68 8.03
C LEU B 1047 9.38 -2.57 7.81
N ASN B 1048 9.65 -1.78 8.83
CA ASN B 1048 10.50 -0.60 8.72
C ASN B 1048 10.13 0.27 7.53
N GLY B 1049 8.84 0.47 7.31
CA GLY B 1049 8.31 1.32 6.24
C GLY B 1049 7.93 0.59 4.96
N GLN B 1050 8.39 -0.65 4.82
CA GLN B 1050 8.30 -1.39 3.57
C GLN B 1050 7.13 -2.34 3.56
N PRO B 1051 6.13 -2.13 2.67
CA PRO B 1051 5.02 -3.06 2.68
C PRO B 1051 5.49 -4.43 2.20
N ARG B 1052 5.08 -5.47 2.94
CA ARG B 1052 5.53 -6.81 2.68
C ARG B 1052 4.32 -7.69 2.71
N GLU B 1053 4.31 -8.70 1.88
CA GLU B 1053 3.16 -9.57 1.77
C GLU B 1053 3.64 -11.00 1.96
N ILE B 1054 3.14 -11.72 2.96
CA ILE B 1054 3.63 -13.08 3.12
C ILE B 1054 2.47 -14.07 3.13
N ASN B 1055 2.73 -15.22 2.50
CA ASN B 1055 1.75 -16.28 2.31
C ASN B 1055 1.73 -17.26 3.43
N ILE B 1056 0.62 -17.34 4.17
CA ILE B 1056 0.46 -18.30 5.27
C ILE B 1056 -0.72 -19.18 4.97
N GLN B 1057 -0.50 -20.50 5.00
CA GLN B 1057 -1.59 -21.46 4.82
C GLN B 1057 -2.48 -21.55 6.05
N ASP B 1058 -3.77 -21.21 5.93
CA ASP B 1058 -4.67 -21.41 7.08
C ASP B 1058 -5.12 -22.87 7.20
N MET B 1059 -4.63 -23.57 8.23
CA MET B 1059 -4.99 -24.99 8.45
C MET B 1059 -6.42 -25.24 8.91
N ASN B 1060 -7.13 -24.20 9.34
CA ASN B 1060 -8.35 -24.40 10.11
C ASN B 1060 -9.48 -23.55 9.58
N VAL B 1061 -9.89 -23.75 8.35
CA VAL B 1061 -10.93 -22.89 7.74
C VAL B 1061 -12.41 -23.41 7.92
N GLN B 1062 -13.27 -22.58 8.52
CA GLN B 1062 -14.59 -23.02 9.10
C GLN B 1062 -15.81 -22.88 8.17
N ALA B 1067 -17.18 -15.56 0.26
CA ALA B 1067 -17.58 -14.78 -0.91
C ALA B 1067 -16.78 -15.18 -2.19
N ARG B 1068 -17.51 -15.43 -3.30
CA ARG B 1068 -16.96 -15.88 -4.61
C ARG B 1068 -16.28 -14.73 -5.34
N ARG B 1069 -15.00 -14.86 -5.69
CA ARG B 1069 -14.39 -13.85 -6.52
C ARG B 1069 -14.75 -14.02 -8.00
N LYS B 1070 -15.06 -12.91 -8.68
CA LYS B 1070 -15.26 -12.91 -10.14
C LYS B 1070 -13.97 -12.60 -10.85
N ILE B 1071 -13.92 -12.81 -12.16
CA ILE B 1071 -12.66 -12.59 -12.88
C ILE B 1071 -12.42 -11.12 -13.13
N ASP B 1072 -11.16 -10.78 -13.39
CA ASP B 1072 -10.79 -9.49 -13.97
C ASP B 1072 -10.79 -9.70 -15.47
N THR B 1073 -11.90 -9.32 -16.09
CA THR B 1073 -12.20 -9.55 -17.50
C THR B 1073 -11.04 -9.15 -18.42
N THR B 1074 -10.39 -8.03 -18.08
CA THR B 1074 -9.16 -7.52 -18.75
C THR B 1074 -8.03 -8.57 -18.85
N ASN B 1075 -7.72 -9.17 -17.71
CA ASN B 1075 -6.62 -10.12 -17.55
C ASN B 1075 -6.92 -11.57 -18.03
N PRO B 1076 -6.18 -12.07 -19.06
CA PRO B 1076 -6.37 -13.46 -19.56
C PRO B 1076 -5.62 -14.54 -18.76
N GLU B 1077 -4.88 -14.13 -17.74
CA GLU B 1077 -4.24 -15.03 -16.78
C GLU B 1077 -5.30 -15.60 -15.83
N HIS B 1078 -6.42 -14.89 -15.73
CA HIS B 1078 -7.63 -15.36 -15.03
C HIS B 1078 -8.43 -16.32 -15.91
N VAL B 1079 -8.70 -17.51 -15.37
CA VAL B 1079 -9.54 -18.51 -16.02
C VAL B 1079 -10.81 -18.63 -15.15
N GLY B 1080 -11.95 -18.33 -15.77
CA GLY B 1080 -13.20 -18.26 -15.06
C GLY B 1080 -14.26 -19.11 -15.70
N ALA B 1081 -15.26 -19.45 -14.90
CA ALA B 1081 -16.30 -20.36 -15.31
C ALA B 1081 -17.10 -19.70 -16.41
N THR B 1082 -17.60 -20.54 -17.32
CA THR B 1082 -18.35 -20.07 -18.49
C THR B 1082 -19.83 -20.13 -18.20
N MET B 1083 -20.26 -21.20 -17.53
CA MET B 1083 -21.64 -21.28 -17.13
C MET B 1083 -21.79 -21.79 -15.72
N THR B 1084 -23.01 -21.68 -15.24
CA THR B 1084 -23.43 -22.10 -13.95
C THR B 1084 -23.44 -23.61 -13.84
N GLY B 1085 -22.88 -24.17 -12.75
CA GLY B 1085 -22.66 -25.63 -12.62
C GLY B 1085 -21.80 -25.98 -11.39
N SER B 1086 -20.97 -27.03 -11.47
CA SER B 1086 -20.00 -27.27 -10.41
C SER B 1086 -18.65 -27.86 -10.88
N VAL B 1087 -17.73 -28.00 -9.93
CA VAL B 1087 -16.41 -28.51 -10.20
C VAL B 1087 -16.43 -30.00 -9.90
N ILE B 1088 -16.28 -30.80 -10.95
CA ILE B 1088 -16.04 -32.24 -10.81
C ILE B 1088 -14.60 -32.41 -10.32
N GLN B 1089 -13.65 -32.10 -11.21
CA GLN B 1089 -12.24 -32.36 -10.89
C GLN B 1089 -11.24 -31.25 -11.30
N VAL B 1090 -10.41 -30.88 -10.33
CA VAL B 1090 -9.23 -30.04 -10.55
C VAL B 1090 -8.03 -30.96 -10.88
N VAL B 1091 -7.47 -30.79 -12.08
CA VAL B 1091 -6.43 -31.69 -12.64
C VAL B 1091 -5.00 -31.16 -12.43
N VAL B 1092 -4.85 -29.99 -11.82
CA VAL B 1092 -3.52 -29.38 -11.67
C VAL B 1092 -3.22 -28.92 -10.24
N LYS B 1093 -1.95 -28.64 -9.97
CA LYS B 1093 -1.50 -28.16 -8.66
C LYS B 1093 -0.80 -26.81 -8.91
N LYS B 1094 -0.68 -25.98 -7.88
CA LYS B 1094 0.06 -24.71 -8.03
C LYS B 1094 1.53 -24.99 -8.45
N GLY B 1095 2.03 -24.24 -9.43
CA GLY B 1095 3.41 -24.42 -9.89
C GLY B 1095 3.56 -25.38 -11.05
N ASP B 1096 2.52 -26.15 -11.37
CA ASP B 1096 2.55 -26.99 -12.58
C ASP B 1096 2.80 -26.18 -13.85
N SER B 1097 3.62 -26.74 -14.73
CA SER B 1097 3.88 -26.18 -16.04
C SER B 1097 2.79 -26.71 -16.98
N VAL B 1098 2.27 -25.86 -17.86
CA VAL B 1098 1.24 -26.30 -18.80
C VAL B 1098 1.65 -25.90 -20.21
N LYS B 1099 1.13 -26.62 -21.20
CA LYS B 1099 1.23 -26.19 -22.62
C LYS B 1099 -0.18 -25.87 -23.09
N LYS B 1100 -0.32 -24.81 -23.90
CA LYS B 1100 -1.62 -24.41 -24.48
C LYS B 1100 -2.47 -25.63 -24.76
N GLY B 1101 -3.76 -25.54 -24.44
CA GLY B 1101 -4.70 -26.62 -24.72
C GLY B 1101 -4.84 -27.67 -23.65
N ASP B 1102 -3.87 -27.77 -22.73
CA ASP B 1102 -3.86 -28.80 -21.64
C ASP B 1102 -5.05 -28.71 -20.68
N PRO B 1103 -5.35 -29.82 -19.97
CA PRO B 1103 -6.52 -29.84 -19.11
C PRO B 1103 -6.24 -29.22 -17.72
N LEU B 1104 -6.94 -28.15 -17.36
CA LEU B 1104 -6.77 -27.49 -16.04
C LEU B 1104 -7.76 -28.05 -15.01
N LEU B 1105 -9.03 -28.11 -15.42
CA LEU B 1105 -10.08 -28.68 -14.57
C LEU B 1105 -11.31 -29.06 -15.40
N ILE B 1106 -12.25 -29.77 -14.75
CA ILE B 1106 -13.48 -30.25 -15.40
C ILE B 1106 -14.71 -29.75 -14.66
N THR B 1107 -15.61 -29.11 -15.40
CA THR B 1107 -16.81 -28.46 -14.83
C THR B 1107 -18.11 -29.09 -15.36
N GLU B 1108 -18.99 -29.47 -14.45
CA GLU B 1108 -20.31 -29.99 -14.80
C GLU B 1108 -21.28 -28.86 -15.19
N ALA B 1109 -22.13 -29.14 -16.16
CA ALA B 1109 -23.23 -28.24 -16.57
C ALA B 1109 -24.51 -29.08 -16.85
N MET B 1110 -25.28 -29.30 -15.77
CA MET B 1110 -26.47 -30.16 -15.75
C MET B 1110 -26.09 -31.66 -15.91
N LYS B 1111 -24.99 -32.05 -15.25
CA LYS B 1111 -24.44 -33.43 -15.28
C LYS B 1111 -23.49 -33.74 -16.47
N MET B 1112 -23.60 -32.99 -17.58
CA MET B 1112 -22.73 -33.22 -18.76
C MET B 1112 -21.36 -32.51 -18.66
N GLU B 1113 -20.37 -33.30 -18.21
CA GLU B 1113 -18.96 -32.87 -18.04
C GLU B 1113 -18.39 -32.11 -19.25
N THR B 1114 -17.61 -31.07 -18.97
CA THR B 1114 -16.90 -30.29 -19.98
C THR B 1114 -15.57 -29.82 -19.38
N THR B 1115 -14.55 -29.64 -20.21
CA THR B 1115 -13.17 -29.53 -19.73
C THR B 1115 -12.54 -28.17 -20.02
N ILE B 1116 -12.13 -27.49 -18.96
CA ILE B 1116 -11.56 -26.16 -19.05
C ILE B 1116 -10.07 -26.32 -19.31
N GLN B 1117 -9.59 -25.72 -20.40
CA GLN B 1117 -8.18 -25.88 -20.84
C GLN B 1117 -7.31 -24.63 -20.64
N ALA B 1118 -5.98 -24.82 -20.69
CA ALA B 1118 -5.04 -23.69 -20.63
C ALA B 1118 -5.14 -22.84 -21.91
N PRO B 1119 -5.32 -21.51 -21.78
CA PRO B 1119 -5.39 -20.69 -23.00
C PRO B 1119 -4.00 -20.39 -23.60
N PHE B 1120 -2.94 -20.77 -22.86
CA PHE B 1120 -1.57 -20.67 -23.36
C PHE B 1120 -0.59 -21.53 -22.58
N ASP B 1121 0.62 -21.65 -23.11
CA ASP B 1121 1.78 -22.13 -22.33
C ASP B 1121 1.94 -21.23 -21.11
N GLY B 1122 2.32 -21.81 -19.99
CA GLY B 1122 2.61 -21.00 -18.83
C GLY B 1122 2.77 -21.83 -17.59
N GLU B 1123 2.60 -21.17 -16.44
CA GLU B 1123 2.73 -21.82 -15.16
C GLU B 1123 1.45 -21.60 -14.36
N VAL B 1124 1.00 -22.65 -13.67
CA VAL B 1124 -0.20 -22.57 -12.83
C VAL B 1124 0.10 -21.79 -11.55
N SER B 1125 -0.82 -20.90 -11.22
CA SER B 1125 -0.73 -20.11 -10.02
C SER B 1125 -1.85 -20.56 -9.07
N SER B 1126 -2.46 -19.62 -8.35
CA SER B 1126 -3.53 -19.90 -7.39
C SER B 1126 -4.75 -20.56 -8.01
N ILE B 1127 -5.39 -21.37 -7.19
CA ILE B 1127 -6.55 -22.18 -7.52
C ILE B 1127 -7.59 -21.79 -6.46
N TYR B 1128 -8.75 -21.29 -6.90
CA TYR B 1128 -9.76 -20.72 -5.99
C TYR B 1128 -10.91 -21.68 -5.70
N VAL B 1129 -10.85 -22.88 -6.26
CA VAL B 1129 -11.96 -23.84 -6.15
C VAL B 1129 -11.44 -25.27 -5.85
N SER B 1130 -12.34 -26.15 -5.43
CA SER B 1130 -11.99 -27.54 -5.12
C SER B 1130 -13.05 -28.46 -5.69
N ASP B 1131 -12.67 -29.71 -5.92
CA ASP B 1131 -13.62 -30.74 -6.31
C ASP B 1131 -14.80 -30.62 -5.35
N GLY B 1132 -16.00 -30.39 -5.91
CA GLY B 1132 -17.21 -30.24 -5.10
C GLY B 1132 -17.85 -28.89 -5.34
N ASP B 1133 -17.09 -27.84 -5.06
CA ASP B 1133 -17.54 -26.45 -5.20
C ASP B 1133 -18.55 -26.19 -6.35
N THR B 1134 -19.58 -25.42 -6.01
CA THR B 1134 -20.57 -24.97 -6.96
C THR B 1134 -20.14 -23.62 -7.65
N ILE B 1135 -20.40 -23.42 -8.94
CA ILE B 1135 -19.84 -22.24 -9.64
C ILE B 1135 -20.82 -21.56 -10.56
N GLU B 1136 -20.58 -20.26 -10.82
CA GLU B 1136 -21.46 -19.43 -11.68
C GLU B 1136 -20.60 -18.77 -12.74
N SER B 1137 -21.21 -18.24 -13.80
CA SER B 1137 -20.42 -17.68 -14.88
C SER B 1137 -19.76 -16.35 -14.45
N GLY B 1138 -18.48 -16.22 -14.72
CA GLY B 1138 -17.73 -15.08 -14.24
C GLY B 1138 -16.85 -15.45 -13.06
N ASP B 1139 -17.21 -16.54 -12.37
CA ASP B 1139 -16.46 -16.98 -11.18
C ASP B 1139 -14.98 -17.33 -11.55
N LEU B 1140 -14.04 -16.68 -10.89
CA LEU B 1140 -12.62 -16.94 -11.12
C LEU B 1140 -12.22 -18.30 -10.55
N LEU B 1141 -11.67 -19.16 -11.40
CA LEU B 1141 -11.37 -20.54 -11.01
C LEU B 1141 -9.89 -20.80 -10.75
N ILE B 1142 -9.06 -20.51 -11.75
CA ILE B 1142 -7.63 -20.80 -11.71
C ILE B 1142 -6.93 -19.62 -12.32
N GLU B 1143 -5.67 -19.43 -11.93
CA GLU B 1143 -4.80 -18.40 -12.50
C GLU B 1143 -3.60 -19.06 -13.21
N VAL B 1144 -3.38 -18.71 -14.48
CA VAL B 1144 -2.24 -19.24 -15.26
C VAL B 1144 -1.24 -18.16 -15.72
N ASN B 1145 -0.21 -17.92 -14.90
CA ASN B 1145 0.93 -17.04 -15.22
C ASN B 1145 1.75 -17.37 -16.47
N ARG B 1146 2.09 -16.35 -17.26
CA ARG B 1146 3.02 -16.52 -18.38
C ARG B 1146 4.49 -16.25 -17.97
#